data_3C1N
#
_entry.id   3C1N
#
_cell.length_a   110.039
_cell.length_b   144.317
_cell.length_c   155.358
_cell.angle_alpha   90.00
_cell.angle_beta   90.00
_cell.angle_gamma   90.00
#
_symmetry.space_group_name_H-M   'P 21 21 21'
#
loop_
_entity.id
_entity.type
_entity.pdbx_description
1 polymer 'Probable aspartokinase'
2 non-polymer THREONINE
3 water water
#
_entity_poly.entity_id   1
_entity_poly.type   'polypeptide(L)'
_entity_poly.pdbx_seq_one_letter_code
;MTTVMKFGGTSVGSGERIRHVAKIVTKRKKEDDDVVVVVSAMSEVTNALVEISQQALDVRDIAKVGDFIKFIREKHYKAI
EEAIKSEEIKEEVKKIIDSRIEELEKVLIGVAYLGELTPKSRDYILSFGERLSSPILSGAIRDLGEKSIALEGGEAGIIT
DNNFGSARVKRLEVKERLLPLLKEGIIPVVTGFIGTTEEGYITTLGRGGSDYSAALIGYGLDADIIEIWTDVSGVYTTDP
RLVPTARRIPKLSYIEAMELAYFGAKVLHPRTIEPAMEKGIPILVKNTFEPESEGTLITNDMEMSDSIVKAISTIKNVAL
INIFGAGMVGVSGTAARIFKALGEEEVNVILISQGSSETNISLVVSEEDVDKALKALKREFGDFGKKSFLNNNLIRDVSV
DKDVCVISVVGAGMRGAKGIAGKIFTAVSESGANIKMIAQGSSEVNISFVIDEKDLLNCVRKLHEKFIEKTNS
;
_entity_poly.pdbx_strand_id   A,B,C,D
#
# COMPACT_ATOMS: atom_id res chain seq x y z
N THR A 2 -45.40 22.97 -12.75
CA THR A 2 -45.36 21.80 -13.67
C THR A 2 -45.51 20.47 -12.91
N THR A 3 -45.98 19.44 -13.60
CA THR A 3 -46.25 18.16 -13.00
C THR A 3 -45.43 17.07 -13.67
N VAL A 4 -44.66 16.35 -12.86
CA VAL A 4 -44.01 15.13 -13.34
C VAL A 4 -44.75 13.89 -12.82
N MET A 5 -45.01 12.96 -13.74
CA MET A 5 -45.89 11.83 -13.50
C MET A 5 -45.15 10.55 -13.82
N LYS A 6 -44.90 9.75 -12.80
CA LYS A 6 -44.23 8.47 -13.00
C LYS A 6 -45.23 7.32 -13.02
N PHE A 7 -44.97 6.35 -13.90
CA PHE A 7 -45.73 5.12 -13.98
C PHE A 7 -44.75 3.95 -14.07
N GLY A 8 -45.06 2.87 -13.39
CA GLY A 8 -44.18 1.71 -13.38
C GLY A 8 -44.68 0.58 -14.26
N GLY A 9 -43.98 -0.54 -14.17
CA GLY A 9 -44.20 -1.70 -15.03
C GLY A 9 -45.60 -2.31 -15.06
N THR A 10 -46.27 -2.38 -13.91
CA THR A 10 -47.64 -2.89 -13.86
C THR A 10 -48.60 -1.94 -14.59
N SER A 11 -48.49 -0.64 -14.29
CA SER A 11 -49.33 0.39 -14.91
C SER A 11 -49.23 0.41 -16.43
N VAL A 12 -48.08 0.01 -16.97
CA VAL A 12 -47.92 -0.10 -18.43
C VAL A 12 -47.74 -1.57 -18.83
N GLY A 13 -48.48 -2.44 -18.13
CA GLY A 13 -48.34 -3.89 -18.29
C GLY A 13 -48.78 -4.43 -19.63
N SER A 14 -49.74 -3.76 -20.26
CA SER A 14 -50.25 -4.15 -21.58
C SER A 14 -50.73 -2.93 -22.35
N GLY A 15 -50.98 -3.10 -23.65
CA GLY A 15 -51.46 -2.01 -24.50
C GLY A 15 -52.64 -1.27 -23.91
N GLU A 16 -53.61 -2.05 -23.44
CA GLU A 16 -54.79 -1.53 -22.75
C GLU A 16 -54.36 -0.58 -21.64
N ARG A 17 -53.51 -1.05 -20.75
CA ARG A 17 -53.08 -0.25 -19.61
C ARG A 17 -52.29 1.00 -20.03
N ILE A 18 -51.56 0.90 -21.14
CA ILE A 18 -50.82 2.03 -21.68
C ILE A 18 -51.79 3.11 -22.13
N ARG A 19 -52.79 2.70 -22.91
CA ARG A 19 -53.87 3.59 -23.32
C ARG A 19 -54.52 4.25 -22.12
N HIS A 20 -54.70 3.49 -21.05
CA HIS A 20 -55.31 4.02 -19.83
C HIS A 20 -54.38 5.03 -19.15
N VAL A 21 -53.09 4.72 -19.12
CA VAL A 21 -52.11 5.67 -18.61
C VAL A 21 -52.17 7.00 -19.38
N ALA A 22 -52.21 6.91 -20.71
CA ALA A 22 -52.30 8.10 -21.57
C ALA A 22 -53.53 8.95 -21.25
N LYS A 23 -54.65 8.28 -20.98
CA LYS A 23 -55.91 8.96 -20.61
C LYS A 23 -55.71 9.77 -19.35
N ILE A 24 -55.13 9.13 -18.33
CA ILE A 24 -54.76 9.78 -17.07
C ILE A 24 -53.87 10.99 -17.33
N VAL A 25 -52.84 10.81 -18.16
CA VAL A 25 -51.89 11.89 -18.49
C VAL A 25 -52.61 13.07 -19.13
N THR A 26 -53.36 12.79 -20.19
CA THR A 26 -54.14 13.79 -20.94
C THR A 26 -55.09 14.58 -20.05
N LYS A 27 -55.73 13.89 -19.12
CA LYS A 27 -56.67 14.50 -18.17
C LYS A 27 -55.97 15.55 -17.29
N ARG A 28 -54.79 15.21 -16.77
CA ARG A 28 -54.00 16.11 -15.92
C ARG A 28 -53.48 17.31 -16.71
N LYS A 29 -53.16 17.08 -18.00
CA LYS A 29 -52.64 18.11 -18.88
C LYS A 29 -53.63 19.26 -19.06
N LYS A 30 -54.92 18.96 -18.98
CA LYS A 30 -55.95 19.99 -19.10
C LYS A 30 -56.12 20.79 -17.79
N GLU A 31 -55.54 20.28 -16.71
CA GLU A 31 -55.49 21.01 -15.44
C GLU A 31 -54.14 21.71 -15.28
N ASP A 32 -53.07 21.06 -15.75
CA ASP A 32 -51.72 21.64 -15.73
C ASP A 32 -51.10 21.74 -17.14
N ASP A 33 -50.67 22.96 -17.49
CA ASP A 33 -50.06 23.22 -18.80
C ASP A 33 -48.86 22.31 -19.11
N ASP A 34 -47.93 22.18 -18.17
CA ASP A 34 -46.66 21.49 -18.42
C ASP A 34 -46.58 20.13 -17.72
N VAL A 35 -46.43 19.08 -18.50
CA VAL A 35 -46.46 17.71 -17.97
C VAL A 35 -45.30 16.84 -18.51
N VAL A 36 -44.48 16.35 -17.60
CA VAL A 36 -43.42 15.40 -17.95
C VAL A 36 -43.78 14.04 -17.36
N VAL A 37 -43.77 13.02 -18.22
CA VAL A 37 -44.07 11.67 -17.77
C VAL A 37 -42.82 10.82 -17.80
N VAL A 38 -42.59 10.08 -16.72
CA VAL A 38 -41.47 9.17 -16.62
C VAL A 38 -42.01 7.74 -16.69
N VAL A 39 -41.40 6.91 -17.53
CA VAL A 39 -41.97 5.57 -17.71
C VAL A 39 -40.98 4.42 -17.56
N SER A 40 -41.40 3.42 -16.78
CA SER A 40 -40.69 2.16 -16.61
C SER A 40 -40.87 1.22 -17.79
N ALA A 41 -40.07 0.15 -17.78
CA ALA A 41 -40.23 -0.95 -18.73
C ALA A 41 -41.52 -1.71 -18.44
N MET A 42 -42.12 -2.28 -19.48
CA MET A 42 -43.31 -3.11 -19.31
C MET A 42 -42.99 -4.24 -18.34
N SER A 43 -43.93 -4.57 -17.46
CA SER A 43 -43.70 -5.57 -16.42
C SER A 43 -43.12 -6.88 -16.97
N GLU A 44 -42.18 -7.45 -16.22
CA GLU A 44 -41.47 -8.69 -16.58
C GLU A 44 -40.66 -8.63 -17.89
N VAL A 45 -40.15 -7.45 -18.23
CA VAL A 45 -39.29 -7.29 -19.40
C VAL A 45 -37.83 -7.14 -18.94
N THR A 46 -37.62 -6.27 -17.96
CA THR A 46 -36.33 -6.15 -17.31
C THR A 46 -35.80 -7.56 -16.92
N ASN A 47 -36.62 -8.33 -16.22
CA ASN A 47 -36.24 -9.69 -15.80
C ASN A 47 -35.93 -10.62 -16.98
N ALA A 48 -36.74 -10.55 -18.03
CA ALA A 48 -36.47 -11.31 -19.25
C ALA A 48 -35.10 -10.90 -19.80
N LEU A 49 -34.81 -9.60 -19.78
CA LEU A 49 -33.53 -9.05 -20.20
C LEU A 49 -32.37 -9.46 -19.29
N VAL A 50 -32.63 -9.54 -17.98
CA VAL A 50 -31.57 -9.85 -17.03
C VAL A 50 -31.02 -11.26 -17.27
N GLU A 51 -31.91 -12.19 -17.61
CA GLU A 51 -31.53 -13.60 -17.71
C GLU A 51 -30.92 -13.99 -19.05
N ILE A 52 -31.39 -13.42 -20.16
CA ILE A 52 -30.78 -13.70 -21.46
C ILE A 52 -29.35 -13.19 -21.52
N SER A 53 -29.09 -12.13 -20.77
CA SER A 53 -27.77 -11.60 -20.58
C SER A 53 -26.84 -12.65 -19.98
N GLN A 54 -27.34 -13.41 -19.00
CA GLN A 54 -26.59 -14.54 -18.43
C GLN A 54 -26.68 -15.77 -19.32
N GLN A 55 -27.76 -15.85 -20.11
CA GLN A 55 -27.99 -16.97 -21.03
C GLN A 55 -26.96 -16.89 -22.17
N ALA A 56 -26.78 -15.67 -22.68
CA ALA A 56 -25.82 -15.41 -23.74
C ALA A 56 -24.38 -15.65 -23.29
N LEU A 57 -24.11 -15.36 -22.01
CA LEU A 57 -22.75 -15.49 -21.46
C LEU A 57 -22.37 -16.95 -21.21
N ASP A 58 -23.33 -17.75 -20.74
CA ASP A 58 -23.06 -19.12 -20.30
C ASP A 58 -23.36 -20.15 -21.38
N VAL A 59 -24.63 -20.52 -21.52
CA VAL A 59 -25.04 -21.53 -22.51
C VAL A 59 -24.72 -21.12 -23.95
N ARG A 60 -24.70 -19.81 -24.21
CA ARG A 60 -24.14 -19.24 -25.44
C ARG A 60 -24.82 -19.64 -26.76
N ASP A 61 -26.07 -20.09 -26.69
CA ASP A 61 -26.79 -20.50 -27.90
C ASP A 61 -27.27 -19.30 -28.71
N ILE A 62 -26.97 -19.32 -30.02
CA ILE A 62 -27.31 -18.25 -30.94
C ILE A 62 -28.82 -18.19 -31.19
N ALA A 63 -29.46 -19.36 -31.24
CA ALA A 63 -30.90 -19.46 -31.48
C ALA A 63 -31.71 -19.02 -30.27
N LYS A 64 -31.22 -19.35 -29.07
CA LYS A 64 -31.84 -18.97 -27.81
C LYS A 64 -31.98 -17.45 -27.68
N VAL A 65 -31.18 -16.73 -28.46
CA VAL A 65 -31.23 -15.27 -28.53
C VAL A 65 -32.35 -14.80 -29.47
N GLY A 66 -32.41 -15.40 -30.66
CA GLY A 66 -33.47 -15.12 -31.63
C GLY A 66 -34.82 -15.51 -31.07
N ASP A 67 -34.80 -16.50 -30.18
CA ASP A 67 -35.98 -16.99 -29.46
C ASP A 67 -36.48 -15.91 -28.50
N PHE A 68 -35.53 -15.22 -27.87
CA PHE A 68 -35.84 -14.12 -26.96
C PHE A 68 -36.28 -12.88 -27.73
N ILE A 69 -35.67 -12.67 -28.90
CA ILE A 69 -35.99 -11.53 -29.75
C ILE A 69 -37.45 -11.57 -30.23
N LYS A 70 -37.87 -12.72 -30.75
CA LYS A 70 -39.25 -12.92 -31.21
C LYS A 70 -40.25 -12.66 -30.07
N PHE A 71 -39.87 -13.03 -28.86
CA PHE A 71 -40.70 -12.82 -27.66
C PHE A 71 -40.96 -11.33 -27.40
N ILE A 72 -39.91 -10.52 -27.29
CA ILE A 72 -40.05 -9.08 -27.09
C ILE A 72 -40.78 -8.44 -28.26
N ARG A 73 -40.44 -8.88 -29.47
CA ARG A 73 -41.10 -8.40 -30.67
C ARG A 73 -42.61 -8.50 -30.49
N GLU A 74 -43.09 -9.71 -30.21
CA GLU A 74 -44.52 -9.99 -30.06
C GLU A 74 -45.15 -9.25 -28.88
N LYS A 75 -44.47 -9.26 -27.74
CA LYS A 75 -44.94 -8.58 -26.54
C LYS A 75 -45.29 -7.12 -26.82
N HIS A 76 -44.40 -6.41 -27.50
CA HIS A 76 -44.57 -4.99 -27.76
C HIS A 76 -45.39 -4.69 -29.02
N TYR A 77 -45.34 -5.59 -30.01
CA TYR A 77 -46.19 -5.51 -31.19
C TYR A 77 -47.65 -5.45 -30.76
N LYS A 78 -48.01 -6.32 -29.82
CA LYS A 78 -49.38 -6.41 -29.27
C LYS A 78 -49.79 -5.14 -28.53
N ALA A 79 -48.88 -4.61 -27.72
CA ALA A 79 -49.11 -3.37 -26.99
C ALA A 79 -49.43 -2.22 -27.93
N ILE A 80 -48.68 -2.12 -29.03
CA ILE A 80 -48.93 -1.11 -30.06
C ILE A 80 -50.34 -1.25 -30.63
N GLU A 81 -50.73 -2.48 -30.94
CA GLU A 81 -52.05 -2.79 -31.47
C GLU A 81 -53.19 -2.39 -30.51
N GLU A 82 -52.97 -2.58 -29.21
CA GLU A 82 -54.03 -2.33 -28.22
C GLU A 82 -53.99 -0.95 -27.54
N ALA A 83 -52.86 -0.26 -27.64
CA ALA A 83 -52.73 1.08 -27.07
C ALA A 83 -53.19 2.14 -28.05
N ILE A 84 -52.74 2.00 -29.29
CA ILE A 84 -52.95 2.99 -30.33
C ILE A 84 -53.95 2.47 -31.37
N SER A 86 -55.45 3.77 -34.49
CA SER A 86 -54.70 4.72 -35.41
C SER A 86 -53.51 4.02 -36.07
N GLU A 87 -53.68 3.68 -37.35
CA GLU A 87 -52.65 3.01 -38.15
C GLU A 87 -51.49 3.95 -38.48
N GLU A 88 -51.77 5.24 -38.49
CA GLU A 88 -50.77 6.28 -38.70
C GLU A 88 -49.67 6.22 -37.63
N ILE A 89 -50.07 6.35 -36.37
CA ILE A 89 -49.14 6.33 -35.24
C ILE A 89 -48.55 4.92 -35.06
N LYS A 90 -49.34 3.90 -35.35
CA LYS A 90 -48.91 2.50 -35.25
C LYS A 90 -47.67 2.25 -36.11
N GLU A 91 -47.58 2.94 -37.24
CA GLU A 91 -46.46 2.73 -38.16
C GLU A 91 -45.14 3.36 -37.68
N GLU A 92 -45.18 4.65 -37.33
CA GLU A 92 -43.98 5.34 -36.88
C GLU A 92 -43.36 4.68 -35.62
N VAL A 93 -44.21 4.35 -34.65
CA VAL A 93 -43.81 3.65 -33.42
C VAL A 93 -43.20 2.28 -33.70
N LYS A 94 -43.78 1.55 -34.66
CA LYS A 94 -43.30 0.23 -35.07
C LYS A 94 -41.85 0.26 -35.60
N LYS A 95 -41.46 1.35 -36.26
CA LYS A 95 -40.10 1.50 -36.76
C LYS A 95 -39.11 1.74 -35.61
N ILE A 96 -39.47 2.65 -34.70
CA ILE A 96 -38.68 2.90 -33.50
C ILE A 96 -38.41 1.59 -32.76
N ILE A 97 -39.46 0.79 -32.62
CA ILE A 97 -39.40 -0.50 -31.93
C ILE A 97 -38.48 -1.49 -32.66
N ASP A 98 -38.65 -1.60 -33.98
CA ASP A 98 -37.82 -2.48 -34.79
C ASP A 98 -36.34 -2.13 -34.67
N SER A 99 -36.05 -0.84 -34.68
CA SER A 99 -34.69 -0.32 -34.64
C SER A 99 -34.01 -0.66 -33.31
N ARG A 100 -34.74 -0.48 -32.21
CA ARG A 100 -34.20 -0.82 -30.89
C ARG A 100 -34.01 -2.31 -30.76
N ILE A 101 -34.91 -3.10 -31.37
CA ILE A 101 -34.82 -4.56 -31.29
C ILE A 101 -33.63 -5.09 -32.10
N GLU A 102 -33.44 -4.55 -33.30
CA GLU A 102 -32.23 -4.86 -34.09
C GLU A 102 -31.00 -4.59 -33.25
N GLU A 103 -30.92 -3.38 -32.67
CA GLU A 103 -29.84 -2.97 -31.78
C GLU A 103 -29.61 -3.98 -30.66
N LEU A 104 -30.70 -4.39 -30.01
CA LEU A 104 -30.66 -5.30 -28.87
C LEU A 104 -30.09 -6.65 -29.28
N GLU A 105 -30.57 -7.15 -30.41
CA GLU A 105 -30.15 -8.45 -30.93
C GLU A 105 -28.63 -8.49 -31.08
N LYS A 106 -28.11 -7.50 -31.82
CA LYS A 106 -26.68 -7.37 -32.08
C LYS A 106 -25.84 -7.59 -30.82
N VAL A 107 -26.10 -6.79 -29.78
CA VAL A 107 -25.33 -6.84 -28.53
C VAL A 107 -25.33 -8.24 -27.92
N LEU A 108 -26.52 -8.81 -27.78
CA LEU A 108 -26.68 -10.18 -27.31
C LEU A 108 -25.91 -11.18 -28.15
N ILE A 109 -26.02 -11.08 -29.47
CA ILE A 109 -25.23 -11.89 -30.39
C ILE A 109 -23.74 -11.70 -30.09
N GLY A 110 -23.35 -10.46 -29.81
CA GLY A 110 -21.99 -10.11 -29.48
C GLY A 110 -21.47 -10.73 -28.19
N VAL A 111 -22.26 -10.63 -27.12
CA VAL A 111 -21.86 -11.21 -25.84
C VAL A 111 -21.80 -12.74 -25.95
N ALA A 112 -22.65 -13.31 -26.80
CA ALA A 112 -22.60 -14.73 -27.09
C ALA A 112 -21.31 -15.10 -27.85
N TYR A 113 -21.05 -14.38 -28.94
CA TYR A 113 -19.87 -14.61 -29.77
C TYR A 113 -18.57 -14.54 -28.98
N LEU A 114 -18.42 -13.48 -28.18
CA LEU A 114 -17.18 -13.25 -27.43
C LEU A 114 -17.12 -14.01 -26.11
N GLY A 115 -18.28 -14.29 -25.53
CA GLY A 115 -18.36 -14.88 -24.20
C GLY A 115 -18.02 -13.84 -23.15
N GLU A 116 -18.42 -12.60 -23.38
CA GLU A 116 -18.03 -11.48 -22.51
C GLU A 116 -19.17 -10.50 -22.25
N LEU A 117 -19.50 -10.34 -20.98
CA LEU A 117 -20.52 -9.39 -20.55
C LEU A 117 -19.97 -8.49 -19.46
N THR A 118 -19.36 -7.39 -19.89
CA THR A 118 -18.89 -6.34 -18.98
C THR A 118 -20.09 -5.59 -18.41
N PRO A 119 -19.94 -4.97 -17.22
CA PRO A 119 -21.01 -4.14 -16.64
C PRO A 119 -21.57 -3.07 -17.59
N LYS A 120 -20.70 -2.51 -18.45
CA LYS A 120 -21.12 -1.57 -19.51
C LYS A 120 -22.11 -2.22 -20.49
N SER A 121 -21.81 -3.44 -20.94
CA SER A 121 -22.70 -4.20 -21.83
C SER A 121 -24.00 -4.52 -21.11
N ARG A 122 -23.89 -4.92 -19.85
CA ARG A 122 -25.02 -5.31 -19.00
C ARG A 122 -26.05 -4.18 -18.89
N ASP A 123 -25.54 -2.95 -18.71
CA ASP A 123 -26.39 -1.76 -18.61
C ASP A 123 -27.01 -1.37 -19.92
N TYR A 124 -26.32 -1.66 -21.03
CA TYR A 124 -26.89 -1.43 -22.34
C TYR A 124 -28.10 -2.32 -22.61
N ILE A 125 -28.01 -3.60 -22.26
CA ILE A 125 -29.12 -4.53 -22.43
C ILE A 125 -30.36 -4.02 -21.67
N LEU A 126 -30.25 -3.92 -20.34
CA LEU A 126 -31.39 -3.53 -19.49
C LEU A 126 -32.09 -2.27 -19.96
N SER A 127 -31.33 -1.36 -20.54
CA SER A 127 -31.85 -0.07 -20.98
C SER A 127 -32.91 -0.21 -22.06
N PHE A 128 -32.91 -1.32 -22.78
CA PHE A 128 -33.86 -1.52 -23.85
C PHE A 128 -35.31 -1.66 -23.37
N GLY A 129 -35.49 -2.22 -22.18
CA GLY A 129 -36.82 -2.29 -21.57
C GLY A 129 -37.60 -0.98 -21.64
N GLU A 130 -37.04 0.07 -21.03
CA GLU A 130 -37.68 1.39 -21.01
C GLU A 130 -37.64 2.08 -22.36
N ARG A 131 -36.64 1.74 -23.17
CA ARG A 131 -36.50 2.31 -24.50
C ARG A 131 -37.56 1.79 -25.46
N LEU A 132 -38.13 0.64 -25.14
CA LEU A 132 -39.22 0.06 -25.93
C LEU A 132 -40.60 0.38 -25.34
N SER A 133 -40.63 0.83 -24.09
CA SER A 133 -41.88 1.22 -23.44
C SER A 133 -42.32 2.63 -23.84
N SER A 134 -41.40 3.56 -23.72
CA SER A 134 -41.67 4.99 -23.88
C SER A 134 -42.27 5.42 -25.23
N PRO A 135 -41.78 4.84 -26.34
CA PRO A 135 -42.41 5.23 -27.62
C PRO A 135 -43.87 4.82 -27.71
N ILE A 136 -44.21 3.66 -27.14
CA ILE A 136 -45.58 3.17 -27.16
C ILE A 136 -46.52 4.08 -26.39
N LEU A 137 -46.06 4.56 -25.23
CA LEU A 137 -46.83 5.50 -24.41
C LEU A 137 -46.94 6.84 -25.12
N SER A 138 -45.80 7.35 -25.59
CA SER A 138 -45.79 8.61 -26.33
C SER A 138 -46.80 8.61 -27.48
N GLY A 139 -46.79 7.53 -28.27
CA GLY A 139 -47.78 7.30 -29.32
C GLY A 139 -49.21 7.39 -28.82
N ALA A 140 -49.50 6.74 -27.70
CA ALA A 140 -50.83 6.77 -27.09
C ALA A 140 -51.28 8.19 -26.67
N ILE A 141 -50.36 8.95 -26.06
CA ILE A 141 -50.62 10.35 -25.74
C ILE A 141 -51.02 11.08 -27.02
N ARG A 142 -50.25 10.85 -28.08
CA ARG A 142 -50.46 11.46 -29.38
C ARG A 142 -51.78 11.01 -30.01
N ASP A 143 -52.18 9.78 -29.70
CA ASP A 143 -53.42 9.18 -30.21
C ASP A 143 -54.66 9.87 -29.63
N LEU A 144 -54.48 10.56 -28.51
CA LEU A 144 -55.49 11.47 -27.99
C LEU A 144 -55.11 12.90 -28.39
N GLY A 145 -55.48 13.87 -27.56
CA GLY A 145 -55.32 15.29 -27.92
C GLY A 145 -53.92 15.89 -28.05
N GLU A 146 -52.97 15.39 -27.26
CA GLU A 146 -51.69 16.11 -27.06
C GLU A 146 -50.50 15.59 -27.86
N LYS A 147 -49.60 16.49 -28.23
CA LYS A 147 -48.36 16.12 -28.91
C LYS A 147 -47.33 15.66 -27.88
N SER A 148 -46.53 14.66 -28.24
CA SER A 148 -45.61 14.02 -27.31
C SER A 148 -44.47 13.26 -27.98
N ILE A 149 -43.26 13.40 -27.42
CA ILE A 149 -42.09 12.66 -27.88
C ILE A 149 -41.50 11.86 -26.71
N ALA A 150 -40.85 10.74 -27.03
CA ALA A 150 -40.16 9.94 -26.04
C ALA A 150 -38.64 10.19 -26.09
N LEU A 151 -38.00 10.20 -24.93
CA LEU A 151 -36.58 10.50 -24.78
C LEU A 151 -35.89 9.52 -23.82
N GLU A 152 -34.60 9.30 -24.03
CA GLU A 152 -33.77 8.57 -23.08
C GLU A 152 -33.33 9.48 -21.94
N GLY A 153 -32.98 8.88 -20.80
CA GLY A 153 -32.50 9.61 -19.63
C GLY A 153 -31.31 10.52 -19.92
N GLY A 154 -30.41 10.07 -20.79
CA GLY A 154 -29.32 10.91 -21.28
C GLY A 154 -29.82 12.16 -21.99
N GLU A 155 -30.52 11.98 -23.10
CA GLU A 155 -31.24 13.06 -23.79
C GLU A 155 -32.01 13.98 -22.83
N ALA A 156 -32.62 13.41 -21.80
CA ALA A 156 -33.43 14.17 -20.85
C ALA A 156 -32.61 15.04 -19.90
N GLY A 157 -31.32 14.76 -19.80
CA GLY A 157 -30.40 15.58 -19.02
C GLY A 157 -29.95 14.98 -17.71
N ILE A 158 -29.96 13.65 -17.63
CA ILE A 158 -29.50 12.94 -16.43
C ILE A 158 -28.12 12.34 -16.71
N ILE A 159 -27.09 13.10 -16.32
CA ILE A 159 -25.70 12.75 -16.60
C ILE A 159 -25.10 12.12 -15.35
N THR A 160 -24.47 10.96 -15.52
CA THR A 160 -24.00 10.16 -14.38
C THR A 160 -22.51 9.82 -14.37
N ASP A 161 -22.11 9.13 -13.28
CA ASP A 161 -20.85 8.39 -13.12
C ASP A 161 -20.50 7.49 -14.29
N ASN A 162 -19.33 6.87 -14.18
CA ASN A 162 -18.90 5.79 -15.05
C ASN A 162 -19.18 4.42 -14.37
N ASN A 163 -19.99 4.46 -13.32
CA ASN A 163 -20.21 3.32 -12.42
C ASN A 163 -21.48 2.50 -12.81
N PHE A 164 -21.31 1.64 -13.81
CA PHE A 164 -22.38 0.89 -14.41
C PHE A 164 -23.12 -0.02 -13.44
N GLY A 165 -24.44 -0.08 -13.59
CA GLY A 165 -25.28 -0.91 -12.74
C GLY A 165 -25.86 -0.13 -11.57
N SER A 166 -25.11 0.85 -11.10
CA SER A 166 -25.47 1.63 -9.91
C SER A 166 -24.84 3.01 -9.96
N ALA A 167 -25.12 3.72 -11.06
CA ALA A 167 -24.49 5.02 -11.35
C ALA A 167 -24.92 6.14 -10.41
N ARG A 168 -23.97 7.02 -10.08
CA ARG A 168 -24.26 8.22 -9.31
C ARG A 168 -24.41 9.39 -10.26
N VAL A 169 -25.40 10.25 -10.00
CA VAL A 169 -25.65 11.43 -10.83
C VAL A 169 -24.67 12.55 -10.52
N LYS A 170 -23.94 13.02 -11.54
CA LYS A 170 -22.97 14.11 -11.38
C LYS A 170 -23.66 15.48 -11.46
N ARG A 171 -24.40 15.68 -12.55
CA ARG A 171 -24.96 16.97 -12.93
C ARG A 171 -26.31 16.79 -13.64
N LEU A 172 -27.26 17.67 -13.33
CA LEU A 172 -28.56 17.63 -13.97
C LEU A 172 -28.66 18.71 -15.03
N GLU A 173 -28.97 18.29 -16.25
CA GLU A 173 -29.17 19.22 -17.35
C GLU A 173 -30.61 19.13 -17.82
N VAL A 174 -31.48 18.90 -16.84
CA VAL A 174 -32.91 18.69 -17.01
C VAL A 174 -33.60 19.92 -17.60
N LYS A 175 -33.28 21.10 -17.06
CA LYS A 175 -33.85 22.36 -17.56
C LYS A 175 -33.57 22.61 -19.04
N GLU A 176 -32.32 22.44 -19.46
CA GLU A 176 -31.91 22.74 -20.84
C GLU A 176 -32.64 21.91 -21.89
N ARG A 177 -32.95 20.66 -21.56
CA ARG A 177 -33.50 19.74 -22.57
C ARG A 177 -35.02 19.74 -22.60
N LEU A 178 -35.62 19.73 -21.41
CA LEU A 178 -37.08 19.57 -21.29
C LEU A 178 -37.86 20.88 -21.38
N LEU A 179 -37.34 21.92 -20.72
CA LEU A 179 -38.02 23.21 -20.68
C LEU A 179 -38.35 23.80 -22.07
N PRO A 180 -37.44 23.67 -23.07
CA PRO A 180 -37.82 24.09 -24.43
C PRO A 180 -38.96 23.27 -25.04
N LEU A 181 -38.95 21.97 -24.77
CA LEU A 181 -39.98 21.06 -25.26
C LEU A 181 -41.32 21.31 -24.57
N LEU A 182 -41.26 21.73 -23.30
CA LEU A 182 -42.48 22.07 -22.56
C LEU A 182 -43.04 23.42 -22.99
N LYS A 183 -42.16 24.40 -23.21
CA LYS A 183 -42.54 25.72 -23.70
C LYS A 183 -43.24 25.68 -25.07
N GLU A 184 -43.26 24.50 -25.67
CA GLU A 184 -43.85 24.32 -27.00
C GLU A 184 -45.12 23.46 -26.98
N GLY A 185 -45.53 23.02 -25.79
CA GLY A 185 -46.73 22.19 -25.63
C GLY A 185 -46.47 20.70 -25.43
N ILE A 186 -45.28 20.23 -25.83
CA ILE A 186 -44.96 18.81 -25.85
C ILE A 186 -44.91 18.19 -24.45
N ILE A 187 -45.54 17.02 -24.32
CA ILE A 187 -45.39 16.19 -23.14
C ILE A 187 -44.23 15.25 -23.41
N PRO A 188 -43.07 15.51 -22.77
CA PRO A 188 -41.96 14.58 -22.93
C PRO A 188 -42.19 13.35 -22.07
N VAL A 189 -42.09 12.17 -22.67
CA VAL A 189 -42.12 10.93 -21.91
C VAL A 189 -40.71 10.36 -21.82
N VAL A 190 -40.15 10.43 -20.61
CA VAL A 190 -38.77 10.10 -20.36
C VAL A 190 -38.67 8.66 -19.86
N THR A 191 -37.69 7.92 -20.39
CA THR A 191 -37.42 6.58 -19.89
C THR A 191 -36.85 6.74 -18.49
N GLY A 192 -37.44 6.04 -17.53
CA GLY A 192 -36.94 6.06 -16.17
C GLY A 192 -35.79 5.08 -16.05
N PHE A 193 -35.10 5.12 -14.91
CA PHE A 193 -34.13 4.07 -14.55
C PHE A 193 -32.76 4.18 -15.27
N ILE A 194 -32.66 5.01 -16.30
CA ILE A 194 -31.42 5.10 -17.09
C ILE A 194 -30.90 6.52 -17.28
N GLY A 195 -29.58 6.64 -17.31
CA GLY A 195 -28.91 7.91 -17.56
C GLY A 195 -27.77 7.69 -18.52
N THR A 196 -27.01 8.75 -18.78
CA THR A 196 -25.85 8.59 -19.62
C THR A 196 -24.60 9.19 -18.98
N THR A 197 -23.43 8.80 -19.50
CA THR A 197 -22.17 9.40 -19.11
C THR A 197 -21.79 10.42 -20.17
N GLU A 198 -20.99 11.42 -19.78
CA GLU A 198 -20.48 12.43 -20.70
C GLU A 198 -20.19 11.86 -22.09
N GLU A 199 -19.34 10.86 -22.17
CA GLU A 199 -18.98 10.26 -23.46
C GLU A 199 -20.06 9.37 -24.10
N GLY A 200 -21.32 9.63 -23.76
CA GLY A 200 -22.45 8.99 -24.43
C GLY A 200 -22.92 7.64 -23.93
N TYR A 201 -22.13 6.99 -23.07
CA TYR A 201 -22.41 5.62 -22.64
C TYR A 201 -23.65 5.52 -21.76
N ILE A 202 -24.49 4.51 -22.03
CA ILE A 202 -25.78 4.35 -21.33
C ILE A 202 -25.58 3.68 -19.97
N THR A 203 -26.22 4.22 -18.94
CA THR A 203 -26.08 3.73 -17.56
C THR A 203 -27.42 3.56 -16.88
N THR A 204 -27.48 2.62 -15.93
CA THR A 204 -28.70 2.40 -15.14
C THR A 204 -28.53 2.93 -13.72
N LEU A 205 -29.65 3.18 -13.04
CA LEU A 205 -29.63 3.88 -11.75
C LEU A 205 -29.97 2.97 -10.58
N GLY A 206 -29.91 1.66 -10.80
CA GLY A 206 -30.15 0.70 -9.73
C GLY A 206 -31.59 0.62 -9.30
N ARG A 207 -31.84 -0.05 -8.19
CA ARG A 207 -33.19 -0.33 -7.72
C ARG A 207 -33.88 0.93 -7.21
N GLY A 208 -35.15 1.10 -7.57
CA GLY A 208 -35.88 2.33 -7.32
C GLY A 208 -35.58 3.42 -8.35
N GLY A 209 -34.88 3.02 -9.41
CA GLY A 209 -34.41 3.91 -10.47
C GLY A 209 -35.42 4.80 -11.16
N SER A 210 -36.56 4.23 -11.56
CA SER A 210 -37.62 5.00 -12.20
C SER A 210 -38.22 6.07 -11.30
N ASP A 211 -38.46 5.74 -10.03
CA ASP A 211 -38.90 6.73 -9.04
C ASP A 211 -37.83 7.79 -8.85
N TYR A 212 -36.58 7.38 -8.95
CA TYR A 212 -35.47 8.30 -8.82
C TYR A 212 -35.42 9.29 -9.98
N SER A 213 -35.59 8.80 -11.21
CA SER A 213 -35.57 9.68 -12.39
C SER A 213 -36.68 10.73 -12.28
N ALA A 214 -37.83 10.29 -11.80
CA ALA A 214 -38.95 11.18 -11.55
C ALA A 214 -38.57 12.26 -10.56
N ALA A 215 -37.86 11.89 -9.50
CA ALA A 215 -37.43 12.85 -8.49
C ALA A 215 -36.41 13.86 -9.04
N LEU A 216 -35.42 13.38 -9.80
CA LEU A 216 -34.38 14.22 -10.39
C LEU A 216 -34.95 15.23 -11.38
N ILE A 217 -35.83 14.77 -12.26
CA ILE A 217 -36.51 15.60 -13.23
C ILE A 217 -37.36 16.64 -12.51
N GLY A 218 -38.16 16.18 -11.54
CA GLY A 218 -38.94 17.07 -10.69
C GLY A 218 -38.06 18.11 -10.02
N TYR A 219 -36.90 17.67 -9.52
CA TYR A 219 -35.96 18.55 -8.85
C TYR A 219 -35.34 19.59 -9.80
N GLY A 220 -34.90 19.14 -10.98
CA GLY A 220 -34.28 20.01 -11.98
C GLY A 220 -35.19 21.11 -12.49
N LEU A 221 -36.38 20.73 -12.94
CA LEU A 221 -37.39 21.68 -13.44
C LEU A 221 -38.02 22.48 -12.33
N ASP A 222 -37.66 22.16 -11.09
CA ASP A 222 -38.29 22.73 -9.90
C ASP A 222 -39.81 22.66 -10.03
N ALA A 223 -40.33 21.44 -10.08
CA ALA A 223 -41.72 21.19 -10.38
C ALA A 223 -42.67 21.55 -9.23
N ASP A 224 -43.96 21.58 -9.53
CA ASP A 224 -44.98 21.88 -8.53
C ASP A 224 -45.34 20.62 -7.76
N ILE A 225 -45.19 19.47 -8.42
CA ILE A 225 -45.58 18.19 -7.84
C ILE A 225 -44.97 17.02 -8.60
N ILE A 226 -44.69 15.94 -7.88
CA ILE A 226 -44.24 14.69 -8.46
C ILE A 226 -45.27 13.64 -8.09
N GLU A 227 -45.87 13.05 -9.12
CA GLU A 227 -46.86 11.99 -8.91
C GLU A 227 -46.27 10.62 -9.20
N ILE A 228 -46.19 9.80 -8.16
CA ILE A 228 -45.81 8.40 -8.32
C ILE A 228 -47.09 7.57 -8.49
N TRP A 229 -47.40 7.24 -9.74
CA TRP A 229 -48.59 6.44 -10.05
C TRP A 229 -48.28 4.95 -10.00
N THR A 230 -48.90 4.27 -9.03
CA THR A 230 -48.62 2.86 -8.79
C THR A 230 -49.90 2.01 -8.83
N ASP A 231 -49.84 0.79 -8.30
CA ASP A 231 -51.02 -0.10 -8.32
C ASP A 231 -51.75 -0.24 -6.97
N VAL A 232 -51.30 0.50 -5.96
CA VAL A 232 -52.01 0.58 -4.68
C VAL A 232 -52.42 2.04 -4.40
N SER A 233 -53.43 2.22 -3.56
CA SER A 233 -53.97 3.55 -3.25
C SER A 233 -53.13 4.34 -2.25
N GLY A 234 -51.86 4.54 -2.60
CA GLY A 234 -50.92 5.21 -1.70
C GLY A 234 -50.32 4.27 -0.66
N VAL A 235 -49.78 4.87 0.40
CA VAL A 235 -49.23 4.11 1.51
C VAL A 235 -50.32 3.78 2.55
N TYR A 236 -50.39 2.51 2.94
CA TYR A 236 -51.26 2.06 4.02
C TYR A 236 -50.57 2.15 5.38
N THR A 237 -51.38 2.28 6.43
CA THR A 237 -50.89 2.39 7.80
C THR A 237 -50.13 1.14 8.26
N THR A 238 -50.34 0.05 7.53
CA THR A 238 -49.72 -1.23 7.81
C THR A 238 -50.11 -2.17 6.67
N ASP A 239 -49.37 -3.26 6.50
CA ASP A 239 -49.63 -4.23 5.44
C ASP A 239 -51.03 -4.82 5.57
N PRO A 240 -51.92 -4.61 4.56
CA PRO A 240 -53.30 -5.13 4.62
C PRO A 240 -53.39 -6.65 4.62
N ARG A 241 -52.31 -7.31 4.19
CA ARG A 241 -52.20 -8.76 4.28
C ARG A 241 -52.11 -9.20 5.74
N LEU A 242 -51.86 -8.25 6.62
CA LEU A 242 -51.76 -8.52 8.06
C LEU A 242 -52.94 -7.93 8.81
N VAL A 243 -53.30 -6.70 8.45
CA VAL A 243 -54.45 -6.01 9.05
C VAL A 243 -55.40 -5.61 7.90
N PRO A 244 -56.53 -6.35 7.77
CA PRO A 244 -57.43 -6.15 6.64
C PRO A 244 -58.10 -4.76 6.65
N THR A 245 -58.25 -4.20 7.85
CA THR A 245 -58.91 -2.92 8.05
C THR A 245 -57.95 -1.73 7.96
N ALA A 246 -56.77 -1.95 7.37
CA ALA A 246 -55.81 -0.87 7.17
C ALA A 246 -56.32 0.16 6.15
N ARG A 247 -55.93 1.42 6.33
CA ARG A 247 -56.39 2.53 5.51
C ARG A 247 -55.23 3.32 4.91
N ARG A 248 -55.49 4.01 3.81
CA ARG A 248 -54.53 4.90 3.19
C ARG A 248 -54.16 5.99 4.17
N ILE A 249 -52.88 6.38 4.17
CA ILE A 249 -52.44 7.55 4.92
C ILE A 249 -52.63 8.77 4.01
N PRO A 250 -53.50 9.71 4.41
CA PRO A 250 -53.76 10.88 3.58
C PRO A 250 -52.53 11.80 3.42
N LYS A 251 -51.82 12.05 4.51
CA LYS A 251 -50.66 12.96 4.53
C LYS A 251 -49.45 12.40 5.31
N LEU A 252 -48.29 12.41 4.64
CA LEU A 252 -47.04 11.95 5.24
C LEU A 252 -46.00 13.08 5.17
N SER A 253 -45.16 13.20 6.18
CA SER A 253 -44.07 14.15 6.11
C SER A 253 -42.87 13.46 5.47
N TYR A 254 -42.09 14.18 4.67
CA TYR A 254 -40.93 13.59 4.01
C TYR A 254 -40.20 12.74 5.02
N ILE A 255 -39.96 13.35 6.17
CA ILE A 255 -39.27 12.73 7.27
C ILE A 255 -39.89 11.38 7.65
N GLU A 256 -41.20 11.35 7.87
CA GLU A 256 -41.92 10.10 8.14
C GLU A 256 -41.83 9.11 6.98
N ALA A 257 -42.04 9.60 5.76
CA ALA A 257 -41.96 8.75 4.58
C ALA A 257 -40.59 8.10 4.51
N MET A 258 -39.58 8.87 4.90
CA MET A 258 -38.21 8.41 4.90
C MET A 258 -38.05 7.23 5.83
N GLU A 259 -38.56 7.36 7.06
CA GLU A 259 -38.38 6.33 8.09
C GLU A 259 -39.17 5.06 7.79
N LEU A 260 -40.12 5.15 6.85
CA LEU A 260 -40.91 4.00 6.42
C LEU A 260 -40.30 3.31 5.22
N ALA A 261 -39.46 4.04 4.48
CA ALA A 261 -38.87 3.58 3.23
C ALA A 261 -37.73 2.60 3.48
N TYR A 262 -38.05 1.46 4.08
CA TYR A 262 -37.04 0.44 4.33
C TYR A 262 -36.55 -0.23 3.04
N PHE A 263 -35.50 -1.03 3.17
CA PHE A 263 -34.85 -1.69 2.05
C PHE A 263 -35.70 -2.86 1.57
N GLY A 264 -36.19 -2.76 0.34
CA GLY A 264 -37.10 -3.77 -0.20
C GLY A 264 -38.55 -3.33 -0.11
N ALA A 265 -38.77 -2.09 0.33
CA ALA A 265 -40.12 -1.50 0.35
C ALA A 265 -40.61 -1.32 -1.09
N LYS A 266 -41.91 -1.45 -1.29
CA LYS A 266 -42.47 -1.43 -2.64
C LYS A 266 -42.64 -0.02 -3.19
N VAL A 267 -43.06 0.94 -2.35
CA VAL A 267 -43.36 2.29 -2.84
C VAL A 267 -42.31 3.35 -2.51
N LEU A 268 -42.01 3.52 -1.21
CA LEU A 268 -41.12 4.61 -0.77
C LEU A 268 -39.65 4.24 -0.82
N HIS A 269 -38.82 5.15 -1.32
CA HIS A 269 -37.35 4.99 -1.29
C HIS A 269 -36.67 6.31 -0.95
N PRO A 270 -35.65 6.29 -0.08
CA PRO A 270 -34.97 7.50 0.37
C PRO A 270 -34.47 8.40 -0.77
N ARG A 271 -33.89 7.80 -1.81
CA ARG A 271 -33.37 8.55 -2.97
C ARG A 271 -34.43 9.36 -3.71
N THR A 272 -35.65 8.84 -3.77
CA THR A 272 -36.74 9.54 -4.42
C THR A 272 -37.22 10.67 -3.52
N ILE A 273 -37.21 10.42 -2.22
CA ILE A 273 -37.74 11.36 -1.24
C ILE A 273 -36.81 12.55 -1.02
N GLU A 274 -35.49 12.29 -0.95
CA GLU A 274 -34.54 13.32 -0.55
C GLU A 274 -34.52 14.60 -1.42
N PRO A 275 -34.42 14.47 -2.75
CA PRO A 275 -34.46 15.66 -3.61
C PRO A 275 -35.76 16.47 -3.47
N ALA A 276 -36.89 15.78 -3.39
CA ALA A 276 -38.17 16.44 -3.17
C ALA A 276 -38.22 17.12 -1.81
N MET A 277 -37.58 16.52 -0.82
CA MET A 277 -37.47 17.11 0.50
C MET A 277 -36.58 18.36 0.48
N GLU A 278 -35.47 18.28 -0.23
CA GLU A 278 -34.54 19.39 -0.34
C GLU A 278 -35.23 20.65 -0.87
N LYS A 279 -35.91 20.54 -2.01
CA LYS A 279 -36.56 21.70 -2.63
C LYS A 279 -38.00 21.93 -2.19
N GLY A 280 -38.53 21.08 -1.30
CA GLY A 280 -39.90 21.22 -0.80
C GLY A 280 -40.98 20.94 -1.85
N ILE A 281 -40.72 20.00 -2.74
CA ILE A 281 -41.67 19.58 -3.74
C ILE A 281 -42.50 18.43 -3.18
N PRO A 282 -43.84 18.58 -3.20
CA PRO A 282 -44.75 17.49 -2.81
C PRO A 282 -44.64 16.26 -3.71
N ILE A 283 -44.76 15.09 -3.08
CA ILE A 283 -44.87 13.81 -3.77
C ILE A 283 -46.27 13.29 -3.50
N LEU A 284 -46.95 12.86 -4.56
CA LEU A 284 -48.29 12.31 -4.44
C LEU A 284 -48.31 10.90 -5.01
N VAL A 285 -48.60 9.93 -4.15
CA VAL A 285 -48.70 8.53 -4.57
C VAL A 285 -50.15 8.21 -4.90
N LYS A 286 -50.37 7.75 -6.13
CA LYS A 286 -51.71 7.53 -6.65
C LYS A 286 -51.84 6.13 -7.25
N ASN A 287 -53.09 5.67 -7.38
CA ASN A 287 -53.38 4.34 -7.91
C ASN A 287 -53.92 4.46 -9.33
N THR A 288 -53.14 4.01 -10.31
CA THR A 288 -53.55 4.14 -11.71
C THR A 288 -54.79 3.31 -12.01
N PHE A 289 -55.01 2.27 -11.21
CA PHE A 289 -56.19 1.40 -11.36
C PHE A 289 -57.37 1.91 -10.54
N GLU A 290 -57.12 2.93 -9.71
CA GLU A 290 -58.14 3.62 -8.93
C GLU A 290 -57.90 5.15 -8.93
N PRO A 291 -57.89 5.77 -10.12
CA PRO A 291 -57.44 7.16 -10.27
C PRO A 291 -58.10 8.19 -9.36
N GLU A 292 -59.28 7.88 -8.85
CA GLU A 292 -60.08 8.86 -8.10
C GLU A 292 -59.74 8.88 -6.60
N SER A 293 -59.05 7.85 -6.14
CA SER A 293 -58.58 7.79 -4.76
C SER A 293 -57.73 9.01 -4.44
N GLU A 294 -57.91 9.57 -3.25
CA GLU A 294 -57.15 10.74 -2.81
C GLU A 294 -55.64 10.45 -2.75
N GLY A 295 -55.27 9.22 -2.42
CA GLY A 295 -53.87 8.80 -2.39
C GLY A 295 -53.09 9.41 -1.24
N THR A 296 -51.80 9.11 -1.19
CA THR A 296 -50.91 9.61 -0.14
C THR A 296 -50.08 10.81 -0.62
N LEU A 297 -50.12 11.89 0.14
CA LEU A 297 -49.32 13.06 -0.12
C LEU A 297 -48.18 13.15 0.87
N ILE A 298 -46.96 13.15 0.35
CA ILE A 298 -45.77 13.34 1.14
C ILE A 298 -45.41 14.81 0.99
N THR A 299 -45.36 15.52 2.11
CA THR A 299 -45.33 16.98 2.10
C THR A 299 -44.54 17.60 3.26
N ASN A 300 -44.42 18.93 3.21
CA ASN A 300 -43.56 19.69 4.11
C ASN A 300 -44.24 20.03 5.44
N ASP A 301 -45.45 20.58 5.35
CA ASP A 301 -46.27 20.92 6.51
C ASP A 301 -46.79 19.66 7.21
N MET A 302 -47.24 19.82 8.45
CA MET A 302 -47.99 18.76 9.15
C MET A 302 -48.96 19.31 10.21
N ASP A 306 -52.85 15.86 13.76
CA ASP A 306 -52.48 15.80 15.17
C ASP A 306 -52.41 14.33 15.65
N SER A 307 -51.55 13.56 15.01
CA SER A 307 -51.39 12.14 15.31
C SER A 307 -50.08 11.90 16.05
N ILE A 308 -50.00 10.80 16.80
CA ILE A 308 -48.73 10.38 17.36
C ILE A 308 -48.09 9.33 16.47
N VAL A 309 -48.64 8.12 16.47
CA VAL A 309 -48.18 7.06 15.58
C VAL A 309 -48.90 7.25 14.25
N LYS A 310 -48.19 7.05 13.14
CA LYS A 310 -48.79 7.20 11.82
C LYS A 310 -48.91 5.88 11.11
N ALA A 311 -47.85 5.09 11.16
CA ALA A 311 -47.78 3.84 10.41
C ALA A 311 -46.92 2.81 11.10
N ILE A 312 -47.19 1.55 10.77
CA ILE A 312 -46.44 0.43 11.31
C ILE A 312 -45.93 -0.42 10.15
N SER A 313 -44.62 -0.40 9.94
CA SER A 313 -44.04 -1.23 8.87
C SER A 313 -43.47 -2.52 9.46
N THR A 314 -43.49 -3.58 8.67
CA THR A 314 -42.99 -4.89 9.10
C THR A 314 -42.03 -5.45 8.08
N ILE A 315 -40.96 -6.09 8.55
CA ILE A 315 -40.10 -6.88 7.68
C ILE A 315 -40.11 -8.33 8.14
N LYS A 316 -40.72 -9.21 7.36
CA LYS A 316 -40.87 -10.61 7.75
C LYS A 316 -39.66 -11.45 7.38
N ASN A 317 -39.55 -12.61 8.02
CA ASN A 317 -38.56 -13.63 7.69
C ASN A 317 -37.10 -13.13 7.59
N VAL A 318 -36.62 -12.50 8.65
CA VAL A 318 -35.23 -12.06 8.72
C VAL A 318 -34.49 -12.78 9.82
N ALA A 319 -33.18 -12.57 9.89
CA ALA A 319 -32.36 -13.24 10.88
C ALA A 319 -31.65 -12.28 11.82
N LEU A 320 -31.39 -12.77 13.03
CA LEU A 320 -30.73 -12.00 14.07
C LEU A 320 -29.32 -12.52 14.39
N ILE A 321 -28.31 -11.69 14.14
CA ILE A 321 -26.89 -12.03 14.35
C ILE A 321 -26.30 -11.24 15.50
N ASN A 322 -25.89 -11.93 16.55
CA ASN A 322 -25.18 -11.28 17.66
C ASN A 322 -23.67 -11.62 17.66
N ILE A 323 -22.84 -10.59 17.71
CA ILE A 323 -21.40 -10.76 17.72
C ILE A 323 -20.86 -10.55 19.14
N PHE A 324 -20.48 -11.63 19.82
CA PHE A 324 -19.95 -11.59 21.20
C PHE A 324 -18.43 -11.40 21.16
N GLY A 325 -17.88 -10.64 22.10
CA GLY A 325 -16.43 -10.48 22.18
C GLY A 325 -15.95 -9.57 23.29
N ALA A 326 -15.32 -10.18 24.30
CA ALA A 326 -14.72 -9.43 25.40
C ALA A 326 -13.72 -8.39 24.89
N GLY A 327 -13.68 -7.26 25.58
CA GLY A 327 -13.07 -6.07 25.03
C GLY A 327 -14.00 -5.52 23.98
N MET A 328 -13.70 -5.81 22.70
CA MET A 328 -14.38 -5.21 21.54
C MET A 328 -14.50 -3.68 21.72
N VAL A 329 -13.81 -3.18 22.74
CA VAL A 329 -13.80 -1.76 23.18
C VAL A 329 -13.00 -0.85 22.24
N GLY A 330 -13.50 0.37 22.04
CA GLY A 330 -12.95 1.39 21.12
C GLY A 330 -11.48 1.38 20.75
N VAL A 331 -10.62 0.99 21.70
CA VAL A 331 -9.19 0.81 21.45
C VAL A 331 -8.96 -0.11 20.24
N SER A 332 -10.00 -0.83 19.83
CA SER A 332 -9.95 -1.68 18.63
C SER A 332 -11.14 -1.46 17.72
N GLY A 333 -10.85 -1.11 16.46
CA GLY A 333 -11.85 -0.89 15.42
C GLY A 333 -12.41 -2.21 14.93
N THR A 334 -13.10 -2.90 15.84
CA THR A 334 -13.66 -4.20 15.57
C THR A 334 -14.97 -4.05 14.81
N ALA A 335 -15.71 -2.96 15.08
CA ALA A 335 -16.92 -2.66 14.34
C ALA A 335 -16.58 -2.34 12.88
N ALA A 336 -15.57 -1.50 12.69
CA ALA A 336 -15.09 -1.13 11.37
C ALA A 336 -14.82 -2.35 10.50
N ARG A 337 -14.22 -3.37 11.10
CA ARG A 337 -13.91 -4.61 10.40
C ARG A 337 -15.14 -5.48 10.10
N ILE A 338 -16.11 -5.52 11.04
CA ILE A 338 -17.37 -6.24 10.83
C ILE A 338 -18.06 -5.74 9.56
N PHE A 339 -18.24 -4.43 9.46
CA PHE A 339 -19.03 -3.86 8.36
C PHE A 339 -18.30 -3.88 7.04
N LYS A 340 -16.97 -3.85 7.08
CA LYS A 340 -16.17 -4.05 5.90
C LYS A 340 -16.41 -5.48 5.37
N ALA A 341 -16.30 -6.45 6.27
CA ALA A 341 -16.52 -7.86 5.94
C ALA A 341 -17.93 -8.10 5.41
N LEU A 342 -18.87 -7.25 5.81
CA LEU A 342 -20.23 -7.32 5.31
C LEU A 342 -20.38 -6.43 4.08
N GLY A 343 -19.62 -5.32 4.06
CA GLY A 343 -19.54 -4.43 2.90
C GLY A 343 -19.10 -5.17 1.66
N GLU A 344 -17.88 -5.72 1.70
CA GLU A 344 -17.49 -6.79 0.79
C GLU A 344 -18.42 -7.94 1.09
N GLU A 345 -18.81 -8.72 0.09
CA GLU A 345 -19.83 -9.77 0.25
C GLU A 345 -21.24 -9.22 0.07
N GLU A 346 -21.36 -7.90 0.12
CA GLU A 346 -22.61 -7.19 -0.18
C GLU A 346 -23.79 -7.74 0.62
N VAL A 347 -23.69 -7.58 1.94
CA VAL A 347 -24.68 -8.04 2.90
C VAL A 347 -25.30 -6.80 3.52
N ASN A 348 -26.61 -6.63 3.34
CA ASN A 348 -27.34 -5.47 3.84
C ASN A 348 -27.73 -5.66 5.29
N VAL A 349 -27.38 -4.68 6.10
CA VAL A 349 -27.66 -4.70 7.54
C VAL A 349 -28.91 -3.88 7.81
N ILE A 350 -29.96 -4.55 8.25
CA ILE A 350 -31.25 -3.91 8.47
C ILE A 350 -31.24 -3.12 9.76
N LEU A 351 -30.81 -3.74 10.85
CA LEU A 351 -30.67 -3.06 12.15
C LEU A 351 -29.29 -3.26 12.75
N ILE A 352 -28.79 -2.23 13.43
CA ILE A 352 -27.60 -2.32 14.27
C ILE A 352 -28.00 -1.88 15.67
N SER A 353 -27.51 -2.60 16.68
CA SER A 353 -27.71 -2.21 18.06
C SER A 353 -26.49 -2.61 18.88
N GLN A 354 -25.87 -1.65 19.55
CA GLN A 354 -24.86 -1.94 20.57
C GLN A 354 -25.09 -1.21 21.90
N GLY A 355 -25.28 -2.00 22.96
CA GLY A 355 -25.50 -1.46 24.30
C GLY A 355 -24.24 -0.89 24.96
N SER A 356 -24.38 -0.44 26.19
CA SER A 356 -23.29 0.26 26.89
C SER A 356 -21.98 -0.50 27.06
N SER A 357 -22.03 -1.78 27.39
CA SER A 357 -20.81 -2.56 27.68
C SER A 357 -19.78 -2.55 26.56
N GLU A 358 -20.26 -2.45 25.32
CA GLU A 358 -19.42 -2.52 24.12
C GLU A 358 -18.87 -3.92 23.83
N THR A 359 -19.37 -4.92 24.54
CA THR A 359 -18.88 -6.30 24.42
C THR A 359 -19.55 -7.06 23.28
N ASN A 360 -20.62 -6.50 22.75
CA ASN A 360 -21.26 -7.09 21.58
C ASN A 360 -22.09 -6.09 20.79
N ILE A 361 -22.39 -6.47 19.54
CA ILE A 361 -23.24 -5.70 18.66
C ILE A 361 -24.24 -6.67 18.02
N SER A 362 -25.50 -6.27 17.95
CA SER A 362 -26.52 -7.11 17.34
C SER A 362 -26.94 -6.51 15.99
N LEU A 363 -27.21 -7.38 15.03
CA LEU A 363 -27.56 -6.96 13.66
C LEU A 363 -28.65 -7.86 13.12
N VAL A 364 -29.50 -7.31 12.27
CA VAL A 364 -30.43 -8.16 11.58
C VAL A 364 -30.18 -8.05 10.10
N VAL A 365 -30.11 -9.20 9.47
CA VAL A 365 -29.93 -9.32 8.04
C VAL A 365 -31.03 -10.23 7.53
N SER A 366 -31.20 -10.30 6.21
CA SER A 366 -32.15 -11.23 5.60
C SER A 366 -31.65 -12.67 5.74
N GLU A 367 -32.58 -13.61 5.89
CA GLU A 367 -32.23 -15.01 6.17
C GLU A 367 -31.45 -15.74 5.07
N GLU A 368 -31.41 -15.17 3.87
CA GLU A 368 -30.58 -15.74 2.82
C GLU A 368 -29.14 -15.21 2.87
N ASP A 369 -28.88 -14.24 3.75
CA ASP A 369 -27.56 -13.64 3.89
C ASP A 369 -26.76 -14.17 5.07
N VAL A 370 -27.41 -14.90 5.96
CA VAL A 370 -26.76 -15.41 7.17
C VAL A 370 -25.46 -16.16 6.88
N ASP A 371 -25.56 -17.21 6.07
CA ASP A 371 -24.40 -18.02 5.71
C ASP A 371 -23.38 -17.23 4.89
N LYS A 372 -23.88 -16.30 4.09
CA LYS A 372 -23.06 -15.37 3.33
C LYS A 372 -22.22 -14.52 4.29
N ALA A 373 -22.87 -14.01 5.34
CA ALA A 373 -22.21 -13.14 6.33
C ALA A 373 -21.45 -13.92 7.41
N LEU A 374 -21.75 -15.21 7.54
CA LEU A 374 -21.05 -16.06 8.50
C LEU A 374 -19.64 -16.41 8.01
N LYS A 375 -19.52 -16.73 6.73
CA LYS A 375 -18.21 -17.02 6.13
C LYS A 375 -17.37 -15.76 6.00
N ALA A 376 -18.05 -14.61 5.85
CA ALA A 376 -17.39 -13.31 5.76
C ALA A 376 -16.68 -12.95 7.06
N LEU A 377 -17.38 -13.17 8.18
CA LEU A 377 -16.84 -12.89 9.51
C LEU A 377 -15.76 -13.90 9.90
N LYS A 378 -15.82 -15.10 9.32
CA LYS A 378 -14.77 -16.09 9.47
C LYS A 378 -13.49 -15.65 8.76
N ARG A 379 -13.64 -15.03 7.60
CA ARG A 379 -12.49 -14.61 6.81
C ARG A 379 -11.79 -13.37 7.35
N GLU A 380 -12.54 -12.55 8.08
CA GLU A 380 -11.96 -11.34 8.67
C GLU A 380 -11.31 -11.62 10.02
N PHE A 381 -11.84 -12.59 10.76
CA PHE A 381 -11.42 -12.84 12.14
C PHE A 381 -10.84 -14.24 12.37
N GLY A 382 -11.51 -15.26 11.83
CA GLY A 382 -11.05 -16.65 11.94
C GLY A 382 -11.51 -17.35 13.23
N ASP A 383 -12.49 -18.25 13.09
CA ASP A 383 -12.91 -19.10 14.20
C ASP A 383 -13.36 -20.46 13.69
N LEU A 390 -9.41 -16.74 24.03
CA LEU A 390 -8.94 -15.56 24.76
C LEU A 390 -7.55 -15.14 24.27
N ASN A 391 -6.58 -16.05 24.34
CA ASN A 391 -5.21 -15.76 23.91
C ASN A 391 -5.00 -15.95 22.40
N ASN A 392 -5.49 -15.01 21.60
CA ASN A 392 -5.34 -15.03 20.14
C ASN A 392 -6.18 -13.97 19.41
N ASN A 393 -7.52 -14.04 19.56
CA ASN A 393 -8.45 -13.25 18.75
C ASN A 393 -9.45 -12.42 19.57
N LEU A 394 -10.37 -11.73 18.89
CA LEU A 394 -11.24 -10.74 19.56
C LEU A 394 -12.77 -10.88 19.38
N ILE A 395 -13.20 -11.93 18.69
CA ILE A 395 -14.62 -12.30 18.62
C ILE A 395 -14.77 -13.66 19.32
N ARG A 396 -15.28 -13.66 20.54
CA ARG A 396 -15.45 -14.88 21.31
C ARG A 396 -16.45 -15.85 20.66
N ASP A 397 -17.58 -15.33 20.19
CA ASP A 397 -18.69 -16.17 19.71
C ASP A 397 -19.70 -15.40 18.84
N VAL A 398 -20.36 -16.12 17.93
CA VAL A 398 -21.46 -15.52 17.15
C VAL A 398 -22.76 -16.28 17.35
N SER A 399 -23.85 -15.54 17.49
CA SER A 399 -25.17 -16.14 17.67
C SER A 399 -26.11 -15.76 16.52
N VAL A 400 -26.95 -16.71 16.12
CA VAL A 400 -27.91 -16.48 15.04
C VAL A 400 -29.32 -17.01 15.34
N ASP A 401 -30.30 -16.12 15.27
CA ASP A 401 -31.73 -16.45 15.45
C ASP A 401 -32.48 -16.30 14.14
N LYS A 402 -32.96 -17.41 13.60
CA LYS A 402 -33.72 -17.40 12.36
C LYS A 402 -35.22 -17.24 12.62
N ASP A 403 -35.98 -17.11 11.54
CA ASP A 403 -37.44 -16.91 11.59
C ASP A 403 -37.83 -15.87 12.65
N VAL A 404 -37.32 -14.65 12.46
CA VAL A 404 -37.55 -13.53 13.34
C VAL A 404 -38.09 -12.38 12.46
N CYS A 405 -38.64 -11.33 13.06
CA CYS A 405 -39.20 -10.23 12.26
C CYS A 405 -38.96 -8.85 12.86
N VAL A 406 -38.85 -7.83 12.01
CA VAL A 406 -38.65 -6.44 12.46
C VAL A 406 -39.96 -5.65 12.41
N ILE A 407 -40.45 -5.18 13.55
CA ILE A 407 -41.58 -4.26 13.55
C ILE A 407 -41.02 -2.87 13.74
N SER A 408 -41.65 -1.89 13.10
CA SER A 408 -41.20 -0.53 13.12
C SER A 408 -42.39 0.39 13.29
N VAL A 409 -42.39 1.19 14.34
CA VAL A 409 -43.48 2.12 14.61
C VAL A 409 -43.01 3.54 14.28
N VAL A 410 -43.71 4.19 13.37
CA VAL A 410 -43.30 5.48 12.84
C VAL A 410 -44.35 6.54 13.09
N GLY A 411 -43.88 7.73 13.45
CA GLY A 411 -44.73 8.91 13.55
C GLY A 411 -43.90 10.10 13.99
N ALA A 412 -44.07 11.23 13.31
CA ALA A 412 -43.35 12.45 13.66
C ALA A 412 -43.75 12.97 15.04
N GLY A 413 -44.96 12.61 15.48
CA GLY A 413 -45.47 13.06 16.76
C GLY A 413 -44.87 12.33 17.93
N MET A 414 -44.06 11.31 17.66
CA MET A 414 -43.44 10.54 18.73
C MET A 414 -42.33 11.33 19.41
N ARG A 415 -41.72 12.26 18.67
CA ARG A 415 -40.62 13.05 19.20
C ARG A 415 -41.08 13.90 20.36
N GLY A 416 -40.38 13.77 21.48
CA GLY A 416 -40.73 14.52 22.68
C GLY A 416 -41.93 13.97 23.44
N ALA A 417 -42.68 13.07 22.80
CA ALA A 417 -43.87 12.49 23.43
C ALA A 417 -43.49 11.53 24.54
N LYS A 418 -43.35 12.08 25.74
CA LYS A 418 -43.03 11.29 26.93
C LYS A 418 -44.06 10.17 27.10
N GLY A 419 -43.57 8.94 27.19
CA GLY A 419 -44.41 7.80 27.51
C GLY A 419 -44.71 6.84 26.39
N ILE A 420 -44.47 7.26 25.14
CA ILE A 420 -44.88 6.46 23.98
C ILE A 420 -44.15 5.12 23.86
N ALA A 421 -42.82 5.11 23.97
CA ALA A 421 -42.06 3.85 23.98
C ALA A 421 -42.64 2.88 25.01
N GLY A 422 -42.87 3.36 26.22
CA GLY A 422 -43.46 2.56 27.27
C GLY A 422 -44.75 1.94 26.83
N LYS A 423 -45.60 2.76 26.21
CA LYS A 423 -46.87 2.28 25.69
C LYS A 423 -46.71 1.27 24.55
N ILE A 424 -45.86 1.57 23.56
CA ILE A 424 -45.67 0.66 22.44
C ILE A 424 -45.27 -0.74 22.95
N PHE A 425 -44.31 -0.77 23.86
CA PHE A 425 -43.72 -2.03 24.32
C PHE A 425 -44.60 -2.81 25.30
N THR A 426 -45.29 -2.11 26.21
CA THR A 426 -46.29 -2.73 27.06
C THR A 426 -47.34 -3.43 26.19
N ALA A 427 -47.73 -2.76 25.09
CA ALA A 427 -48.68 -3.32 24.14
C ALA A 427 -48.15 -4.60 23.53
N VAL A 428 -46.91 -4.56 23.02
CA VAL A 428 -46.30 -5.74 22.43
C VAL A 428 -46.38 -6.94 23.39
N SER A 429 -46.11 -6.66 24.65
CA SER A 429 -46.15 -7.67 25.70
C SER A 429 -47.58 -8.17 25.89
N GLU A 430 -48.53 -7.25 25.96
CA GLU A 430 -49.94 -7.61 26.13
C GLU A 430 -50.46 -8.57 25.05
N SER A 431 -49.81 -8.55 23.88
CA SER A 431 -50.16 -9.43 22.76
C SER A 431 -49.45 -10.78 22.83
N GLY A 432 -48.65 -10.99 23.86
CA GLY A 432 -47.94 -12.26 24.04
C GLY A 432 -46.60 -12.39 23.33
N ALA A 433 -45.98 -11.26 22.96
CA ALA A 433 -44.69 -11.25 22.26
C ALA A 433 -43.51 -10.76 23.08
N ASN A 434 -42.43 -11.55 23.08
CA ASN A 434 -41.17 -11.20 23.73
C ASN A 434 -40.22 -10.41 22.80
N ILE A 435 -39.81 -9.23 23.24
CA ILE A 435 -38.95 -8.34 22.47
C ILE A 435 -37.48 -8.80 22.53
N LYS A 436 -36.95 -9.20 21.37
CA LYS A 436 -35.59 -9.72 21.31
C LYS A 436 -34.54 -8.64 21.12
N MET A 437 -34.91 -7.56 20.43
CA MET A 437 -33.98 -6.47 20.18
C MET A 437 -34.75 -5.18 19.99
N ILE A 438 -34.15 -4.05 20.38
CA ILE A 438 -34.72 -2.72 20.17
C ILE A 438 -33.69 -1.75 19.61
N ALA A 439 -34.09 -0.97 18.62
CA ALA A 439 -33.25 0.08 18.07
C ALA A 439 -34.09 1.31 17.77
N GLN A 440 -33.79 2.39 18.47
CA GLN A 440 -34.39 3.69 18.20
C GLN A 440 -33.31 4.75 18.10
N GLY A 441 -33.24 5.40 16.95
CA GLY A 441 -32.29 6.45 16.69
C GLY A 441 -32.66 7.77 17.33
N SER A 442 -31.76 8.73 17.21
CA SER A 442 -31.83 10.03 17.92
C SER A 442 -32.99 10.94 17.50
N SER A 443 -33.52 10.76 16.28
CA SER A 443 -34.72 11.47 15.87
C SER A 443 -35.88 10.57 16.21
N GLU A 444 -36.53 10.85 17.32
CA GLU A 444 -37.48 9.93 17.92
C GLU A 444 -38.72 9.73 17.04
N VAL A 445 -38.50 9.38 15.79
CA VAL A 445 -39.55 9.29 14.79
C VAL A 445 -39.84 7.82 14.43
N ASN A 446 -38.89 6.94 14.72
CA ASN A 446 -38.97 5.53 14.39
C ASN A 446 -38.49 4.70 15.58
N ILE A 447 -39.31 3.77 16.03
CA ILE A 447 -38.89 2.77 17.00
C ILE A 447 -38.90 1.42 16.30
N SER A 448 -37.72 0.84 16.08
CA SER A 448 -37.63 -0.47 15.47
C SER A 448 -37.35 -1.50 16.56
N PHE A 449 -37.99 -2.66 16.47
CA PHE A 449 -37.67 -3.77 17.36
C PHE A 449 -37.82 -5.14 16.70
N VAL A 450 -37.43 -6.19 17.40
CA VAL A 450 -37.46 -7.53 16.85
C VAL A 450 -38.24 -8.49 17.75
N ILE A 451 -39.12 -9.26 17.13
CA ILE A 451 -39.87 -10.29 17.83
C ILE A 451 -39.86 -11.55 16.98
N ASP A 452 -40.28 -12.67 17.59
CA ASP A 452 -40.43 -13.92 16.85
C ASP A 452 -41.53 -13.80 15.81
N GLU A 453 -41.32 -14.46 14.67
CA GLU A 453 -42.27 -14.48 13.56
C GLU A 453 -43.68 -14.98 13.97
N LYS A 454 -43.74 -15.97 14.85
CA LYS A 454 -45.01 -16.51 15.35
C LYS A 454 -45.92 -15.40 15.87
N ASP A 455 -45.31 -14.36 16.44
CA ASP A 455 -46.01 -13.31 17.17
C ASP A 455 -46.27 -12.09 16.31
N LEU A 456 -45.66 -12.06 15.13
CA LEU A 456 -45.89 -11.01 14.14
C LEU A 456 -47.36 -10.59 14.03
N LEU A 457 -48.23 -11.53 13.68
CA LEU A 457 -49.65 -11.24 13.41
C LEU A 457 -50.36 -10.59 14.60
N ASN A 458 -50.30 -11.22 15.77
CA ASN A 458 -50.99 -10.70 16.95
C ASN A 458 -50.43 -9.37 17.42
N CYS A 459 -49.14 -9.18 17.25
CA CYS A 459 -48.49 -7.95 17.65
C CYS A 459 -48.85 -6.75 16.78
N VAL A 460 -48.91 -6.94 15.47
CA VAL A 460 -49.29 -5.84 14.60
C VAL A 460 -50.76 -5.49 14.76
N ARG A 461 -51.62 -6.51 14.95
CA ARG A 461 -53.04 -6.28 15.16
C ARG A 461 -53.25 -5.34 16.34
N LYS A 462 -52.51 -5.58 17.41
CA LYS A 462 -52.67 -4.83 18.65
C LYS A 462 -52.17 -3.40 18.51
N LEU A 463 -50.93 -3.25 18.05
CA LEU A 463 -50.34 -1.96 17.82
C LEU A 463 -51.25 -1.14 16.90
N HIS A 464 -51.73 -1.75 15.84
CA HIS A 464 -52.59 -1.05 14.91
C HIS A 464 -53.89 -0.60 15.57
N GLU A 465 -54.52 -1.52 16.30
CA GLU A 465 -55.76 -1.23 17.03
C GLU A 465 -55.56 -0.15 18.09
N LYS A 466 -54.46 -0.23 18.83
CA LYS A 466 -54.22 0.72 19.90
C LYS A 466 -53.79 2.10 19.40
N PHE A 467 -52.94 2.14 18.38
CA PHE A 467 -52.30 3.38 18.02
C PHE A 467 -52.77 4.05 16.75
N ILE A 468 -53.33 3.28 15.82
CA ILE A 468 -53.77 3.87 14.55
C ILE A 468 -55.24 4.22 14.59
N GLU A 469 -56.09 3.20 14.69
CA GLU A 469 -57.53 3.38 14.67
C GLU A 469 -58.06 3.77 16.04
N THR B 2 -6.61 -23.70 44.85
CA THR B 2 -5.78 -22.54 44.45
C THR B 2 -6.63 -21.28 44.47
N THR B 3 -6.14 -20.25 45.17
CA THR B 3 -6.88 -19.02 45.37
C THR B 3 -6.01 -17.88 44.92
N VAL B 4 -6.53 -17.08 44.01
CA VAL B 4 -5.82 -15.86 43.63
C VAL B 4 -6.45 -14.68 44.36
N MET B 5 -5.61 -13.86 44.98
CA MET B 5 -6.06 -12.73 45.78
C MET B 5 -5.35 -11.47 45.28
N LYS B 6 -6.13 -10.53 44.76
CA LYS B 6 -5.57 -9.30 44.22
C LYS B 6 -5.89 -8.11 45.11
N PHE B 7 -4.91 -7.24 45.29
CA PHE B 7 -5.07 -6.07 46.13
C PHE B 7 -4.64 -4.83 45.37
N GLY B 8 -5.50 -3.81 45.39
CA GLY B 8 -5.19 -2.58 44.68
C GLY B 8 -4.49 -1.57 45.54
N GLY B 9 -4.30 -0.38 44.99
CA GLY B 9 -3.51 0.69 45.60
C GLY B 9 -3.91 1.15 47.00
N THR B 10 -5.22 1.26 47.23
CA THR B 10 -5.73 1.78 48.48
C THR B 10 -5.64 0.73 49.60
N SER B 11 -5.69 -0.53 49.23
CA SER B 11 -5.63 -1.62 50.19
C SER B 11 -4.21 -1.81 50.69
N VAL B 12 -3.24 -1.35 49.89
CA VAL B 12 -1.84 -1.42 50.27
C VAL B 12 -1.28 0.00 50.37
N GLY B 13 -2.15 0.95 50.67
CA GLY B 13 -1.79 2.37 50.63
C GLY B 13 -0.82 2.84 51.69
N SER B 14 -0.52 1.99 52.67
CA SER B 14 0.42 2.30 53.74
C SER B 14 0.95 1.02 54.36
N GLY B 15 1.92 1.15 55.27
CA GLY B 15 2.47 0.01 56.01
C GLY B 15 1.41 -0.73 56.82
N GLU B 16 0.69 -0.01 57.67
CA GLU B 16 -0.41 -0.59 58.43
C GLU B 16 -1.29 -1.43 57.53
N ARG B 17 -1.73 -0.83 56.43
CA ARG B 17 -2.59 -1.50 55.47
C ARG B 17 -1.95 -2.75 54.83
N ILE B 18 -0.67 -2.67 54.50
CA ILE B 18 0.04 -3.82 53.96
C ILE B 18 0.05 -4.98 54.96
N ARG B 19 0.15 -4.66 56.24
CA ARG B 19 0.11 -5.67 57.28
C ARG B 19 -1.27 -6.29 57.40
N HIS B 20 -2.29 -5.45 57.32
CA HIS B 20 -3.66 -5.91 57.33
C HIS B 20 -3.90 -6.91 56.18
N VAL B 21 -3.52 -6.57 54.94
CA VAL B 21 -3.73 -7.51 53.83
C VAL B 21 -2.84 -8.76 53.95
N ALA B 22 -1.73 -8.63 54.67
CA ALA B 22 -0.92 -9.80 55.00
C ALA B 22 -1.68 -10.80 55.88
N LYS B 23 -2.43 -10.29 56.85
CA LYS B 23 -3.20 -11.14 57.79
C LYS B 23 -4.34 -11.82 57.07
N ILE B 24 -4.97 -11.10 56.14
CA ILE B 24 -6.02 -11.65 55.30
C ILE B 24 -5.48 -12.80 54.45
N VAL B 25 -4.32 -12.59 53.84
CA VAL B 25 -3.65 -13.60 53.03
C VAL B 25 -3.29 -14.82 53.89
N THR B 26 -2.79 -14.58 55.10
CA THR B 26 -2.42 -15.65 56.04
C THR B 26 -3.63 -16.45 56.49
N LYS B 27 -4.73 -15.74 56.74
CA LYS B 27 -5.97 -16.35 57.18
C LYS B 27 -6.56 -17.29 56.12
N ARG B 28 -6.45 -16.91 54.84
CA ARG B 28 -6.95 -17.76 53.76
C ARG B 28 -6.00 -18.93 53.53
N LYS B 29 -4.72 -18.71 53.79
CA LYS B 29 -3.70 -19.76 53.64
C LYS B 29 -3.98 -20.95 54.55
N LYS B 30 -4.69 -20.69 55.64
CA LYS B 30 -5.10 -21.72 56.58
C LYS B 30 -6.29 -22.56 56.08
N GLU B 31 -7.18 -21.96 55.29
CA GLU B 31 -8.29 -22.69 54.71
C GLU B 31 -7.88 -23.34 53.39
N ASP B 32 -7.18 -22.57 52.55
CA ASP B 32 -6.76 -23.02 51.22
C ASP B 32 -5.24 -23.03 51.15
N ASP B 33 -4.69 -24.21 50.85
CA ASP B 33 -3.24 -24.42 50.86
C ASP B 33 -2.48 -23.54 49.85
N ASP B 34 -3.04 -23.36 48.65
CA ASP B 34 -2.34 -22.68 47.57
C ASP B 34 -2.90 -21.29 47.33
N VAL B 35 -2.07 -20.28 47.58
CA VAL B 35 -2.46 -18.89 47.40
C VAL B 35 -1.42 -18.12 46.59
N VAL B 36 -1.85 -17.44 45.54
CA VAL B 36 -1.01 -16.51 44.78
C VAL B 36 -1.57 -15.12 45.02
N VAL B 37 -0.73 -14.14 45.38
CA VAL B 37 -1.27 -12.78 45.50
C VAL B 37 -0.82 -11.86 44.36
N VAL B 38 -1.66 -10.88 44.06
CA VAL B 38 -1.38 -9.96 42.98
C VAL B 38 -1.56 -8.58 43.56
N VAL B 39 -0.55 -7.74 43.44
CA VAL B 39 -0.61 -6.47 44.13
C VAL B 39 -0.27 -5.30 43.19
N SER B 40 -1.00 -4.20 43.35
CA SER B 40 -0.66 -2.94 42.70
C SER B 40 0.40 -2.14 43.51
N ALA B 41 0.85 -1.04 42.92
CA ALA B 41 1.67 -0.06 43.62
C ALA B 41 0.87 0.49 44.79
N MET B 42 1.55 0.94 45.83
CA MET B 42 0.92 1.75 46.86
C MET B 42 0.19 2.93 46.20
N SER B 43 -0.97 3.31 46.75
CA SER B 43 -1.75 4.39 46.17
C SER B 43 -0.93 5.68 45.98
N GLU B 44 -1.30 6.45 44.95
CA GLU B 44 -0.61 7.70 44.56
C GLU B 44 0.72 7.51 43.80
N VAL B 45 1.31 6.33 43.89
CA VAL B 45 2.65 6.11 43.34
C VAL B 45 2.69 6.12 41.81
N THR B 46 1.89 5.25 41.18
CA THR B 46 1.75 5.21 39.71
C THR B 46 1.54 6.62 39.12
N ASN B 47 0.69 7.42 39.76
CA ASN B 47 0.46 8.80 39.32
C ASN B 47 1.74 9.64 39.42
N ALA B 48 2.42 9.53 40.57
CA ALA B 48 3.65 10.24 40.86
C ALA B 48 4.73 9.93 39.84
N LEU B 49 4.77 8.67 39.39
CA LEU B 49 5.75 8.22 38.41
C LEU B 49 5.46 8.78 37.03
N VAL B 50 4.18 8.92 36.69
CA VAL B 50 3.77 9.56 35.44
C VAL B 50 4.23 11.02 35.38
N GLU B 51 4.06 11.76 36.49
CA GLU B 51 4.41 13.18 36.51
C GLU B 51 5.91 13.43 36.38
N ILE B 52 6.71 12.63 37.09
CA ILE B 52 8.16 12.78 37.08
C ILE B 52 8.74 12.37 35.72
N SER B 53 8.10 11.41 35.06
CA SER B 53 8.49 11.03 33.70
C SER B 53 8.46 12.27 32.81
N GLN B 54 7.27 12.83 32.65
CA GLN B 54 7.06 14.01 31.83
C GLN B 54 7.95 15.19 32.26
N GLN B 55 8.13 15.35 33.57
CA GLN B 55 8.97 16.42 34.13
C GLN B 55 10.43 16.24 33.70
N ALA B 56 10.94 15.02 33.85
CA ALA B 56 12.29 14.68 33.44
C ALA B 56 12.49 14.92 31.95
N LEU B 57 11.45 14.65 31.16
CA LEU B 57 11.50 14.89 29.72
C LEU B 57 11.50 16.37 29.39
N ASP B 58 10.61 17.13 30.02
CA ASP B 58 10.35 18.53 29.66
C ASP B 58 11.30 19.54 30.30
N VAL B 59 11.27 19.67 31.62
CA VAL B 59 12.09 20.66 32.32
C VAL B 59 13.56 20.20 32.42
N ARG B 60 13.76 18.89 32.52
CA ARG B 60 15.08 18.25 32.50
C ARG B 60 15.96 18.65 33.69
N ASP B 61 15.43 18.57 34.90
CA ASP B 61 16.16 19.00 36.09
C ASP B 61 16.50 17.86 37.04
N ILE B 62 17.79 17.63 37.25
CA ILE B 62 18.30 16.56 38.10
C ILE B 62 17.97 16.72 39.59
N ALA B 63 17.86 17.97 40.04
CA ALA B 63 17.49 18.25 41.43
C ALA B 63 16.08 17.77 41.73
N LYS B 64 15.15 17.99 40.79
CA LYS B 64 13.78 17.50 40.92
C LYS B 64 13.71 15.97 40.90
N VAL B 65 14.61 15.34 40.15
CA VAL B 65 14.74 13.87 40.15
C VAL B 65 15.25 13.41 41.51
N GLY B 66 16.31 14.05 41.98
CA GLY B 66 16.83 13.84 43.33
C GLY B 66 15.77 14.01 44.40
N ASP B 67 14.90 15.00 44.21
CA ASP B 67 13.76 15.25 45.09
C ASP B 67 12.74 14.10 45.02
N PHE B 68 12.36 13.71 43.80
CA PHE B 68 11.38 12.65 43.64
C PHE B 68 11.83 11.35 44.28
N ILE B 69 13.11 11.04 44.13
CA ILE B 69 13.66 9.83 44.74
C ILE B 69 13.55 9.88 46.26
N LYS B 70 13.79 11.05 46.84
CA LYS B 70 13.61 11.24 48.28
C LYS B 70 12.17 11.01 48.75
N PHE B 71 11.18 11.40 47.95
CA PHE B 71 9.77 11.13 48.26
C PHE B 71 9.51 9.62 48.25
N ILE B 72 9.91 8.96 47.16
CA ILE B 72 9.73 7.52 46.99
C ILE B 72 10.41 6.68 48.07
N ARG B 73 11.64 7.06 48.44
CA ARG B 73 12.41 6.33 49.44
C ARG B 73 11.73 6.39 50.80
N GLU B 74 11.38 7.61 51.22
CA GLU B 74 10.67 7.83 52.49
C GLU B 74 9.42 6.98 52.58
N LYS B 75 8.50 7.20 51.64
CA LYS B 75 7.23 6.49 51.57
C LYS B 75 7.38 4.98 51.81
N HIS B 76 8.32 4.37 51.11
CA HIS B 76 8.48 2.93 51.17
C HIS B 76 9.25 2.47 52.40
N TYR B 77 10.19 3.29 52.86
CA TYR B 77 10.87 3.01 54.14
C TYR B 77 9.89 3.01 55.31
N LYS B 78 9.02 4.02 55.37
CA LYS B 78 8.00 4.09 56.40
C LYS B 78 7.08 2.89 56.32
N ALA B 79 6.72 2.52 55.09
CA ALA B 79 5.89 1.36 54.86
C ALA B 79 6.50 0.11 55.50
N ILE B 80 7.75 -0.21 55.13
CA ILE B 80 8.48 -1.36 55.70
C ILE B 80 8.47 -1.32 57.23
N GLU B 81 8.84 -0.17 57.79
CA GLU B 81 8.91 0.03 59.23
C GLU B 81 7.56 -0.18 59.92
N GLU B 82 6.48 -0.12 59.18
CA GLU B 82 5.14 -0.23 59.74
C GLU B 82 4.43 -1.56 59.42
N ALA B 83 4.88 -2.22 58.36
CA ALA B 83 4.32 -3.49 57.96
C ALA B 83 4.97 -4.66 58.68
N ILE B 84 6.26 -4.55 58.94
CA ILE B 84 7.07 -5.69 59.36
C ILE B 84 7.68 -5.45 60.74
N LYS B 85 7.49 -6.40 61.64
CA LYS B 85 8.06 -6.36 62.99
C LYS B 85 9.53 -6.82 63.00
N SER B 86 9.82 -7.87 62.22
CA SER B 86 11.14 -8.51 62.17
C SER B 86 12.22 -7.64 61.52
N GLU B 87 13.30 -7.39 62.27
CA GLU B 87 14.43 -6.61 61.78
C GLU B 87 15.16 -7.31 60.64
N GLU B 88 15.29 -8.64 60.73
CA GLU B 88 16.01 -9.40 59.71
C GLU B 88 15.27 -9.36 58.37
N ILE B 89 13.95 -9.48 58.43
CA ILE B 89 13.13 -9.35 57.22
C ILE B 89 13.18 -7.90 56.73
N LYS B 90 13.01 -6.98 57.67
CA LYS B 90 13.02 -5.54 57.42
C LYS B 90 14.27 -5.10 56.62
N GLU B 91 15.42 -5.71 56.90
CA GLU B 91 16.66 -5.43 56.17
C GLU B 91 16.72 -6.06 54.78
N GLU B 92 16.03 -7.19 54.61
CA GLU B 92 16.00 -7.87 53.32
C GLU B 92 15.19 -7.07 52.32
N VAL B 93 14.08 -6.51 52.79
CA VAL B 93 13.18 -5.73 51.96
C VAL B 93 13.83 -4.39 51.65
N LYS B 94 14.37 -3.74 52.70
CA LYS B 94 15.07 -2.48 52.50
C LYS B 94 16.12 -2.65 51.41
N LYS B 95 16.86 -3.76 51.45
CA LYS B 95 17.88 -4.08 50.44
C LYS B 95 17.25 -4.01 49.06
N ILE B 96 16.14 -4.73 48.88
CA ILE B 96 15.48 -4.79 47.59
C ILE B 96 15.06 -3.39 47.14
N ILE B 97 14.34 -2.66 47.99
CA ILE B 97 13.85 -1.32 47.68
C ILE B 97 14.98 -0.45 47.16
N ASP B 98 16.12 -0.49 47.87
CA ASP B 98 17.31 0.27 47.52
C ASP B 98 17.82 0.00 46.11
N SER B 99 17.84 -1.26 45.71
CA SER B 99 18.14 -1.61 44.33
C SER B 99 17.24 -0.88 43.36
N ARG B 100 15.93 -0.96 43.59
CA ARG B 100 14.98 -0.39 42.65
C ARG B 100 15.07 1.13 42.55
N ILE B 101 15.20 1.81 43.69
CA ILE B 101 15.39 3.27 43.72
C ILE B 101 16.59 3.67 42.87
N GLU B 102 17.72 3.01 43.11
CA GLU B 102 18.94 3.24 42.35
C GLU B 102 18.70 3.06 40.84
N GLU B 103 17.94 2.02 40.48
CA GLU B 103 17.65 1.73 39.08
C GLU B 103 16.72 2.77 38.48
N LEU B 104 15.72 3.17 39.26
CA LEU B 104 14.74 4.16 38.84
C LEU B 104 15.41 5.51 38.67
N GLU B 105 16.35 5.82 39.57
CA GLU B 105 17.05 7.10 39.49
C GLU B 105 17.85 7.23 38.19
N LYS B 106 18.52 6.15 37.78
CA LYS B 106 19.34 6.19 36.58
C LYS B 106 18.52 6.38 35.32
N VAL B 107 17.37 5.73 35.25
CA VAL B 107 16.46 5.92 34.12
C VAL B 107 16.03 7.38 34.05
N LEU B 108 15.62 7.95 35.18
CA LEU B 108 15.18 9.33 35.21
C LEU B 108 16.29 10.32 34.88
N ILE B 109 17.46 10.16 35.51
CA ILE B 109 18.60 10.99 35.14
C ILE B 109 18.90 10.76 33.65
N GLY B 110 18.88 9.49 33.23
CA GLY B 110 19.00 9.15 31.82
C GLY B 110 18.09 9.98 30.94
N VAL B 111 16.79 9.93 31.17
CA VAL B 111 15.83 10.68 30.33
C VAL B 111 16.02 12.20 30.39
N ALA B 112 16.34 12.73 31.56
CA ALA B 112 16.64 14.16 31.67
C ALA B 112 17.84 14.54 30.81
N TYR B 113 18.90 13.75 30.92
CA TYR B 113 20.16 13.97 30.20
C TYR B 113 20.00 13.94 28.67
N LEU B 114 19.25 12.97 28.17
CA LEU B 114 19.07 12.82 26.73
C LEU B 114 17.88 13.61 26.18
N GLY B 115 16.88 13.85 27.01
CA GLY B 115 15.65 14.50 26.58
C GLY B 115 14.85 13.60 25.64
N GLU B 116 14.83 12.31 25.93
CA GLU B 116 14.09 11.33 25.15
C GLU B 116 13.35 10.36 26.07
N LEU B 117 12.03 10.36 25.96
CA LEU B 117 11.18 9.46 26.72
C LEU B 117 10.33 8.59 25.79
N THR B 118 10.95 7.54 25.26
CA THR B 118 10.27 6.54 24.43
C THR B 118 9.24 5.74 25.25
N PRO B 119 8.23 5.15 24.57
CA PRO B 119 7.29 4.25 25.25
C PRO B 119 7.97 3.18 26.13
N LYS B 120 9.01 2.54 25.62
CA LYS B 120 9.80 1.55 26.38
C LYS B 120 10.23 2.07 27.75
N SER B 121 10.84 3.25 27.77
CA SER B 121 11.28 3.84 29.02
C SER B 121 10.08 4.31 29.83
N ARG B 122 9.03 4.74 29.15
CA ARG B 122 7.81 5.15 29.83
C ARG B 122 7.20 3.98 30.62
N ASP B 123 7.31 2.77 30.07
CA ASP B 123 6.81 1.58 30.72
C ASP B 123 7.74 1.07 31.80
N TYR B 124 9.04 1.16 31.57
CA TYR B 124 10.00 0.69 32.55
C TYR B 124 9.85 1.48 33.85
N ILE B 125 9.66 2.78 33.70
CA ILE B 125 9.48 3.66 34.85
C ILE B 125 8.21 3.34 35.66
N LEU B 126 7.04 3.26 35.01
CA LEU B 126 5.78 2.98 35.71
C LEU B 126 5.89 1.69 36.50
N SER B 127 6.56 0.72 35.90
CA SER B 127 6.88 -0.56 36.48
C SER B 127 7.30 -0.49 37.94
N PHE B 128 8.10 0.52 38.29
CA PHE B 128 8.71 0.58 39.61
C PHE B 128 7.67 0.62 40.71
N GLY B 129 6.49 1.13 40.40
CA GLY B 129 5.40 1.16 41.35
C GLY B 129 5.20 -0.18 42.03
N GLU B 130 4.90 -1.19 41.23
CA GLU B 130 4.62 -2.53 41.74
C GLU B 130 5.85 -3.29 42.23
N ARG B 131 7.00 -3.02 41.62
CA ARG B 131 8.25 -3.65 42.00
C ARG B 131 8.76 -3.13 43.35
N LEU B 132 8.12 -2.08 43.86
CA LEU B 132 8.40 -1.58 45.23
C LEU B 132 7.37 -2.04 46.28
N SER B 133 6.12 -2.26 45.86
CA SER B 133 5.10 -2.79 46.75
C SER B 133 5.33 -4.25 47.06
N SER B 134 5.40 -5.06 46.02
CA SER B 134 5.42 -6.51 46.15
C SER B 134 6.42 -7.03 47.20
N PRO B 135 7.67 -6.53 47.20
CA PRO B 135 8.60 -7.08 48.20
C PRO B 135 8.17 -6.76 49.62
N ILE B 136 7.48 -5.65 49.83
CA ILE B 136 7.02 -5.30 51.16
C ILE B 136 5.89 -6.21 51.60
N LEU B 137 4.93 -6.45 50.71
CA LEU B 137 3.84 -7.36 51.03
C LEU B 137 4.40 -8.74 51.28
N SER B 138 5.34 -9.15 50.43
CA SER B 138 5.98 -10.45 50.59
C SER B 138 6.68 -10.53 51.95
N GLY B 139 7.37 -9.46 52.32
CA GLY B 139 8.04 -9.36 53.62
C GLY B 139 7.07 -9.46 54.77
N ALA B 140 5.94 -8.77 54.67
CA ALA B 140 4.95 -8.81 55.74
C ALA B 140 4.37 -10.21 55.92
N ILE B 141 4.32 -10.98 54.83
CA ILE B 141 3.78 -12.34 54.88
C ILE B 141 4.78 -13.28 55.56
N ARG B 142 6.03 -13.23 55.11
CA ARG B 142 7.11 -13.95 55.79
C ARG B 142 7.15 -13.59 57.26
N ASP B 143 7.05 -12.28 57.56
CA ASP B 143 6.97 -11.77 58.93
C ASP B 143 5.88 -12.46 59.75
N LEU B 144 4.78 -12.83 59.11
CA LEU B 144 3.67 -13.49 59.81
C LEU B 144 3.75 -15.02 59.86
N GLY B 145 4.82 -15.59 59.30
CA GLY B 145 5.07 -17.02 59.43
C GLY B 145 4.96 -17.89 58.19
N GLU B 146 4.43 -17.35 57.09
CA GLU B 146 4.35 -18.10 55.82
C GLU B 146 5.54 -17.82 54.89
N LYS B 147 5.95 -18.84 54.13
CA LYS B 147 6.95 -18.68 53.08
C LYS B 147 6.40 -17.84 51.92
N SER B 148 7.14 -16.82 51.51
CA SER B 148 6.71 -15.95 50.42
C SER B 148 7.85 -15.26 49.71
N ILE B 149 7.72 -15.09 48.39
CA ILE B 149 8.62 -14.21 47.64
C ILE B 149 7.86 -13.37 46.63
N ALA B 150 8.45 -12.24 46.23
CA ALA B 150 7.87 -11.33 45.24
C ALA B 150 8.37 -11.62 43.83
N LEU B 151 7.51 -11.45 42.84
CA LEU B 151 7.86 -11.68 41.44
C LEU B 151 7.29 -10.60 40.53
N GLU B 152 7.96 -10.39 39.39
CA GLU B 152 7.40 -9.57 38.35
C GLU B 152 6.50 -10.42 37.50
N GLY B 153 5.53 -9.78 36.85
CA GLY B 153 4.57 -10.43 35.96
C GLY B 153 5.22 -11.25 34.87
N GLY B 154 6.29 -10.73 34.29
CA GLY B 154 7.04 -11.47 33.28
C GLY B 154 7.71 -12.71 33.85
N GLU B 155 8.31 -12.53 35.01
CA GLU B 155 8.93 -13.58 35.79
C GLU B 155 7.89 -14.62 36.22
N ALA B 156 6.63 -14.20 36.32
CA ALA B 156 5.56 -15.09 36.76
C ALA B 156 4.79 -15.73 35.60
N GLY B 157 5.17 -15.39 34.37
CA GLY B 157 4.60 -16.01 33.17
C GLY B 157 3.72 -15.15 32.28
N ILE B 158 3.84 -13.83 32.40
CA ILE B 158 3.06 -12.93 31.55
C ILE B 158 3.95 -12.41 30.42
N ILE B 159 3.91 -13.12 29.30
CA ILE B 159 4.72 -12.77 28.14
C ILE B 159 3.83 -12.00 27.20
N THR B 160 4.26 -10.79 26.85
CA THR B 160 3.40 -9.88 26.11
C THR B 160 4.01 -9.42 24.80
N ASP B 161 3.14 -8.87 23.96
CA ASP B 161 3.47 -8.01 22.84
C ASP B 161 4.55 -7.00 23.25
N ASN B 162 5.18 -6.36 22.26
CA ASN B 162 6.07 -5.24 22.55
C ASN B 162 5.37 -3.88 22.39
N ASN B 163 4.05 -3.89 22.39
CA ASN B 163 3.28 -2.65 22.30
C ASN B 163 3.18 -1.93 23.65
N PHE B 164 4.26 -1.25 24.02
CA PHE B 164 4.39 -0.57 25.31
C PHE B 164 3.24 0.36 25.65
N GLY B 165 2.79 0.31 26.90
CA GLY B 165 1.70 1.15 27.37
C GLY B 165 0.37 0.41 27.47
N SER B 166 0.14 -0.49 26.53
CA SER B 166 -1.06 -1.30 26.49
C SER B 166 -0.77 -2.61 25.78
N ALA B 167 0.10 -3.42 26.36
CA ALA B 167 0.61 -4.63 25.72
C ALA B 167 -0.40 -5.77 25.68
N ARG B 168 -0.44 -6.47 24.56
CA ARG B 168 -1.28 -7.67 24.43
C ARG B 168 -0.51 -8.88 24.97
N VAL B 169 -1.22 -9.83 25.57
CA VAL B 169 -0.57 -11.04 26.09
C VAL B 169 -0.42 -12.11 24.99
N LYS B 170 0.82 -12.54 24.76
CA LYS B 170 1.12 -13.54 23.72
C LYS B 170 1.09 -14.98 24.28
N ARG B 171 2.03 -15.31 25.17
CA ARG B 171 2.06 -16.61 25.82
C ARG B 171 1.76 -16.51 27.31
N LEU B 172 1.03 -17.49 27.84
CA LEU B 172 0.82 -17.63 29.27
C LEU B 172 1.60 -18.79 29.81
N GLU B 173 2.65 -18.49 30.56
CA GLU B 173 3.55 -19.50 31.08
C GLU B 173 3.48 -19.56 32.61
N VAL B 174 2.30 -19.18 33.13
CA VAL B 174 2.03 -19.04 34.56
C VAL B 174 2.15 -20.37 35.29
N LYS B 175 1.68 -21.43 34.67
CA LYS B 175 1.75 -22.77 35.25
C LYS B 175 3.20 -23.24 35.40
N GLU B 176 4.05 -22.93 34.41
CA GLU B 176 5.49 -23.28 34.44
C GLU B 176 6.28 -22.63 35.59
N ARG B 177 6.01 -21.35 35.88
CA ARG B 177 6.77 -20.61 36.90
C ARG B 177 6.22 -20.79 38.30
N LEU B 178 4.91 -20.67 38.46
CA LEU B 178 4.29 -20.54 39.78
C LEU B 178 4.04 -21.85 40.51
N LEU B 179 3.72 -22.89 39.77
CA LEU B 179 3.35 -24.15 40.38
C LEU B 179 4.48 -24.77 41.22
N PRO B 180 5.73 -24.80 40.70
CA PRO B 180 6.81 -25.28 41.56
C PRO B 180 6.91 -24.48 42.87
N LEU B 181 6.69 -23.18 42.80
CA LEU B 181 6.62 -22.32 44.00
C LEU B 181 5.50 -22.74 44.95
N LEU B 182 4.32 -23.00 44.41
CA LEU B 182 3.19 -23.37 45.25
C LEU B 182 3.44 -24.72 45.94
N LYS B 183 4.05 -25.63 45.20
CA LYS B 183 4.29 -26.99 45.67
C LYS B 183 5.21 -27.03 46.89
N GLU B 184 6.16 -26.09 46.95
CA GLU B 184 7.00 -25.93 48.14
C GLU B 184 6.28 -25.30 49.33
N GLY B 185 5.07 -24.79 49.11
CA GLY B 185 4.29 -24.12 50.16
C GLY B 185 4.45 -22.61 50.19
N ILE B 186 4.92 -22.04 49.07
CA ILE B 186 5.26 -20.62 49.00
C ILE B 186 4.13 -19.78 48.45
N ILE B 187 3.89 -18.63 49.07
CA ILE B 187 2.96 -17.64 48.54
C ILE B 187 3.72 -16.68 47.63
N PRO B 188 3.68 -16.91 46.30
CA PRO B 188 4.29 -15.92 45.44
C PRO B 188 3.41 -14.67 45.39
N VAL B 189 4.01 -13.49 45.53
CA VAL B 189 3.25 -12.25 45.32
C VAL B 189 3.71 -11.64 44.02
N VAL B 190 2.79 -11.55 43.06
CA VAL B 190 3.11 -11.11 41.71
C VAL B 190 2.77 -9.65 41.53
N THR B 191 3.69 -8.88 40.98
CA THR B 191 3.41 -7.48 40.62
C THR B 191 2.33 -7.48 39.57
N GLY B 192 1.19 -6.89 39.89
CA GLY B 192 0.09 -6.79 38.93
C GLY B 192 0.37 -5.72 37.90
N PHE B 193 -0.33 -5.77 36.77
CA PHE B 193 -0.29 -4.66 35.79
C PHE B 193 0.91 -4.69 34.84
N ILE B 194 1.92 -5.53 35.12
CA ILE B 194 3.10 -5.59 34.24
C ILE B 194 3.39 -6.95 33.63
N GLY B 195 3.95 -6.94 32.43
CA GLY B 195 4.35 -8.16 31.75
C GLY B 195 5.78 -8.03 31.29
N THR B 196 6.22 -8.95 30.45
CA THR B 196 7.55 -8.86 29.87
C THR B 196 7.54 -9.32 28.42
N THR B 197 8.66 -9.13 27.75
CA THR B 197 8.75 -9.39 26.34
C THR B 197 9.86 -10.42 26.11
N GLU B 198 9.74 -11.18 25.03
CA GLU B 198 10.79 -12.13 24.63
C GLU B 198 12.15 -11.71 25.14
N GLU B 199 12.57 -10.49 24.80
CA GLU B 199 13.90 -10.02 25.17
C GLU B 199 14.02 -9.49 26.61
N GLY B 200 12.90 -9.46 27.33
CA GLY B 200 12.91 -9.11 28.74
C GLY B 200 12.59 -7.67 29.08
N TYR B 201 12.11 -6.92 28.09
CA TYR B 201 11.65 -5.56 28.31
C TYR B 201 10.32 -5.59 29.05
N ILE B 202 10.27 -4.87 30.16
CA ILE B 202 9.05 -4.70 30.94
C ILE B 202 7.97 -4.02 30.12
N THR B 203 6.72 -4.47 30.30
CA THR B 203 5.57 -3.85 29.67
C THR B 203 4.47 -3.63 30.71
N THR B 204 3.55 -2.73 30.40
CA THR B 204 2.37 -2.52 31.24
C THR B 204 1.12 -2.94 30.49
N LEU B 205 0.11 -3.37 31.25
CA LEU B 205 -1.11 -3.93 30.66
C LEU B 205 -2.21 -2.89 30.45
N GLY B 206 -2.07 -1.72 31.07
CA GLY B 206 -3.04 -0.63 30.90
C GLY B 206 -4.04 -0.47 32.04
N ARG B 207 -5.09 0.30 31.78
CA ARG B 207 -6.18 0.56 32.72
C ARG B 207 -6.74 -0.78 33.21
N GLY B 208 -6.77 -0.95 34.52
CA GLY B 208 -7.25 -2.21 35.12
C GLY B 208 -6.31 -3.40 34.91
N GLY B 209 -5.03 -3.12 34.71
CA GLY B 209 -4.03 -4.16 34.50
C GLY B 209 -3.88 -5.16 35.63
N SER B 210 -3.84 -4.67 36.87
CA SER B 210 -3.69 -5.56 38.05
C SER B 210 -4.79 -6.62 38.09
N ASP B 211 -6.03 -6.16 37.88
CA ASP B 211 -7.16 -7.06 37.80
C ASP B 211 -6.97 -8.08 36.70
N TYR B 212 -6.44 -7.61 35.56
CA TYR B 212 -6.18 -8.47 34.42
C TYR B 212 -5.14 -9.54 34.74
N SER B 213 -4.14 -9.16 35.55
CA SER B 213 -3.08 -10.08 35.96
C SER B 213 -3.65 -11.20 36.79
N ALA B 214 -4.50 -10.84 37.74
CA ALA B 214 -5.14 -11.83 38.60
C ALA B 214 -5.94 -12.82 37.76
N ALA B 215 -6.70 -12.31 36.78
CA ALA B 215 -7.46 -13.16 35.87
C ALA B 215 -6.56 -14.12 35.07
N LEU B 216 -5.42 -13.62 34.60
CA LEU B 216 -4.49 -14.45 33.85
C LEU B 216 -3.83 -15.56 34.68
N ILE B 217 -3.37 -15.21 35.89
CA ILE B 217 -2.86 -16.20 36.86
C ILE B 217 -3.94 -17.25 37.09
N GLY B 218 -5.13 -16.80 37.45
CA GLY B 218 -6.26 -17.68 37.73
C GLY B 218 -6.55 -18.61 36.57
N TYR B 219 -6.65 -18.06 35.36
CA TYR B 219 -6.88 -18.84 34.14
C TYR B 219 -5.74 -19.84 33.90
N GLY B 220 -4.50 -19.36 34.03
CA GLY B 220 -3.33 -20.20 33.83
C GLY B 220 -3.26 -21.37 34.79
N LEU B 221 -3.61 -21.12 36.04
CA LEU B 221 -3.55 -22.16 37.07
C LEU B 221 -4.81 -23.03 37.18
N ASP B 222 -5.91 -22.60 36.58
CA ASP B 222 -7.22 -23.21 36.83
C ASP B 222 -7.60 -23.05 38.31
N ALA B 223 -7.43 -21.83 38.82
CA ALA B 223 -7.69 -21.54 40.23
C ALA B 223 -9.13 -21.86 40.57
N ASP B 224 -9.35 -22.30 41.79
CA ASP B 224 -10.68 -22.49 42.31
C ASP B 224 -11.45 -21.17 42.37
N ILE B 225 -10.77 -20.08 42.72
CA ILE B 225 -11.42 -18.78 42.86
C ILE B 225 -10.47 -17.60 42.66
N ILE B 226 -10.96 -16.55 42.02
CA ILE B 226 -10.24 -15.27 41.94
C ILE B 226 -10.91 -14.27 42.87
N GLU B 227 -10.14 -13.70 43.79
CA GLU B 227 -10.65 -12.73 44.76
C GLU B 227 -10.06 -11.36 44.54
N ILE B 228 -10.92 -10.41 44.23
CA ILE B 228 -10.50 -9.05 43.98
C ILE B 228 -10.87 -8.22 45.20
N TRP B 229 -9.84 -7.83 45.95
CA TRP B 229 -10.02 -7.09 47.19
C TRP B 229 -9.88 -5.61 46.93
N THR B 230 -10.89 -4.85 47.32
CA THR B 230 -10.89 -3.41 47.11
C THR B 230 -11.37 -2.67 48.36
N ASP B 231 -11.75 -1.41 48.22
CA ASP B 231 -12.25 -0.65 49.35
C ASP B 231 -13.79 -0.52 49.41
N VAL B 232 -14.50 -1.18 48.49
CA VAL B 232 -15.98 -1.25 48.56
C VAL B 232 -16.51 -2.69 48.66
N SER B 233 -17.69 -2.84 49.26
CA SER B 233 -18.23 -4.17 49.57
C SER B 233 -18.96 -4.80 48.38
N GLY B 234 -18.19 -5.19 47.36
CA GLY B 234 -18.77 -5.76 46.14
C GLY B 234 -19.35 -4.73 45.18
N VAL B 235 -20.17 -5.21 44.25
CA VAL B 235 -20.81 -4.39 43.24
C VAL B 235 -22.16 -3.91 43.78
N TYR B 236 -22.42 -2.61 43.63
CA TYR B 236 -23.71 -2.04 44.05
C TYR B 236 -24.80 -2.09 42.95
N THR B 237 -26.06 -2.03 43.37
CA THR B 237 -27.22 -2.01 42.46
C THR B 237 -27.25 -0.74 41.62
N THR B 238 -26.64 0.31 42.16
CA THR B 238 -26.30 1.51 41.39
C THR B 238 -25.32 2.39 42.15
N ASP B 239 -24.95 3.52 41.57
CA ASP B 239 -24.03 4.46 42.20
C ASP B 239 -24.66 5.02 43.49
N PRO B 240 -23.97 4.81 44.64
CA PRO B 240 -24.54 5.18 45.94
C PRO B 240 -24.66 6.69 46.10
N ARG B 241 -23.81 7.42 45.37
CA ARG B 241 -23.90 8.88 45.30
C ARG B 241 -25.27 9.34 44.82
N LEU B 242 -25.84 8.62 43.86
CA LEU B 242 -27.15 8.97 43.28
C LEU B 242 -28.35 8.38 44.05
N VAL B 243 -28.16 7.20 44.63
CA VAL B 243 -29.16 6.55 45.47
C VAL B 243 -28.46 6.08 46.73
N PRO B 244 -28.74 6.76 47.87
CA PRO B 244 -28.01 6.52 49.13
C PRO B 244 -28.27 5.14 49.71
N THR B 245 -29.46 4.61 49.44
CA THR B 245 -29.87 3.31 49.96
C THR B 245 -29.53 2.17 48.99
N ALA B 246 -28.44 2.33 48.23
CA ALA B 246 -28.00 1.29 47.31
C ALA B 246 -27.39 0.11 48.08
N ARG B 247 -27.77 -1.10 47.69
CA ARG B 247 -27.31 -2.32 48.36
C ARG B 247 -26.29 -3.06 47.50
N ARG B 248 -25.48 -3.89 48.15
CA ARG B 248 -24.49 -4.72 47.48
C ARG B 248 -25.18 -5.91 46.82
N ILE B 249 -24.83 -6.17 45.56
CA ILE B 249 -25.33 -7.33 44.84
C ILE B 249 -24.60 -8.58 45.35
N PRO B 250 -25.33 -9.55 45.92
CA PRO B 250 -24.69 -10.76 46.44
C PRO B 250 -24.11 -11.68 45.37
N LYS B 251 -24.84 -11.85 44.27
CA LYS B 251 -24.45 -12.75 43.20
C LYS B 251 -24.76 -12.12 41.84
N LEU B 252 -23.90 -12.40 40.88
CA LEU B 252 -23.95 -11.74 39.60
C LEU B 252 -23.47 -12.80 38.62
N SER B 253 -24.00 -12.80 37.40
CA SER B 253 -23.51 -13.74 36.41
C SER B 253 -22.41 -13.10 35.56
N TYR B 254 -21.63 -13.94 34.89
CA TYR B 254 -20.58 -13.45 33.98
C TYR B 254 -21.10 -12.47 32.94
N ILE B 255 -22.26 -12.78 32.34
CA ILE B 255 -22.88 -11.91 31.35
C ILE B 255 -23.33 -10.59 31.99
N GLU B 256 -23.96 -10.69 33.16
CA GLU B 256 -24.39 -9.49 33.88
C GLU B 256 -23.21 -8.57 34.21
N ALA B 257 -22.19 -9.15 34.85
CA ALA B 257 -20.94 -8.44 35.13
C ALA B 257 -20.36 -7.80 33.88
N MET B 258 -20.33 -8.55 32.78
CA MET B 258 -19.87 -8.03 31.51
C MET B 258 -20.70 -6.83 31.07
N GLU B 259 -22.02 -6.94 31.21
CA GLU B 259 -22.94 -5.89 30.78
C GLU B 259 -22.94 -4.66 31.67
N LEU B 260 -22.37 -4.80 32.87
CA LEU B 260 -22.24 -3.70 33.82
C LEU B 260 -20.89 -3.00 33.71
N ALA B 261 -19.94 -3.65 33.04
CA ALA B 261 -18.58 -3.15 32.91
C ALA B 261 -18.44 -2.20 31.72
N TYR B 262 -19.03 -1.02 31.85
CA TYR B 262 -18.93 0.00 30.81
C TYR B 262 -17.51 0.57 30.73
N PHE B 263 -17.14 1.07 29.56
CA PHE B 263 -15.82 1.64 29.32
C PHE B 263 -15.57 2.82 30.26
N GLY B 264 -14.55 2.67 31.11
CA GLY B 264 -14.24 3.66 32.14
C GLY B 264 -14.86 3.34 33.50
N ALA B 265 -15.25 2.08 33.70
CA ALA B 265 -15.91 1.65 34.93
C ALA B 265 -14.95 1.48 36.11
N LYS B 266 -15.52 1.22 37.28
CA LYS B 266 -14.79 1.29 38.53
C LYS B 266 -14.11 -0.02 38.87
N VAL B 267 -14.85 -1.13 38.86
CA VAL B 267 -14.33 -2.40 39.38
C VAL B 267 -14.30 -3.52 38.33
N LEU B 268 -15.36 -3.61 37.54
CA LEU B 268 -15.51 -4.67 36.55
C LEU B 268 -14.88 -4.25 35.24
N HIS B 269 -14.16 -5.15 34.58
CA HIS B 269 -13.71 -4.92 33.21
C HIS B 269 -13.85 -6.19 32.38
N PRO B 270 -14.23 -6.07 31.10
CA PRO B 270 -14.42 -7.26 30.26
C PRO B 270 -13.15 -8.11 30.06
N ARG B 271 -11.99 -7.48 29.96
CA ARG B 271 -10.71 -8.21 29.90
C ARG B 271 -10.55 -9.12 31.10
N THR B 272 -11.00 -8.66 32.26
CA THR B 272 -10.84 -9.38 33.50
C THR B 272 -11.86 -10.51 33.61
N ILE B 273 -13.12 -10.22 33.30
CA ILE B 273 -14.20 -11.19 33.44
C ILE B 273 -14.06 -12.36 32.45
N GLU B 274 -13.44 -12.11 31.30
CA GLU B 274 -13.39 -13.11 30.22
C GLU B 274 -12.71 -14.43 30.55
N PRO B 275 -11.43 -14.41 30.98
CA PRO B 275 -10.74 -15.67 31.28
C PRO B 275 -11.50 -16.49 32.31
N ALA B 276 -12.01 -15.81 33.34
CA ALA B 276 -12.77 -16.47 34.41
C ALA B 276 -14.01 -17.16 33.83
N MET B 277 -14.71 -16.47 32.94
CA MET B 277 -15.88 -17.01 32.26
C MET B 277 -15.57 -18.24 31.43
N GLU B 278 -14.43 -18.25 30.75
CA GLU B 278 -14.05 -19.33 29.86
C GLU B 278 -13.80 -20.63 30.58
N LYS B 279 -13.11 -20.54 31.72
CA LYS B 279 -12.81 -21.73 32.50
C LYS B 279 -13.76 -21.93 33.68
N GLY B 280 -14.74 -21.04 33.80
CA GLY B 280 -15.74 -21.11 34.86
C GLY B 280 -15.15 -20.95 36.24
N ILE B 281 -14.24 -19.99 36.40
CA ILE B 281 -13.67 -19.67 37.71
C ILE B 281 -14.50 -18.55 38.33
N PRO B 282 -15.07 -18.79 39.52
CA PRO B 282 -15.81 -17.70 40.16
C PRO B 282 -14.90 -16.53 40.51
N ILE B 283 -15.48 -15.32 40.47
CA ILE B 283 -14.81 -14.12 40.95
C ILE B 283 -15.51 -13.62 42.20
N LEU B 284 -14.74 -13.30 43.22
CA LEU B 284 -15.29 -12.71 44.42
C LEU B 284 -14.68 -11.34 44.65
N VAL B 285 -15.52 -10.34 44.82
CA VAL B 285 -15.07 -8.98 45.10
C VAL B 285 -15.30 -8.76 46.59
N LYS B 286 -14.26 -8.35 47.28
CA LYS B 286 -14.34 -8.18 48.73
C LYS B 286 -13.80 -6.84 49.17
N ASN B 287 -14.19 -6.44 50.37
CA ASN B 287 -13.75 -5.19 50.94
C ASN B 287 -12.58 -5.46 51.85
N THR B 288 -11.44 -4.82 51.61
CA THR B 288 -10.28 -5.04 52.46
C THR B 288 -10.49 -4.39 53.83
N PHE B 289 -11.22 -3.29 53.86
CA PHE B 289 -11.49 -2.57 55.10
C PHE B 289 -12.74 -3.10 55.80
N GLU B 290 -13.51 -3.90 55.07
CA GLU B 290 -14.65 -4.65 55.62
C GLU B 290 -14.58 -6.11 55.15
N PRO B 291 -13.65 -6.91 55.73
CA PRO B 291 -13.42 -8.29 55.30
C PRO B 291 -14.51 -9.30 55.69
N GLU B 292 -15.54 -8.83 56.42
CA GLU B 292 -16.63 -9.70 56.86
C GLU B 292 -17.79 -9.70 55.87
N SER B 293 -18.01 -8.58 55.19
CA SER B 293 -18.97 -8.52 54.11
C SER B 293 -18.84 -9.74 53.21
N GLU B 294 -19.97 -10.22 52.70
CA GLU B 294 -19.97 -11.38 51.83
C GLU B 294 -19.57 -10.97 50.41
N GLY B 295 -19.74 -9.69 50.07
CA GLY B 295 -19.33 -9.16 48.76
C GLY B 295 -20.15 -9.66 47.57
N THR B 296 -19.61 -9.47 46.37
CA THR B 296 -20.27 -9.88 45.12
C THR B 296 -19.60 -11.09 44.49
N LEU B 297 -20.33 -12.21 44.40
CA LEU B 297 -19.82 -13.39 43.71
C LEU B 297 -20.22 -13.36 42.24
N ILE B 298 -19.22 -13.30 41.38
CA ILE B 298 -19.46 -13.36 39.94
C ILE B 298 -19.25 -14.80 39.49
N THR B 299 -20.37 -15.50 39.31
CA THR B 299 -20.33 -16.92 39.02
C THR B 299 -21.22 -17.31 37.83
N ASN B 300 -21.68 -18.55 37.80
CA ASN B 300 -22.43 -19.10 36.67
C ASN B 300 -23.80 -18.43 36.44
N ASP B 301 -24.62 -18.38 37.50
CA ASP B 301 -25.88 -17.64 37.46
C ASP B 301 -26.19 -17.00 38.82
N SER B 305 -33.46 -19.66 40.84
CA SER B 305 -32.72 -18.41 40.94
C SER B 305 -33.55 -17.28 40.32
N ASP B 306 -33.99 -16.35 41.16
CA ASP B 306 -34.93 -15.29 40.74
C ASP B 306 -34.36 -13.87 40.86
N SER B 307 -34.91 -12.99 40.03
CA SER B 307 -34.66 -11.54 39.97
C SER B 307 -34.82 -11.16 38.50
N ILE B 308 -35.59 -10.10 38.25
CA ILE B 308 -35.69 -9.55 36.91
C ILE B 308 -34.52 -8.57 36.71
N VAL B 309 -34.59 -7.41 37.35
CA VAL B 309 -33.58 -6.37 37.20
C VAL B 309 -32.63 -6.42 38.39
N LYS B 310 -31.34 -6.49 38.08
CA LYS B 310 -30.31 -6.54 39.11
C LYS B 310 -29.69 -5.18 39.38
N ALA B 311 -29.30 -4.46 38.33
CA ALA B 311 -28.56 -3.23 38.52
C ALA B 311 -28.91 -2.16 37.50
N ILE B 312 -28.60 -0.91 37.85
CA ILE B 312 -28.66 0.22 36.93
C ILE B 312 -27.30 0.91 36.85
N SER B 313 -26.69 0.91 35.68
CA SER B 313 -25.46 1.67 35.47
C SER B 313 -25.79 3.00 34.81
N THR B 314 -24.84 3.94 34.84
CA THR B 314 -25.03 5.29 34.34
C THR B 314 -23.73 5.84 33.75
N ILE B 315 -23.85 6.74 32.78
CA ILE B 315 -22.68 7.38 32.20
C ILE B 315 -22.97 8.87 32.02
N LYS B 316 -22.48 9.67 32.97
CA LYS B 316 -22.78 11.10 33.01
C LYS B 316 -22.07 11.89 31.90
N ASN B 317 -22.70 12.98 31.48
CA ASN B 317 -22.13 13.92 30.49
C ASN B 317 -21.44 13.30 29.26
N VAL B 318 -22.22 12.68 28.40
CA VAL B 318 -21.72 12.24 27.10
C VAL B 318 -22.43 12.99 25.99
N ALA B 319 -22.13 12.61 24.75
CA ALA B 319 -22.69 13.32 23.61
C ALA B 319 -23.29 12.36 22.58
N LEU B 320 -24.29 12.86 21.86
CA LEU B 320 -25.09 12.05 20.96
C LEU B 320 -24.93 12.54 19.52
N ILE B 321 -24.42 11.68 18.65
CA ILE B 321 -24.15 12.07 17.28
C ILE B 321 -25.04 11.28 16.34
N ASN B 322 -25.87 11.99 15.60
CA ASN B 322 -26.72 11.38 14.59
C ASN B 322 -26.21 11.72 13.19
N ILE B 323 -26.01 10.68 12.39
CA ILE B 323 -25.53 10.88 11.02
C ILE B 323 -26.61 10.53 9.99
N PHE B 324 -27.19 11.57 9.39
CA PHE B 324 -28.21 11.42 8.35
C PHE B 324 -27.57 11.18 6.99
N GLY B 325 -28.04 10.15 6.30
CA GLY B 325 -27.37 9.68 5.08
C GLY B 325 -28.11 9.76 3.77
N ALA B 326 -27.32 9.80 2.69
CA ALA B 326 -27.85 9.68 1.33
C ALA B 326 -27.81 8.20 0.94
N GLY B 327 -28.96 7.54 1.10
CA GLY B 327 -29.05 6.10 0.90
C GLY B 327 -28.56 5.33 2.12
N MET B 328 -27.26 5.42 2.39
CA MET B 328 -26.62 4.75 3.53
C MET B 328 -26.94 3.25 3.65
N VAL B 329 -27.30 2.65 2.52
CA VAL B 329 -27.75 1.25 2.46
C VAL B 329 -26.61 0.23 2.30
N GLY B 330 -26.96 -0.99 1.89
CA GLY B 330 -26.02 -2.11 1.85
C GLY B 330 -25.24 -2.26 0.55
N VAL B 331 -25.31 -1.23 -0.30
CA VAL B 331 -24.57 -1.19 -1.56
C VAL B 331 -23.42 -0.17 -1.43
N SER B 332 -23.56 0.74 -0.47
CA SER B 332 -22.55 1.76 -0.19
C SER B 332 -22.12 1.62 1.26
N GLY B 333 -20.91 1.09 1.45
CA GLY B 333 -20.36 0.76 2.77
C GLY B 333 -20.06 1.98 3.61
N THR B 334 -21.13 2.71 3.93
CA THR B 334 -21.04 3.93 4.70
C THR B 334 -20.74 3.65 6.18
N ALA B 335 -21.36 2.61 6.74
CA ALA B 335 -21.13 2.23 8.13
C ALA B 335 -19.69 1.80 8.36
N ALA B 336 -19.15 1.05 7.40
CA ALA B 336 -17.74 0.63 7.45
C ALA B 336 -16.81 1.84 7.52
N ARG B 337 -17.11 2.85 6.72
CA ARG B 337 -16.29 4.06 6.64
C ARG B 337 -16.48 5.00 7.83
N ILE B 338 -17.64 4.93 8.49
CA ILE B 338 -17.87 5.74 9.70
C ILE B 338 -16.97 5.26 10.81
N PHE B 339 -17.11 4.00 11.18
CA PHE B 339 -16.34 3.42 12.28
C PHE B 339 -14.84 3.34 11.99
N LYS B 340 -14.46 3.37 10.71
CA LYS B 340 -13.04 3.47 10.35
C LYS B 340 -12.51 4.87 10.63
N ALA B 341 -13.31 5.88 10.29
CA ALA B 341 -12.95 7.28 10.51
C ALA B 341 -12.77 7.61 12.00
N LEU B 342 -13.58 6.97 12.85
CA LEU B 342 -13.47 7.17 14.30
C LEU B 342 -12.49 6.19 14.95
N GLY B 343 -12.16 5.09 14.27
CA GLY B 343 -11.17 4.11 14.76
C GLY B 343 -9.82 4.78 14.85
N GLU B 344 -9.30 5.18 13.69
CA GLU B 344 -8.27 6.21 13.58
C GLU B 344 -8.90 7.46 14.17
N GLU B 345 -8.11 8.28 14.85
CA GLU B 345 -8.64 9.37 15.69
C GLU B 345 -9.01 8.85 17.07
N GLU B 346 -8.90 7.53 17.25
CA GLU B 346 -9.03 6.88 18.56
C GLU B 346 -10.29 7.30 19.32
N VAL B 347 -11.43 7.27 18.64
CA VAL B 347 -12.71 7.69 19.23
C VAL B 347 -13.54 6.48 19.66
N ASN B 348 -13.78 6.40 20.97
CA ASN B 348 -14.52 5.29 21.55
C ASN B 348 -16.03 5.54 21.47
N VAL B 349 -16.74 4.57 20.92
CA VAL B 349 -18.19 4.69 20.73
C VAL B 349 -18.96 3.81 21.71
N ILE B 350 -19.81 4.45 22.51
CA ILE B 350 -20.44 3.82 23.66
C ILE B 350 -21.71 3.09 23.21
N LEU B 351 -22.54 3.78 22.42
CA LEU B 351 -23.80 3.23 21.94
C LEU B 351 -23.92 3.31 20.43
N ILE B 352 -24.60 2.32 19.85
CA ILE B 352 -24.95 2.35 18.44
C ILE B 352 -26.43 2.00 18.31
N SER B 353 -27.18 2.74 17.53
CA SER B 353 -28.45 2.21 17.03
C SER B 353 -28.74 2.64 15.61
N GLN B 354 -29.15 1.68 14.78
CA GLN B 354 -29.66 2.00 13.45
C GLN B 354 -31.03 1.39 13.25
N GLY B 355 -32.01 2.25 12.96
CA GLY B 355 -33.38 1.82 12.66
C GLY B 355 -33.49 1.22 11.26
N SER B 356 -34.67 0.68 10.97
CA SER B 356 -34.97 -0.07 9.73
C SER B 356 -34.94 0.72 8.42
N SER B 357 -34.98 2.05 8.50
CA SER B 357 -34.93 2.87 7.30
C SER B 357 -33.53 2.91 6.76
N GLU B 358 -32.56 2.58 7.63
CA GLU B 358 -31.14 2.50 7.27
C GLU B 358 -30.58 3.84 6.84
N THR B 359 -31.31 4.93 7.12
CA THR B 359 -30.94 6.25 6.63
C THR B 359 -30.13 7.06 7.62
N ASN B 360 -30.12 6.65 8.88
CA ASN B 360 -29.29 7.30 9.88
C ASN B 360 -28.69 6.31 10.87
N ILE B 361 -27.54 6.66 11.44
CA ILE B 361 -26.96 5.90 12.56
C ILE B 361 -26.81 6.86 13.72
N SER B 362 -27.27 6.45 14.89
CA SER B 362 -27.07 7.22 16.11
C SER B 362 -25.99 6.55 16.95
N LEU B 363 -25.00 7.34 17.36
CA LEU B 363 -23.99 6.85 18.30
C LEU B 363 -23.73 7.85 19.42
N VAL B 364 -23.38 7.36 20.59
CA VAL B 364 -22.96 8.28 21.63
C VAL B 364 -21.47 8.10 21.87
N VAL B 365 -20.78 9.22 21.98
CA VAL B 365 -19.36 9.24 22.32
C VAL B 365 -19.18 10.14 23.54
N SER B 366 -17.95 10.23 24.05
CA SER B 366 -17.65 11.13 25.16
C SER B 366 -17.64 12.56 24.62
N GLU B 367 -18.03 13.52 25.45
CA GLU B 367 -18.20 14.88 24.95
C GLU B 367 -16.90 15.64 24.68
N GLU B 368 -15.76 15.12 25.11
CA GLU B 368 -14.46 15.67 24.71
C GLU B 368 -14.04 15.16 23.32
N ASP B 369 -14.69 14.09 22.87
CA ASP B 369 -14.38 13.49 21.56
C ASP B 369 -15.26 14.00 20.40
N VAL B 370 -16.30 14.76 20.73
CA VAL B 370 -17.20 15.32 19.71
C VAL B 370 -16.41 15.96 18.57
N ASP B 371 -15.60 16.95 18.92
CA ASP B 371 -14.77 17.70 17.96
C ASP B 371 -13.84 16.80 17.15
N LYS B 372 -13.21 15.84 17.82
CA LYS B 372 -12.40 14.80 17.17
C LYS B 372 -13.22 13.99 16.16
N ALA B 373 -14.44 13.63 16.55
CA ALA B 373 -15.34 12.87 15.70
C ALA B 373 -15.76 13.65 14.45
N LEU B 374 -16.15 14.91 14.65
CA LEU B 374 -16.64 15.75 13.56
C LEU B 374 -15.55 16.02 12.54
N LYS B 375 -14.33 16.20 13.04
CA LYS B 375 -13.17 16.39 12.20
C LYS B 375 -12.89 15.10 11.43
N ALA B 376 -13.00 13.97 12.13
CA ALA B 376 -12.73 12.65 11.57
C ALA B 376 -13.73 12.29 10.48
N LEU B 377 -14.99 12.63 10.73
CA LEU B 377 -16.07 12.38 9.79
C LEU B 377 -15.89 13.24 8.54
N LYS B 378 -15.62 14.54 8.75
CA LYS B 378 -15.39 15.47 7.64
C LYS B 378 -14.18 15.09 6.78
N ARG B 379 -13.24 14.34 7.35
CA ARG B 379 -12.08 13.84 6.62
C ARG B 379 -12.48 12.73 5.66
N GLU B 380 -13.28 11.78 6.14
CA GLU B 380 -13.69 10.61 5.35
C GLU B 380 -14.68 10.91 4.22
N PHE B 381 -15.58 11.87 4.43
CA PHE B 381 -16.61 12.20 3.44
C PHE B 381 -16.50 13.64 2.93
N GLY B 382 -16.45 14.59 3.87
CA GLY B 382 -16.38 16.01 3.53
C GLY B 382 -17.69 16.61 3.06
N ASP B 383 -18.51 17.08 4.01
CA ASP B 383 -19.77 17.75 3.69
C ASP B 383 -19.54 19.24 3.38
N LEU B 390 -27.78 17.38 -1.99
CA LEU B 390 -28.01 16.21 -2.83
C LEU B 390 -26.80 15.95 -3.73
N ASN B 391 -26.31 16.99 -4.40
CA ASN B 391 -25.27 16.85 -5.41
C ASN B 391 -23.87 17.20 -4.89
N ASN B 392 -23.26 16.28 -4.15
CA ASN B 392 -21.89 16.45 -3.64
C ASN B 392 -21.30 15.18 -3.03
N ASN B 393 -21.92 14.68 -1.95
CA ASN B 393 -21.37 13.59 -1.12
C ASN B 393 -22.43 12.56 -0.72
N LEU B 394 -22.05 11.59 0.12
CA LEU B 394 -22.98 10.52 0.53
C LEU B 394 -23.58 10.65 1.94
N ILE B 395 -23.06 11.59 2.73
CA ILE B 395 -23.70 11.97 4.00
C ILE B 395 -24.40 13.31 3.83
N ARG B 396 -25.70 13.36 4.15
CA ARG B 396 -26.48 14.59 4.02
C ARG B 396 -26.14 15.62 5.10
N ASP B 397 -26.07 15.16 6.35
CA ASP B 397 -25.87 16.07 7.49
C ASP B 397 -25.53 15.30 8.76
N VAL B 398 -24.92 15.99 9.72
CA VAL B 398 -24.59 15.41 11.03
C VAL B 398 -25.11 16.33 12.13
N SER B 399 -25.71 15.75 13.16
CA SER B 399 -26.20 16.52 14.29
C SER B 399 -25.60 16.01 15.60
N VAL B 400 -25.47 16.91 16.57
CA VAL B 400 -24.93 16.58 17.88
C VAL B 400 -25.80 17.12 19.03
N ASP B 401 -25.98 16.30 20.06
CA ASP B 401 -26.60 16.71 21.31
C ASP B 401 -25.59 16.58 22.43
N LYS B 402 -25.23 17.72 23.03
CA LYS B 402 -24.34 17.71 24.19
C LYS B 402 -25.15 17.54 25.49
N ASP B 403 -24.45 17.38 26.61
CA ASP B 403 -25.09 17.22 27.92
C ASP B 403 -26.22 16.18 27.99
N VAL B 404 -25.91 14.97 27.52
CA VAL B 404 -26.80 13.83 27.69
C VAL B 404 -26.10 12.72 28.51
N CYS B 405 -26.85 11.71 28.88
CA CYS B 405 -26.34 10.59 29.67
C CYS B 405 -26.97 9.28 29.22
N VAL B 406 -26.31 8.17 29.57
CA VAL B 406 -26.79 6.84 29.25
C VAL B 406 -27.14 6.12 30.54
N ILE B 407 -28.34 5.55 30.60
CA ILE B 407 -28.70 4.66 31.68
C ILE B 407 -28.77 3.30 31.04
N SER B 408 -28.36 2.27 31.79
CA SER B 408 -28.52 0.89 31.38
C SER B 408 -29.14 0.12 32.51
N VAL B 409 -30.20 -0.60 32.21
CA VAL B 409 -30.84 -1.49 33.17
C VAL B 409 -30.32 -2.89 32.84
N VAL B 410 -29.75 -3.57 33.82
CA VAL B 410 -29.11 -4.88 33.58
C VAL B 410 -29.71 -5.97 34.46
N GLY B 411 -29.85 -7.17 33.89
CA GLY B 411 -30.46 -8.29 34.59
C GLY B 411 -30.66 -9.48 33.67
N ALA B 412 -30.32 -10.66 34.18
CA ALA B 412 -30.48 -11.89 33.40
C ALA B 412 -31.95 -12.32 33.27
N GLY B 413 -32.74 -12.06 34.31
CA GLY B 413 -34.16 -12.45 34.34
C GLY B 413 -35.03 -11.66 33.36
N MET B 414 -34.46 -10.57 32.84
CA MET B 414 -35.10 -9.79 31.77
C MET B 414 -35.25 -10.58 30.48
N ARG B 415 -34.44 -11.61 30.27
CA ARG B 415 -34.56 -12.44 29.07
C ARG B 415 -35.88 -13.18 29.06
N GLY B 416 -36.67 -12.95 28.02
CA GLY B 416 -37.97 -13.59 27.90
C GLY B 416 -38.99 -13.06 28.88
N ALA B 417 -38.65 -11.98 29.59
CA ALA B 417 -39.54 -11.39 30.58
C ALA B 417 -40.48 -10.38 29.95
N LYS B 418 -41.42 -10.89 29.16
CA LYS B 418 -42.43 -10.04 28.54
C LYS B 418 -42.92 -8.96 29.51
N GLY B 419 -42.95 -7.72 29.05
CA GLY B 419 -43.47 -6.61 29.84
C GLY B 419 -42.41 -5.68 30.40
N ILE B 420 -41.19 -6.19 30.57
CA ILE B 420 -40.20 -5.43 31.33
C ILE B 420 -39.76 -4.12 30.66
N ALA B 421 -39.42 -4.18 29.37
CA ALA B 421 -39.10 -2.99 28.57
C ALA B 421 -40.22 -1.94 28.63
N GLY B 422 -41.46 -2.39 28.56
CA GLY B 422 -42.60 -1.49 28.68
C GLY B 422 -42.62 -0.84 30.05
N LYS B 423 -42.50 -1.66 31.08
CA LYS B 423 -42.47 -1.15 32.45
C LYS B 423 -41.32 -0.17 32.70
N ILE B 424 -40.14 -0.45 32.15
CA ILE B 424 -39.00 0.44 32.33
C ILE B 424 -39.26 1.80 31.68
N PHE B 425 -39.65 1.81 30.41
CA PHE B 425 -39.78 3.07 29.70
C PHE B 425 -40.95 3.95 30.19
N THR B 426 -42.04 3.30 30.61
CA THR B 426 -43.14 3.98 31.28
C THR B 426 -42.66 4.65 32.57
N ALA B 427 -41.85 3.94 33.36
CA ALA B 427 -41.25 4.51 34.57
C ALA B 427 -40.41 5.74 34.25
N VAL B 428 -39.44 5.58 33.36
CA VAL B 428 -38.65 6.69 32.86
C VAL B 428 -39.53 7.90 32.51
N SER B 429 -40.62 7.63 31.80
CA SER B 429 -41.56 8.67 31.41
C SER B 429 -42.24 9.30 32.62
N GLU B 430 -42.75 8.44 33.51
CA GLU B 430 -43.36 8.86 34.77
C GLU B 430 -42.41 9.74 35.60
N SER B 431 -41.12 9.44 35.53
CA SER B 431 -40.06 10.22 36.18
C SER B 431 -39.98 11.65 35.66
N GLY B 432 -40.55 11.87 34.48
CA GLY B 432 -40.52 13.17 33.81
C GLY B 432 -39.39 13.28 32.81
N ALA B 433 -39.13 12.22 32.07
CA ALA B 433 -38.00 12.19 31.14
C ALA B 433 -38.34 11.63 29.77
N ASN B 434 -37.85 12.32 28.74
CA ASN B 434 -38.02 11.93 27.36
C ASN B 434 -36.87 11.04 26.88
N ILE B 435 -37.19 9.89 26.29
CA ILE B 435 -36.16 8.95 25.81
C ILE B 435 -35.63 9.38 24.43
N LYS B 436 -34.32 9.58 24.33
CA LYS B 436 -33.73 10.13 23.12
C LYS B 436 -33.25 9.07 22.14
N MET B 437 -32.93 7.90 22.65
CA MET B 437 -32.37 6.80 21.85
C MET B 437 -32.45 5.52 22.66
N ILE B 438 -32.72 4.40 22.00
CA ILE B 438 -32.71 3.10 22.66
C ILE B 438 -31.79 2.13 21.93
N ALA B 439 -31.02 1.38 22.70
CA ALA B 439 -30.27 0.27 22.18
C ALA B 439 -30.38 -0.92 23.14
N GLN B 440 -31.06 -1.96 22.69
CA GLN B 440 -31.09 -3.24 23.39
C GLN B 440 -30.67 -4.34 22.42
N GLY B 441 -29.80 -5.23 22.88
CA GLY B 441 -29.24 -6.24 22.02
C GLY B 441 -29.85 -7.60 22.21
N SER B 442 -29.51 -8.49 21.28
CA SER B 442 -30.06 -9.84 21.16
C SER B 442 -30.01 -10.66 22.44
N SER B 443 -28.99 -10.43 23.25
CA SER B 443 -28.96 -10.94 24.59
C SER B 443 -29.80 -9.97 25.42
N GLU B 444 -30.98 -10.42 25.84
CA GLU B 444 -31.96 -9.53 26.49
C GLU B 444 -31.55 -9.22 27.93
N VAL B 445 -30.27 -8.89 28.14
CA VAL B 445 -29.70 -8.73 29.46
C VAL B 445 -29.48 -7.25 29.84
N ASN B 446 -29.41 -6.39 28.83
CA ASN B 446 -29.14 -4.97 29.03
C ASN B 446 -29.98 -4.11 28.10
N ILE B 447 -30.61 -3.09 28.67
CA ILE B 447 -31.32 -2.07 27.89
C ILE B 447 -30.67 -0.72 28.15
N SER B 448 -30.11 -0.12 27.11
CA SER B 448 -29.48 1.18 27.25
C SER B 448 -30.33 2.22 26.56
N PHE B 449 -30.46 3.37 27.22
CA PHE B 449 -31.12 4.50 26.60
C PHE B 449 -30.45 5.80 27.02
N VAL B 450 -30.90 6.89 26.41
CA VAL B 450 -30.28 8.17 26.55
C VAL B 450 -31.31 9.20 26.93
N ILE B 451 -31.00 9.97 27.96
CA ILE B 451 -31.87 11.04 28.41
C ILE B 451 -30.98 12.23 28.73
N ASP B 452 -31.57 13.42 28.85
CA ASP B 452 -30.85 14.62 29.24
C ASP B 452 -30.21 14.47 30.61
N GLU B 453 -29.07 15.11 30.80
CA GLU B 453 -28.40 15.18 32.10
C GLU B 453 -29.35 15.70 33.18
N LYS B 454 -30.20 16.67 32.80
CA LYS B 454 -31.24 17.23 33.68
C LYS B 454 -32.03 16.19 34.46
N ASP B 455 -32.38 15.08 33.82
CA ASP B 455 -33.30 14.11 34.38
C ASP B 455 -32.63 12.80 34.82
N LEU B 456 -31.30 12.82 34.92
CA LEU B 456 -30.56 11.65 35.37
C LEU B 456 -30.96 11.26 36.79
N LEU B 457 -30.79 12.19 37.73
CA LEU B 457 -31.06 11.93 39.15
C LEU B 457 -32.50 11.42 39.38
N ASN B 458 -33.50 12.17 38.90
CA ASN B 458 -34.89 11.77 39.07
C ASN B 458 -35.20 10.40 38.49
N CYS B 459 -34.58 10.10 37.33
CA CYS B 459 -34.86 8.84 36.64
C CYS B 459 -34.35 7.63 37.40
N VAL B 460 -33.06 7.65 37.71
CA VAL B 460 -32.40 6.56 38.45
C VAL B 460 -33.08 6.28 39.81
N ARG B 461 -33.57 7.34 40.46
CA ARG B 461 -34.31 7.20 41.70
C ARG B 461 -35.56 6.35 41.49
N LYS B 462 -36.39 6.76 40.53
CA LYS B 462 -37.65 6.09 40.24
C LYS B 462 -37.41 4.66 39.79
N LEU B 463 -36.41 4.50 38.92
CA LEU B 463 -36.06 3.22 38.35
C LEU B 463 -35.64 2.23 39.45
N HIS B 464 -34.76 2.70 40.34
CA HIS B 464 -34.28 1.90 41.46
C HIS B 464 -35.38 1.54 42.45
N GLU B 465 -36.27 2.48 42.72
CA GLU B 465 -37.38 2.26 43.66
C GLU B 465 -38.38 1.22 43.19
N LYS B 466 -38.53 1.08 41.88
CA LYS B 466 -39.60 0.29 41.29
C LYS B 466 -39.15 -1.10 40.79
N PHE B 467 -37.84 -1.29 40.59
CA PHE B 467 -37.30 -2.52 39.99
C PHE B 467 -36.25 -3.26 40.83
N ILE B 468 -35.83 -2.65 41.93
CA ILE B 468 -34.76 -3.21 42.74
C ILE B 468 -35.20 -3.39 44.20
N GLU B 469 -35.57 -2.29 44.86
CA GLU B 469 -35.96 -2.34 46.28
C GLU B 469 -37.43 -2.71 46.47
N THR C 2 36.97 37.28 -1.01
CA THR C 2 37.31 36.75 0.34
C THR C 2 37.75 35.29 0.25
N THR C 3 38.52 34.85 1.24
CA THR C 3 39.10 33.51 1.26
C THR C 3 38.49 32.67 2.38
N VAL C 4 38.13 31.43 2.08
CA VAL C 4 37.84 30.47 3.13
C VAL C 4 38.99 29.47 3.21
N MET C 5 39.31 29.02 4.42
CA MET C 5 40.44 28.15 4.65
C MET C 5 40.04 26.96 5.50
N LYS C 6 40.21 25.76 4.94
CA LYS C 6 39.80 24.54 5.61
C LYS C 6 41.01 23.71 6.04
N PHE C 7 40.96 23.24 7.29
CA PHE C 7 42.01 22.39 7.84
C PHE C 7 41.41 21.10 8.39
N GLY C 8 42.14 20.00 8.23
CA GLY C 8 41.67 18.70 8.68
C GLY C 8 42.34 18.18 9.94
N GLY C 9 41.87 17.01 10.38
CA GLY C 9 42.32 16.38 11.62
C GLY C 9 43.82 16.28 11.81
N THR C 10 44.52 15.83 10.77
CA THR C 10 45.97 15.71 10.81
C THR C 10 46.62 17.10 10.91
N SER C 11 46.09 18.05 10.15
CA SER C 11 46.61 19.41 10.15
C SER C 11 46.45 20.10 11.51
N VAL C 12 45.48 19.65 12.31
CA VAL C 12 45.34 20.11 13.69
C VAL C 12 45.50 18.94 14.69
N GLY C 13 46.36 17.98 14.34
CA GLY C 13 46.60 16.78 15.16
C GLY C 13 47.33 17.00 16.47
N SER C 14 47.77 18.23 16.71
CA SER C 14 48.43 18.59 17.97
C SER C 14 48.35 20.10 18.20
N GLY C 15 48.67 20.54 19.42
CA GLY C 15 48.70 21.96 19.73
C GLY C 15 49.72 22.75 18.93
N GLU C 16 50.90 22.17 18.73
CA GLU C 16 51.93 22.80 17.90
C GLU C 16 51.39 23.05 16.50
N ARG C 17 50.86 22.00 15.89
CA ARG C 17 50.25 22.08 14.56
C ARG C 17 49.12 23.10 14.48
N ILE C 18 48.34 23.23 15.56
CA ILE C 18 47.29 24.26 15.66
C ILE C 18 47.89 25.67 15.61
N ARG C 19 48.96 25.89 16.39
CA ARG C 19 49.71 27.14 16.28
C ARG C 19 50.20 27.33 14.85
N HIS C 20 50.72 26.26 14.26
CA HIS C 20 51.22 26.32 12.88
C HIS C 20 50.13 26.77 11.91
N VAL C 21 48.92 26.26 12.11
CA VAL C 21 47.76 26.65 11.30
C VAL C 21 47.42 28.11 11.57
N ALA C 22 47.38 28.49 12.84
CA ALA C 22 47.12 29.87 13.21
C ALA C 22 48.14 30.79 12.54
N LYS C 23 49.38 30.32 12.43
CA LYS C 23 50.43 31.10 11.77
C LYS C 23 50.14 31.22 10.28
N ILE C 24 49.68 30.11 9.69
CA ILE C 24 49.26 30.10 8.29
C ILE C 24 48.09 31.07 8.09
N VAL C 25 47.06 30.97 8.92
CA VAL C 25 45.89 31.82 8.78
C VAL C 25 46.23 33.30 8.94
N THR C 26 47.14 33.58 9.87
CA THR C 26 47.60 34.94 10.15
C THR C 26 48.36 35.53 8.96
N LYS C 27 49.31 34.77 8.42
CA LYS C 27 50.10 35.18 7.27
C LYS C 27 49.20 35.55 6.09
N ARG C 28 48.19 34.71 5.83
CA ARG C 28 47.23 34.94 4.76
C ARG C 28 46.38 36.19 4.97
N LYS C 29 46.18 36.59 6.23
CA LYS C 29 45.33 37.74 6.55
C LYS C 29 45.98 39.10 6.26
N LYS C 30 47.28 39.09 5.96
CA LYS C 30 47.97 40.29 5.49
C LYS C 30 47.61 40.58 4.03
N GLU C 31 47.46 39.51 3.25
CA GLU C 31 47.14 39.60 1.83
C GLU C 31 45.67 39.93 1.59
N ASP C 32 44.78 39.06 2.09
CA ASP C 32 43.33 39.24 1.96
C ASP C 32 42.76 39.72 3.29
N ASP C 33 41.99 40.81 3.24
CA ASP C 33 41.39 41.42 4.43
C ASP C 33 40.28 40.58 5.10
N ASP C 34 39.67 39.67 4.33
CA ASP C 34 38.54 38.88 4.81
C ASP C 34 38.79 37.37 4.68
N VAL C 35 39.06 36.72 5.81
CA VAL C 35 39.32 35.28 5.84
C VAL C 35 38.37 34.59 6.82
N VAL C 36 37.84 33.45 6.40
CA VAL C 36 37.02 32.59 7.24
C VAL C 36 37.70 31.23 7.29
N VAL C 37 37.71 30.59 8.46
CA VAL C 37 38.35 29.30 8.60
C VAL C 37 37.37 28.19 8.96
N VAL C 38 37.46 27.11 8.22
CA VAL C 38 36.72 25.89 8.53
C VAL C 38 37.69 24.88 9.12
N VAL C 39 37.38 24.40 10.33
CA VAL C 39 38.27 23.46 11.01
C VAL C 39 37.56 22.14 11.35
N SER C 40 38.28 21.03 11.19
CA SER C 40 37.80 19.72 11.59
C SER C 40 38.09 19.47 13.06
N ALA C 41 37.73 18.28 13.53
CA ALA C 41 38.12 17.81 14.85
C ALA C 41 39.58 17.36 14.75
N MET C 42 40.29 17.45 15.87
CA MET C 42 41.65 16.93 15.95
C MET C 42 41.68 15.48 15.51
N SER C 43 42.81 15.07 14.95
CA SER C 43 43.05 13.71 14.49
C SER C 43 42.67 12.66 15.55
N GLU C 44 42.05 11.57 15.08
CA GLU C 44 41.63 10.42 15.91
C GLU C 44 40.43 10.62 16.84
N VAL C 45 39.97 11.87 17.01
CA VAL C 45 38.90 12.20 17.96
C VAL C 45 37.50 11.78 17.50
N THR C 46 37.19 11.97 16.21
CA THR C 46 35.91 11.52 15.66
C THR C 46 35.77 10.00 15.80
N ASN C 47 36.80 9.26 15.40
CA ASN C 47 36.83 7.82 15.57
C ASN C 47 36.59 7.42 17.02
N ALA C 48 37.36 8.03 17.94
CA ALA C 48 37.23 7.78 19.37
C ALA C 48 35.80 7.99 19.84
N LEU C 49 35.16 9.04 19.33
CA LEU C 49 33.79 9.36 19.66
C LEU C 49 32.79 8.35 19.11
N VAL C 50 33.07 7.80 17.93
CA VAL C 50 32.18 6.83 17.29
C VAL C 50 32.09 5.54 18.09
N GLU C 51 33.25 4.94 18.38
CA GLU C 51 33.30 3.68 19.09
C GLU C 51 32.92 3.79 20.56
N ILE C 52 33.05 4.96 21.16
CA ILE C 52 32.66 5.16 22.56
C ILE C 52 31.13 5.27 22.71
N SER C 53 30.50 5.99 21.80
CA SER C 53 29.06 6.14 21.82
C SER C 53 28.41 4.80 21.48
N GLN C 54 29.08 4.02 20.63
CA GLN C 54 28.70 2.63 20.41
C GLN C 54 28.89 1.84 21.71
N GLN C 55 30.06 1.97 22.30
CA GLN C 55 30.40 1.25 23.53
C GLN C 55 29.38 1.49 24.64
N ALA C 56 28.95 2.75 24.79
CA ALA C 56 27.99 3.13 25.83
C ALA C 56 26.63 2.48 25.62
N LEU C 57 26.30 2.23 24.36
CA LEU C 57 25.03 1.59 24.01
C LEU C 57 25.02 0.12 24.38
N ASP C 58 26.15 -0.55 24.17
CA ASP C 58 26.24 -2.01 24.28
C ASP C 58 26.60 -2.52 25.67
N VAL C 59 27.79 -2.16 26.16
CA VAL C 59 28.23 -2.61 27.49
C VAL C 59 27.60 -1.79 28.60
N ARG C 60 27.30 -0.53 28.30
CA ARG C 60 26.69 0.40 29.24
C ARG C 60 27.56 0.61 30.50
N ASP C 61 28.87 0.57 30.30
CA ASP C 61 29.84 0.65 31.40
C ASP C 61 30.21 2.10 31.74
N ILE C 62 29.75 2.54 32.89
CA ILE C 62 29.95 3.91 33.40
C ILE C 62 31.43 4.30 33.53
N ALA C 63 32.26 3.37 34.01
CA ALA C 63 33.69 3.62 34.22
C ALA C 63 34.44 3.91 32.93
N LYS C 64 34.07 3.21 31.85
CA LYS C 64 34.73 3.36 30.55
C LYS C 64 34.42 4.72 29.92
N VAL C 65 33.32 5.34 30.35
CA VAL C 65 32.99 6.71 29.96
C VAL C 65 33.98 7.69 30.61
N GLY C 66 34.21 7.51 31.91
CA GLY C 66 35.16 8.32 32.68
C GLY C 66 36.57 8.31 32.12
N ASP C 67 36.96 7.18 31.52
CA ASP C 67 38.24 7.05 30.82
C ASP C 67 38.27 7.89 29.54
N PHE C 68 37.22 7.79 28.74
CA PHE C 68 37.09 8.56 27.52
C PHE C 68 37.22 10.06 27.79
N ILE C 69 36.61 10.52 28.87
CA ILE C 69 36.68 11.94 29.24
C ILE C 69 38.07 12.29 29.73
N LYS C 70 38.63 11.47 30.61
CA LYS C 70 40.03 11.61 30.99
C LYS C 70 40.91 11.71 29.75
N PHE C 71 40.68 10.83 28.78
CA PHE C 71 41.39 10.88 27.52
C PHE C 71 41.19 12.21 26.82
N ILE C 72 39.94 12.53 26.47
CA ILE C 72 39.64 13.75 25.71
C ILE C 72 40.16 15.00 26.42
N ARG C 73 40.04 15.04 27.74
CA ARG C 73 40.53 16.18 28.50
C ARG C 73 42.05 16.33 28.40
N GLU C 74 42.77 15.23 28.60
CA GLU C 74 44.24 15.23 28.54
C GLU C 74 44.75 15.61 27.16
N LYS C 75 44.05 15.17 26.12
CA LYS C 75 44.42 15.48 24.74
C LYS C 75 44.33 16.98 24.47
N HIS C 76 43.20 17.57 24.83
CA HIS C 76 42.90 18.96 24.52
C HIS C 76 43.57 19.98 25.43
N TYR C 77 43.80 19.59 26.69
CA TYR C 77 44.58 20.42 27.62
C TYR C 77 46.02 20.51 27.14
N LYS C 78 46.57 19.38 26.71
CA LYS C 78 47.91 19.31 26.12
C LYS C 78 47.96 20.25 24.91
N ALA C 79 46.97 20.12 24.04
CA ALA C 79 46.84 20.96 22.84
C ALA C 79 46.81 22.45 23.16
N ILE C 80 45.99 22.84 24.14
CA ILE C 80 45.87 24.23 24.55
C ILE C 80 47.20 24.81 25.01
N GLU C 81 47.94 24.05 25.81
CA GLU C 81 49.20 24.54 26.36
C GLU C 81 50.29 24.69 25.29
N GLU C 82 50.23 23.84 24.27
CA GLU C 82 51.16 23.90 23.14
C GLU C 82 50.86 25.09 22.21
N ALA C 83 49.58 25.29 21.91
CA ALA C 83 49.16 26.28 20.92
C ALA C 83 49.21 27.73 21.39
N ILE C 84 48.82 27.97 22.64
CA ILE C 84 48.71 29.33 23.17
C ILE C 84 49.88 29.66 24.09
N LYS C 85 50.36 30.89 24.01
CA LYS C 85 51.37 31.41 24.92
C LYS C 85 50.75 32.25 26.04
N SER C 86 49.69 33.00 25.71
CA SER C 86 49.01 33.91 26.64
C SER C 86 48.17 33.17 27.68
N GLU C 87 48.40 33.49 28.94
CA GLU C 87 47.73 32.85 30.08
C GLU C 87 46.22 33.12 30.10
N GLU C 88 45.82 34.36 29.83
CA GLU C 88 44.40 34.75 29.85
C GLU C 88 43.57 34.05 28.77
N ILE C 89 44.15 33.87 27.58
CA ILE C 89 43.49 33.11 26.52
C ILE C 89 43.41 31.64 26.92
N LYS C 90 44.56 31.10 27.35
CA LYS C 90 44.66 29.72 27.84
C LYS C 90 43.54 29.46 28.85
N GLU C 91 43.35 30.41 29.77
CA GLU C 91 42.35 30.34 30.82
C GLU C 91 40.93 30.28 30.27
N GLU C 92 40.61 31.16 29.32
CA GLU C 92 39.26 31.22 28.75
C GLU C 92 38.94 30.07 27.80
N VAL C 93 39.96 29.55 27.10
CA VAL C 93 39.80 28.40 26.22
C VAL C 93 39.57 27.11 27.03
N LYS C 94 40.29 26.95 28.14
CA LYS C 94 40.14 25.80 29.03
C LYS C 94 38.72 25.74 29.61
N LYS C 95 38.17 26.90 29.93
CA LYS C 95 36.83 27.02 30.49
C LYS C 95 35.77 26.57 29.47
N ILE C 96 35.96 26.95 28.21
CA ILE C 96 35.08 26.48 27.13
C ILE C 96 35.19 24.96 27.04
N ILE C 97 36.42 24.47 26.89
CA ILE C 97 36.68 23.05 26.70
C ILE C 97 36.09 22.17 27.80
N ASP C 98 36.13 22.66 29.04
CA ASP C 98 35.55 21.94 30.17
C ASP C 98 34.03 21.86 30.11
N SER C 99 33.38 22.99 29.81
CA SER C 99 31.94 23.04 29.70
C SER C 99 31.44 22.11 28.60
N ARG C 100 32.17 22.07 27.48
CA ARG C 100 31.81 21.18 26.39
C ARG C 100 32.00 19.72 26.81
N ILE C 101 33.15 19.39 27.39
CA ILE C 101 33.42 18.01 27.81
C ILE C 101 32.42 17.51 28.86
N GLU C 102 31.96 18.41 29.73
CA GLU C 102 30.94 18.05 30.70
C GLU C 102 29.62 17.70 30.01
N GLU C 103 29.25 18.47 28.99
CA GLU C 103 28.05 18.20 28.22
C GLU C 103 28.16 16.83 27.57
N LEU C 104 29.35 16.51 27.09
CA LEU C 104 29.62 15.23 26.45
C LEU C 104 29.38 14.13 27.45
N GLU C 105 30.02 14.24 28.61
CA GLU C 105 29.88 13.27 29.70
C GLU C 105 28.41 12.97 29.99
N LYS C 106 27.63 14.03 30.21
CA LYS C 106 26.18 13.93 30.42
C LYS C 106 25.51 13.00 29.40
N VAL C 107 25.66 13.34 28.13
CA VAL C 107 24.98 12.60 27.05
C VAL C 107 25.44 11.14 27.01
N LEU C 108 26.74 10.93 27.19
CA LEU C 108 27.28 9.58 27.22
C LEU C 108 26.75 8.77 28.40
N ILE C 109 26.72 9.38 29.58
CA ILE C 109 26.01 8.80 30.71
C ILE C 109 24.58 8.44 30.30
N GLY C 110 23.89 9.40 29.67
CA GLY C 110 22.50 9.21 29.27
C GLY C 110 22.26 7.99 28.41
N VAL C 111 23.07 7.82 27.37
CA VAL C 111 22.94 6.66 26.48
C VAL C 111 23.19 5.34 27.20
N ALA C 112 24.12 5.36 28.16
CA ALA C 112 24.40 4.19 28.98
C ALA C 112 23.25 3.87 29.93
N TYR C 113 22.68 4.90 30.54
CA TYR C 113 21.59 4.73 31.50
C TYR C 113 20.31 4.21 30.86
N LEU C 114 20.01 4.68 29.64
CA LEU C 114 18.76 4.30 28.96
C LEU C 114 18.93 3.22 27.89
N GLY C 115 20.17 2.94 27.50
CA GLY C 115 20.44 1.93 26.47
C GLY C 115 19.85 2.31 25.13
N GLU C 116 19.86 3.60 24.83
CA GLU C 116 19.25 4.16 23.62
C GLU C 116 20.19 5.16 22.96
N LEU C 117 20.44 4.95 21.68
CA LEU C 117 21.28 5.85 20.89
C LEU C 117 20.59 6.23 19.58
N THR C 118 19.64 7.17 19.67
CA THR C 118 18.93 7.67 18.51
C THR C 118 19.90 8.33 17.55
N PRO C 119 19.56 8.36 16.23
CA PRO C 119 20.39 9.08 15.26
C PRO C 119 20.64 10.53 15.67
N LYS C 120 19.66 11.16 16.31
CA LYS C 120 19.78 12.53 16.80
C LYS C 120 20.87 12.66 17.87
N SER C 121 20.92 11.73 18.81
CA SER C 121 21.96 11.73 19.85
C SER C 121 23.31 11.39 19.26
N ARG C 122 23.32 10.44 18.32
CA ARG C 122 24.54 10.03 17.64
C ARG C 122 25.22 11.24 17.02
N ASP C 123 24.40 12.14 16.46
CA ASP C 123 24.89 13.37 15.83
C ASP C 123 25.40 14.40 16.83
N TYR C 124 24.69 14.55 17.95
CA TYR C 124 25.10 15.49 18.98
C TYR C 124 26.48 15.14 19.51
N ILE C 125 26.70 13.85 19.78
CA ILE C 125 27.98 13.35 20.26
C ILE C 125 29.09 13.64 19.25
N LEU C 126 28.89 13.25 17.99
CA LEU C 126 29.89 13.50 16.94
C LEU C 126 30.27 14.97 16.85
N SER C 127 29.28 15.85 16.99
CA SER C 127 29.50 17.29 16.92
C SER C 127 30.52 17.82 17.92
N PHE C 128 30.87 17.01 18.92
CA PHE C 128 31.78 17.50 19.97
C PHE C 128 33.23 17.62 19.53
N GLY C 129 33.69 16.69 18.70
CA GLY C 129 35.06 16.74 18.20
C GLY C 129 35.39 18.12 17.62
N GLU C 130 34.52 18.60 16.75
CA GLU C 130 34.68 19.89 16.09
C GLU C 130 34.46 21.06 17.06
N ARG C 131 33.56 20.87 18.02
CA ARG C 131 33.28 21.90 19.02
C ARG C 131 34.40 22.04 20.07
N LEU C 132 35.32 21.09 20.07
CA LEU C 132 36.45 21.11 21.00
C LEU C 132 37.74 21.65 20.37
N SER C 133 37.93 21.40 19.07
CA SER C 133 39.14 21.84 18.37
C SER C 133 39.01 23.30 17.94
N SER C 134 37.81 23.64 17.48
CA SER C 134 37.44 24.99 17.08
C SER C 134 37.97 26.11 18.02
N PRO C 135 37.61 26.05 19.31
CA PRO C 135 37.98 27.14 20.22
C PRO C 135 39.47 27.21 20.52
N ILE C 136 40.17 26.09 20.40
CA ILE C 136 41.62 26.05 20.59
C ILE C 136 42.25 26.89 19.49
N LEU C 137 41.83 26.61 18.25
CA LEU C 137 42.36 27.29 17.08
C LEU C 137 41.95 28.74 17.08
N SER C 138 40.71 29.02 17.46
CA SER C 138 40.26 30.41 17.56
C SER C 138 41.11 31.15 18.58
N GLY C 139 41.37 30.50 19.72
CA GLY C 139 42.30 31.02 20.73
C GLY C 139 43.70 31.22 20.19
N ALA C 140 44.19 30.27 19.39
CA ALA C 140 45.54 30.35 18.81
C ALA C 140 45.73 31.56 17.89
N ILE C 141 44.70 31.85 17.10
CA ILE C 141 44.68 33.04 16.25
C ILE C 141 44.67 34.30 17.12
N ARG C 142 43.87 34.26 18.18
CA ARG C 142 43.78 35.36 19.15
C ARG C 142 45.16 35.68 19.74
N ASP C 143 45.90 34.64 20.13
CA ASP C 143 47.22 34.77 20.76
C ASP C 143 48.24 35.39 19.81
N LEU C 144 48.02 35.20 18.50
CA LEU C 144 48.92 35.73 17.48
C LEU C 144 48.55 37.15 17.02
N GLY C 145 47.46 37.69 17.56
CA GLY C 145 47.12 39.09 17.35
C GLY C 145 45.87 39.41 16.52
N GLU C 146 45.12 38.39 16.11
CA GLU C 146 43.90 38.65 15.36
C GLU C 146 42.61 38.31 16.10
N LYS C 147 41.57 39.06 15.80
CA LYS C 147 40.26 38.89 16.40
C LYS C 147 39.54 37.67 15.80
N SER C 148 39.10 36.73 16.64
CA SER C 148 38.39 35.53 16.15
C SER C 148 37.43 34.89 17.15
N ILE C 149 36.34 34.34 16.61
CA ILE C 149 35.35 33.58 17.38
C ILE C 149 35.22 32.21 16.73
N ALA C 150 34.97 31.20 17.54
CA ALA C 150 34.58 29.89 17.02
C ALA C 150 33.07 29.89 16.85
N LEU C 151 32.60 29.29 15.76
CA LEU C 151 31.17 29.15 15.50
C LEU C 151 30.82 27.73 15.10
N GLU C 152 29.70 27.24 15.62
CA GLU C 152 29.09 26.01 15.14
C GLU C 152 28.56 26.23 13.71
N GLY C 153 28.62 25.20 12.89
CA GLY C 153 28.15 25.26 11.50
C GLY C 153 26.80 25.92 11.29
N GLY C 154 25.90 25.76 12.26
CA GLY C 154 24.54 26.32 12.19
C GLY C 154 24.48 27.80 12.51
N GLU C 155 25.32 28.21 13.46
CA GLU C 155 25.48 29.62 13.82
C GLU C 155 26.14 30.39 12.70
N ALA C 156 26.76 29.66 11.77
CA ALA C 156 27.38 30.25 10.58
C ALA C 156 26.40 30.31 9.40
N GLY C 157 25.25 29.65 9.56
CA GLY C 157 24.17 29.71 8.57
C GLY C 157 23.97 28.49 7.69
N ILE C 158 24.43 27.33 8.15
CA ILE C 158 24.21 26.08 7.42
C ILE C 158 22.98 25.37 7.99
N ILE C 159 21.85 25.50 7.32
CA ILE C 159 20.60 24.89 7.80
C ILE C 159 20.26 23.66 6.97
N THR C 160 19.98 22.55 7.66
CA THR C 160 19.86 21.24 7.00
C THR C 160 18.51 20.54 7.19
N ASP C 161 18.47 19.31 6.70
CA ASP C 161 17.43 18.32 6.93
C ASP C 161 17.14 18.04 8.41
N ASN C 162 16.33 17.01 8.62
CA ASN C 162 16.10 16.41 9.92
C ASN C 162 16.59 14.97 9.86
N ASN C 163 17.24 14.65 8.74
CA ASN C 163 17.85 13.35 8.49
C ASN C 163 19.24 13.26 9.12
N PHE C 164 19.28 12.93 10.40
CA PHE C 164 20.52 12.89 11.17
C PHE C 164 21.50 11.83 10.67
N GLY C 165 22.79 12.17 10.69
CA GLY C 165 23.85 11.24 10.30
C GLY C 165 24.44 11.50 8.93
N SER C 166 23.65 12.15 8.06
CA SER C 166 24.04 12.48 6.69
C SER C 166 22.97 13.37 6.06
N ALA C 167 22.79 14.55 6.65
CA ALA C 167 21.73 15.47 6.23
C ALA C 167 22.02 16.18 4.92
N ARG C 168 20.95 16.60 4.24
CA ARG C 168 21.06 17.42 3.05
C ARG C 168 20.86 18.86 3.51
N VAL C 169 21.56 19.79 2.88
CA VAL C 169 21.44 21.20 3.23
C VAL C 169 20.13 21.74 2.67
N LYS C 170 19.48 22.63 3.42
CA LYS C 170 18.19 23.21 3.04
C LYS C 170 18.31 24.68 2.60
N ARG C 171 18.85 25.52 3.49
CA ARG C 171 19.06 26.94 3.19
C ARG C 171 20.44 27.37 3.67
N LEU C 172 20.97 28.42 3.06
CA LEU C 172 22.18 29.04 3.54
C LEU C 172 21.88 30.44 4.05
N GLU C 173 22.17 30.67 5.32
CA GLU C 173 22.08 32.00 5.91
C GLU C 173 23.49 32.55 6.11
N VAL C 174 24.45 31.89 5.48
CA VAL C 174 25.88 32.15 5.64
C VAL C 174 26.24 33.65 5.63
N LYS C 175 25.71 34.39 4.66
CA LYS C 175 26.03 35.80 4.49
C LYS C 175 25.51 36.67 5.63
N GLU C 176 24.30 36.34 6.10
CA GLU C 176 23.63 37.07 7.17
C GLU C 176 24.35 36.92 8.50
N ARG C 177 25.01 35.77 8.69
CA ARG C 177 25.64 35.44 9.95
C ARG C 177 27.09 35.89 9.99
N LEU C 178 27.79 35.75 8.87
CA LEU C 178 29.24 35.97 8.82
C LEU C 178 29.66 37.33 8.32
N LEU C 179 28.85 37.93 7.45
CA LEU C 179 29.19 39.24 6.86
C LEU C 179 29.29 40.38 7.89
N PRO C 180 28.40 40.42 8.89
CA PRO C 180 28.60 41.46 9.91
C PRO C 180 29.87 41.23 10.74
N LEU C 181 30.40 40.02 10.74
CA LEU C 181 31.62 39.69 11.47
C LEU C 181 32.87 40.05 10.66
N LEU C 182 32.83 39.77 9.36
CA LEU C 182 33.96 40.01 8.49
C LEU C 182 34.26 41.49 8.30
N LYS C 183 33.23 42.33 8.38
CA LYS C 183 33.38 43.78 8.23
C LYS C 183 34.12 44.43 9.40
N GLU C 184 34.49 43.63 10.40
CA GLU C 184 35.18 44.13 11.59
C GLU C 184 36.50 43.40 11.87
N GLY C 185 37.16 42.92 10.81
CA GLY C 185 38.44 42.23 10.91
C GLY C 185 38.44 40.93 11.70
N ILE C 186 37.25 40.45 12.05
CA ILE C 186 37.12 39.21 12.81
C ILE C 186 37.27 38.02 11.88
N ILE C 187 38.08 37.06 12.31
CA ILE C 187 38.24 35.80 11.61
C ILE C 187 37.30 34.78 12.24
N PRO C 188 36.14 34.54 11.61
CA PRO C 188 35.34 33.47 12.18
C PRO C 188 35.96 32.11 11.84
N VAL C 189 36.15 31.28 12.86
CA VAL C 189 36.53 29.89 12.67
C VAL C 189 35.29 29.04 12.87
N VAL C 190 34.84 28.44 11.77
CA VAL C 190 33.61 27.68 11.77
C VAL C 190 33.94 26.19 11.93
N THR C 191 33.23 25.55 12.84
CA THR C 191 33.28 24.10 13.01
C THR C 191 32.76 23.44 11.73
N GLY C 192 33.65 22.76 11.00
CA GLY C 192 33.25 22.02 9.80
C GLY C 192 32.38 20.84 10.13
N PHE C 193 31.81 20.19 9.12
CA PHE C 193 31.15 18.88 9.28
C PHE C 193 29.70 18.92 9.80
N ILE C 194 29.34 19.93 10.58
CA ILE C 194 28.00 19.96 11.18
C ILE C 194 27.17 21.18 10.83
N GLY C 195 25.86 21.06 11.01
CA GLY C 195 24.93 22.15 10.77
C GLY C 195 23.77 22.05 11.76
N THR C 196 22.80 22.95 11.61
CA THR C 196 21.64 23.00 12.50
C THR C 196 20.36 22.62 11.75
N THR C 197 19.36 22.18 12.50
CA THR C 197 18.03 21.96 11.95
C THR C 197 17.26 23.26 12.10
N GLU C 198 16.16 23.40 11.36
CA GLU C 198 15.34 24.60 11.42
C GLU C 198 15.01 24.98 12.87
N GLU C 199 14.78 23.97 13.71
CA GLU C 199 14.49 24.20 15.14
C GLU C 199 15.71 24.05 16.05
N GLY C 200 16.89 24.29 15.50
CA GLY C 200 18.12 24.34 16.27
C GLY C 200 18.74 23.02 16.70
N TYR C 201 18.52 21.94 15.95
CA TYR C 201 19.11 20.65 16.32
C TYR C 201 20.36 20.34 15.53
N ILE C 202 21.43 19.96 16.23
CA ILE C 202 22.71 19.68 15.60
C ILE C 202 22.64 18.43 14.70
N THR C 203 23.08 18.61 13.47
CA THR C 203 23.12 17.55 12.47
C THR C 203 24.52 17.46 11.83
N THR C 204 24.96 16.25 11.51
CA THR C 204 26.26 16.04 10.86
C THR C 204 26.05 15.83 9.38
N LEU C 205 27.05 16.19 8.58
CA LEU C 205 26.92 16.22 7.12
C LEU C 205 27.42 14.96 6.40
N GLY C 206 28.12 14.09 7.12
CA GLY C 206 28.64 12.84 6.54
C GLY C 206 30.13 12.83 6.20
N ARG C 207 30.56 11.76 5.53
CA ARG C 207 31.95 11.59 5.07
C ARG C 207 32.31 12.66 4.03
N GLY C 208 33.44 13.33 4.24
CA GLY C 208 33.86 14.46 3.41
C GLY C 208 33.09 15.73 3.72
N GLY C 209 32.42 15.75 4.88
CA GLY C 209 31.56 16.87 5.27
C GLY C 209 32.25 18.10 5.82
N SER C 210 33.53 18.01 6.11
CA SER C 210 34.27 19.18 6.55
C SER C 210 34.76 20.03 5.36
N ASP C 211 35.16 19.36 4.27
CA ASP C 211 35.43 20.02 2.98
C ASP C 211 34.17 20.67 2.44
N TYR C 212 33.06 19.95 2.53
CA TYR C 212 31.75 20.40 2.06
C TYR C 212 31.30 21.67 2.79
N SER C 213 31.59 21.74 4.09
CA SER C 213 31.38 22.96 4.89
C SER C 213 32.05 24.16 4.23
N ALA C 214 33.34 24.03 3.92
CA ALA C 214 34.09 25.10 3.28
C ALA C 214 33.40 25.53 1.98
N ALA C 215 32.98 24.54 1.20
CA ALA C 215 32.30 24.78 -0.06
C ALA C 215 31.00 25.56 0.14
N LEU C 216 30.20 25.14 1.13
CA LEU C 216 28.94 25.80 1.43
C LEU C 216 29.15 27.24 1.91
N ILE C 217 30.13 27.44 2.79
CA ILE C 217 30.56 28.78 3.18
C ILE C 217 30.93 29.60 1.93
N GLY C 218 31.82 29.05 1.11
CA GLY C 218 32.28 29.73 -0.11
C GLY C 218 31.16 30.11 -1.06
N TYR C 219 30.21 29.20 -1.26
CA TYR C 219 29.05 29.45 -2.09
C TYR C 219 28.21 30.57 -1.49
N GLY C 220 27.93 30.46 -0.19
CA GLY C 220 27.07 31.42 0.49
C GLY C 220 27.66 32.80 0.63
N LEU C 221 28.99 32.89 0.52
CA LEU C 221 29.67 34.18 0.65
C LEU C 221 30.22 34.74 -0.68
N ASP C 222 29.98 34.04 -1.77
CA ASP C 222 30.57 34.38 -3.07
C ASP C 222 32.08 34.57 -2.92
N ALA C 223 32.72 33.59 -2.29
CA ALA C 223 34.14 33.65 -2.00
C ALA C 223 35.00 33.66 -3.26
N ASP C 224 36.16 34.29 -3.16
CA ASP C 224 37.06 34.43 -4.27
C ASP C 224 37.95 33.20 -4.44
N ILE C 225 38.18 32.47 -3.36
CA ILE C 225 39.06 31.30 -3.34
C ILE C 225 38.75 30.40 -2.15
N ILE C 226 38.57 29.11 -2.41
CA ILE C 226 38.41 28.11 -1.34
C ILE C 226 39.68 27.26 -1.23
N GLU C 227 40.23 27.18 -0.03
CA GLU C 227 41.48 26.46 0.19
C GLU C 227 41.35 25.26 1.10
N ILE C 228 41.62 24.07 0.55
CA ILE C 228 41.65 22.84 1.34
C ILE C 228 43.08 22.51 1.71
N TRP C 229 43.39 22.67 3.00
CA TRP C 229 44.73 22.38 3.52
C TRP C 229 44.82 20.97 4.06
N THR C 230 45.69 20.17 3.44
CA THR C 230 45.79 18.76 3.74
C THR C 230 47.25 18.36 4.03
N ASP C 231 47.56 17.06 4.10
CA ASP C 231 48.93 16.61 4.34
C ASP C 231 49.68 16.12 3.09
N VAL C 232 49.18 16.49 1.91
CA VAL C 232 49.86 16.18 0.65
C VAL C 232 49.85 17.40 -0.28
N SER C 233 50.95 17.58 -1.01
CA SER C 233 51.15 18.74 -1.88
C SER C 233 50.23 18.71 -3.11
N GLY C 234 48.95 18.96 -2.89
CA GLY C 234 47.94 18.90 -3.94
C GLY C 234 47.54 17.46 -4.24
N VAL C 235 47.03 17.25 -5.45
CA VAL C 235 46.62 15.93 -5.93
C VAL C 235 47.64 15.43 -6.95
N TYR C 236 48.03 14.16 -6.81
CA TYR C 236 49.05 13.57 -7.68
C TYR C 236 48.48 12.95 -8.96
N THR C 237 49.34 12.74 -9.95
CA THR C 237 48.96 12.06 -11.19
C THR C 237 48.43 10.66 -10.90
N THR C 238 49.10 9.95 -9.99
CA THR C 238 48.64 8.65 -9.48
C THR C 238 49.26 8.36 -8.12
N ASP C 239 48.55 7.56 -7.31
CA ASP C 239 48.99 7.19 -5.97
C ASP C 239 50.51 7.04 -5.87
N PRO C 240 51.14 7.81 -4.97
CA PRO C 240 52.58 7.77 -4.73
C PRO C 240 53.07 6.41 -4.20
N ARG C 241 52.22 5.73 -3.43
CA ARG C 241 52.54 4.40 -2.90
C ARG C 241 52.72 3.36 -4.01
N LEU C 242 52.25 3.69 -5.21
CA LEU C 242 52.31 2.80 -6.36
C LEU C 242 53.32 3.26 -7.40
N VAL C 243 53.47 4.56 -7.56
CA VAL C 243 54.53 5.14 -8.41
C VAL C 243 55.36 6.14 -7.62
N PRO C 244 56.68 5.87 -7.48
CA PRO C 244 57.55 6.66 -6.61
C PRO C 244 57.70 8.10 -7.09
N THR C 245 57.91 8.28 -8.40
CA THR C 245 58.20 9.59 -9.00
C THR C 245 56.93 10.29 -9.50
N ALA C 246 55.84 10.17 -8.74
CA ALA C 246 54.55 10.76 -9.09
C ALA C 246 54.50 12.27 -8.78
N ARG C 247 54.34 13.07 -9.84
CA ARG C 247 54.29 14.54 -9.74
C ARG C 247 52.92 15.08 -9.31
N ARG C 248 52.91 16.27 -8.73
CA ARG C 248 51.66 16.98 -8.40
C ARG C 248 51.05 17.56 -9.66
N ILE C 249 49.74 17.38 -9.82
CA ILE C 249 49.02 17.97 -10.94
C ILE C 249 48.78 19.45 -10.65
N PRO C 250 49.39 20.35 -11.44
CA PRO C 250 49.36 21.78 -11.11
C PRO C 250 47.96 22.39 -11.21
N LYS C 251 47.22 22.01 -12.24
CA LYS C 251 45.87 22.52 -12.48
C LYS C 251 44.92 21.38 -12.84
N LEU C 252 43.67 21.51 -12.40
CA LEU C 252 42.64 20.52 -12.67
C LEU C 252 41.35 21.27 -12.99
N SER C 253 40.50 20.69 -13.83
CA SER C 253 39.20 21.26 -14.13
C SER C 253 38.20 20.73 -13.12
N TYR C 254 37.09 21.43 -12.95
CA TYR C 254 36.02 20.95 -12.10
C TYR C 254 35.59 19.53 -12.48
N ILE C 255 35.47 19.28 -13.78
CA ILE C 255 35.00 17.98 -14.27
C ILE C 255 36.03 16.85 -14.06
N GLU C 256 37.31 17.16 -14.23
CA GLU C 256 38.38 16.21 -13.94
C GLU C 256 38.40 15.87 -12.45
N ALA C 257 38.26 16.89 -11.62
CA ALA C 257 38.26 16.72 -10.18
C ALA C 257 37.22 15.69 -9.74
N MET C 258 36.04 15.74 -10.35
CA MET C 258 34.94 14.85 -9.96
C MET C 258 35.12 13.40 -10.44
N GLU C 259 35.74 13.22 -11.59
CA GLU C 259 36.06 11.88 -12.09
C GLU C 259 37.15 11.20 -11.24
N LEU C 260 37.99 12.00 -10.60
CA LEU C 260 39.04 11.48 -9.72
C LEU C 260 38.54 11.13 -8.32
N ALA C 261 37.30 11.53 -8.02
CA ALA C 261 36.74 11.39 -6.69
C ALA C 261 35.85 10.16 -6.56
N TYR C 262 36.47 8.98 -6.53
CA TYR C 262 35.77 7.74 -6.24
C TYR C 262 35.35 7.71 -4.76
N PHE C 263 34.19 7.11 -4.48
CA PHE C 263 33.68 7.05 -3.10
C PHE C 263 34.73 6.41 -2.18
N GLY C 264 35.45 7.25 -1.45
CA GLY C 264 36.52 6.78 -0.57
C GLY C 264 37.84 7.50 -0.79
N ALA C 265 37.91 8.28 -1.86
CA ALA C 265 39.08 9.12 -2.15
C ALA C 265 39.41 10.04 -0.97
N LYS C 266 40.66 10.51 -0.91
CA LYS C 266 41.10 11.34 0.20
C LYS C 266 40.66 12.81 0.07
N VAL C 267 41.20 13.52 -0.91
CA VAL C 267 41.08 14.97 -0.99
C VAL C 267 39.78 15.46 -1.63
N LEU C 268 39.46 14.93 -2.81
CA LEU C 268 38.36 15.43 -3.63
C LEU C 268 37.05 14.72 -3.27
N HIS C 269 35.96 15.48 -3.31
CA HIS C 269 34.63 14.93 -3.07
C HIS C 269 33.62 15.66 -3.95
N PRO C 270 32.78 14.90 -4.68
CA PRO C 270 31.87 15.46 -5.69
C PRO C 270 30.97 16.55 -5.12
N ARG C 271 30.47 16.30 -3.91
CA ARG C 271 29.57 17.20 -3.22
C ARG C 271 30.27 18.51 -2.83
N THR C 272 31.57 18.43 -2.58
CA THR C 272 32.38 19.61 -2.28
C THR C 272 32.65 20.45 -3.53
N ILE C 273 32.78 19.77 -4.67
CA ILE C 273 33.14 20.42 -5.94
C ILE C 273 31.96 21.16 -6.55
N GLU C 274 30.78 20.55 -6.50
CA GLU C 274 29.57 21.10 -7.11
C GLU C 274 29.34 22.62 -6.89
N PRO C 275 29.33 23.09 -5.62
CA PRO C 275 29.06 24.52 -5.41
C PRO C 275 30.16 25.42 -5.99
N ALA C 276 31.41 25.04 -5.79
CA ALA C 276 32.53 25.80 -6.32
C ALA C 276 32.48 25.82 -7.85
N MET C 277 32.06 24.70 -8.43
CA MET C 277 31.84 24.61 -9.87
C MET C 277 30.72 25.55 -10.30
N GLU C 278 29.64 25.57 -9.52
CA GLU C 278 28.43 26.31 -9.85
C GLU C 278 28.63 27.84 -9.95
N LYS C 279 29.29 28.42 -8.95
CA LYS C 279 29.54 29.86 -8.90
C LYS C 279 30.88 30.18 -9.55
N GLY C 280 31.60 29.16 -9.98
CA GLY C 280 32.90 29.32 -10.63
C GLY C 280 34.00 29.75 -9.67
N ILE C 281 33.80 29.43 -8.38
CA ILE C 281 34.79 29.69 -7.34
C ILE C 281 35.88 28.65 -7.44
N PRO C 282 37.15 29.09 -7.58
CA PRO C 282 38.26 28.14 -7.66
C PRO C 282 38.48 27.41 -6.34
N ILE C 283 39.05 26.22 -6.41
CA ILE C 283 39.46 25.46 -5.22
C ILE C 283 40.98 25.32 -5.30
N LEU C 284 41.65 25.58 -4.19
CA LEU C 284 43.09 25.37 -4.10
C LEU C 284 43.41 24.38 -2.98
N VAL C 285 44.03 23.27 -3.35
CA VAL C 285 44.45 22.26 -2.37
C VAL C 285 45.92 22.48 -2.00
N LYS C 286 46.18 22.69 -0.71
CA LYS C 286 47.56 22.91 -0.26
C LYS C 286 48.04 21.98 0.86
N ASN C 287 49.36 21.97 1.08
CA ASN C 287 49.98 21.10 2.08
C ASN C 287 50.37 21.85 3.34
N THR C 288 49.71 21.53 4.45
CA THR C 288 49.94 22.20 5.73
C THR C 288 51.39 22.01 6.25
N PHE C 289 52.04 20.95 5.81
CA PHE C 289 53.42 20.65 6.23
C PHE C 289 54.41 20.99 5.13
N GLU C 290 53.89 21.64 4.09
CA GLU C 290 54.69 22.16 2.98
C GLU C 290 54.02 23.42 2.42
N PRO C 291 53.88 24.46 3.25
CA PRO C 291 53.09 25.65 2.89
C PRO C 291 53.63 26.41 1.68
N GLU C 292 54.82 26.02 1.22
CA GLU C 292 55.46 26.68 0.08
C GLU C 292 55.20 26.00 -1.25
N SER C 293 54.61 24.81 -1.22
CA SER C 293 54.14 24.12 -2.43
C SER C 293 53.18 25.02 -3.23
N GLU C 294 52.94 24.66 -4.48
CA GLU C 294 51.97 25.40 -5.30
C GLU C 294 50.61 24.70 -5.32
N GLY C 295 50.60 23.44 -4.92
CA GLY C 295 49.37 22.66 -4.77
C GLY C 295 48.64 22.37 -6.05
N THR C 296 47.38 21.98 -5.92
CA THR C 296 46.55 21.68 -7.07
C THR C 296 45.38 22.65 -7.10
N LEU C 297 45.19 23.29 -8.25
CA LEU C 297 44.08 24.20 -8.45
C LEU C 297 42.97 23.58 -9.28
N ILE C 298 41.79 23.45 -8.68
CA ILE C 298 40.58 23.12 -9.39
C ILE C 298 40.01 24.44 -9.90
N THR C 299 39.68 24.50 -11.17
CA THR C 299 39.27 25.77 -11.79
C THR C 299 38.49 25.59 -13.10
N ASN C 300 37.89 26.69 -13.57
CA ASN C 300 37.29 26.79 -14.89
C ASN C 300 38.38 26.77 -15.95
N ASP C 301 38.68 27.96 -16.50
CA ASP C 301 39.75 28.22 -17.48
C ASP C 301 40.76 27.10 -17.69
N MET C 302 40.70 26.46 -18.86
CA MET C 302 41.68 25.43 -19.24
C MET C 302 42.24 25.69 -20.65
N SER C 307 48.70 17.13 -21.41
CA SER C 307 48.02 17.48 -22.65
C SER C 307 46.80 16.60 -22.94
N ILE C 308 46.88 15.33 -22.54
CA ILE C 308 45.85 14.36 -22.90
C ILE C 308 45.28 13.59 -21.70
N VAL C 309 46.10 12.77 -21.06
CA VAL C 309 45.71 12.06 -19.84
C VAL C 309 46.28 12.81 -18.64
N LYS C 310 45.40 13.17 -17.71
CA LYS C 310 45.82 13.96 -16.54
C LYS C 310 46.24 13.10 -15.37
N ALA C 311 45.53 12.01 -15.14
CA ALA C 311 45.71 11.21 -13.94
C ALA C 311 45.24 9.78 -14.09
N ILE C 312 45.80 8.89 -13.28
CA ILE C 312 45.36 7.50 -13.16
C ILE C 312 44.82 7.29 -11.74
N SER C 313 43.54 6.96 -11.66
CA SER C 313 42.91 6.66 -10.39
C SER C 313 42.81 5.16 -10.19
N THR C 314 42.89 4.73 -8.94
CA THR C 314 42.85 3.31 -8.59
C THR C 314 41.98 3.04 -7.37
N ILE C 315 41.21 1.97 -7.44
CA ILE C 315 40.46 1.49 -6.28
C ILE C 315 40.88 0.06 -6.00
N LYS C 316 41.54 -0.16 -4.86
CA LYS C 316 42.12 -1.46 -4.51
C LYS C 316 41.13 -2.42 -3.87
N ASN C 317 41.45 -3.71 -3.93
CA ASN C 317 40.71 -4.77 -3.25
C ASN C 317 39.19 -4.62 -3.32
N VAL C 318 38.66 -4.75 -4.54
CA VAL C 318 37.22 -4.66 -4.77
C VAL C 318 36.74 -5.96 -5.36
N ALA C 319 35.44 -6.03 -5.67
CA ALA C 319 34.84 -7.25 -6.22
C ALA C 319 33.84 -6.91 -7.32
N LEU C 320 33.54 -7.88 -8.17
CA LEU C 320 32.56 -7.69 -9.22
C LEU C 320 31.57 -8.85 -9.34
N ILE C 321 30.33 -8.50 -9.67
CA ILE C 321 29.22 -9.45 -9.75
C ILE C 321 28.55 -9.39 -11.12
N ASN C 322 28.36 -10.55 -11.74
CA ASN C 322 27.68 -10.63 -13.02
C ASN C 322 26.28 -11.22 -12.84
N ILE C 323 25.28 -10.53 -13.39
CA ILE C 323 23.89 -10.95 -13.26
C ILE C 323 23.35 -11.52 -14.57
N PHE C 324 23.55 -12.83 -14.76
CA PHE C 324 23.06 -13.51 -15.95
C PHE C 324 21.60 -13.89 -15.74
N GLY C 325 20.80 -13.74 -16.80
CA GLY C 325 19.39 -14.07 -16.73
C GLY C 325 18.74 -14.30 -18.08
N ALA C 326 17.69 -15.11 -18.09
CA ALA C 326 16.93 -15.38 -19.30
C ALA C 326 16.14 -14.14 -19.71
N GLY C 327 16.24 -13.78 -20.98
CA GLY C 327 15.57 -12.59 -21.52
C GLY C 327 16.11 -11.29 -20.96
N MET C 328 15.81 -11.03 -19.69
CA MET C 328 16.23 -9.83 -18.96
C MET C 328 16.16 -8.58 -19.84
N VAL C 329 15.12 -8.51 -20.64
CA VAL C 329 14.91 -7.42 -21.59
C VAL C 329 14.41 -6.15 -20.91
N GLY C 330 14.43 -5.03 -21.63
CA GLY C 330 14.01 -3.74 -21.09
C GLY C 330 12.50 -3.60 -20.92
N VAL C 331 11.75 -4.45 -21.62
CA VAL C 331 10.29 -4.49 -21.52
C VAL C 331 9.84 -4.63 -20.06
N SER C 332 10.39 -5.63 -19.36
CA SER C 332 10.14 -5.81 -17.94
C SER C 332 11.05 -4.89 -17.12
N GLY C 333 10.62 -4.56 -15.91
CA GLY C 333 11.41 -3.74 -15.00
C GLY C 333 12.43 -4.56 -14.22
N THR C 334 13.15 -5.43 -14.91
CA THR C 334 14.14 -6.31 -14.30
C THR C 334 15.34 -5.56 -13.71
N ALA C 335 15.83 -4.57 -14.45
CA ALA C 335 16.98 -3.77 -14.02
C ALA C 335 16.67 -2.95 -12.78
N ALA C 336 15.45 -2.40 -12.72
CA ALA C 336 14.98 -1.59 -11.60
C ALA C 336 15.08 -2.35 -10.27
N ARG C 337 14.62 -3.59 -10.28
CA ARG C 337 14.58 -4.44 -9.09
C ARG C 337 15.96 -4.86 -8.59
N ILE C 338 16.92 -4.97 -9.52
CA ILE C 338 18.32 -5.25 -9.15
C ILE C 338 18.84 -4.15 -8.25
N PHE C 339 18.55 -2.90 -8.60
CA PHE C 339 19.11 -1.74 -7.90
C PHE C 339 18.30 -1.33 -6.68
N LYS C 340 16.99 -1.54 -6.73
CA LYS C 340 16.14 -1.35 -5.55
C LYS C 340 16.64 -2.26 -4.43
N ALA C 341 16.84 -3.54 -4.78
CA ALA C 341 17.34 -4.55 -3.86
C ALA C 341 18.63 -4.13 -3.16
N LEU C 342 19.55 -3.55 -3.94
CA LEU C 342 20.84 -3.11 -3.42
C LEU C 342 20.73 -1.72 -2.82
N GLY C 343 19.65 -1.01 -3.16
CA GLY C 343 19.35 0.29 -2.56
C GLY C 343 19.09 0.09 -1.09
N GLU C 344 18.13 -0.79 -0.79
CA GLU C 344 17.94 -1.32 0.55
C GLU C 344 19.19 -2.13 0.89
N GLU C 345 19.53 -2.18 2.17
CA GLU C 345 20.80 -2.78 2.62
C GLU C 345 22.02 -1.96 2.21
N GLU C 346 21.74 -0.77 1.65
CA GLU C 346 22.76 0.24 1.32
C GLU C 346 24.08 -0.35 0.82
N VAL C 347 24.10 -0.73 -0.45
CA VAL C 347 25.30 -1.25 -1.09
C VAL C 347 25.74 -0.30 -2.20
N ASN C 348 27.00 0.13 -2.13
CA ASN C 348 27.52 1.07 -3.11
C ASN C 348 28.00 0.39 -4.37
N VAL C 349 27.45 0.79 -5.51
CA VAL C 349 27.89 0.27 -6.81
C VAL C 349 28.96 1.18 -7.41
N ILE C 350 30.17 0.63 -7.57
CA ILE C 350 31.30 1.40 -8.09
C ILE C 350 31.21 1.54 -9.61
N LEU C 351 30.92 0.43 -10.28
CA LEU C 351 30.84 0.39 -11.74
C LEU C 351 29.64 -0.41 -12.20
N ILE C 352 28.97 0.07 -13.25
CA ILE C 352 27.91 -0.69 -13.91
C ILE C 352 28.26 -0.88 -15.39
N SER C 353 27.87 -2.02 -15.95
CA SER C 353 28.11 -2.33 -17.35
C SER C 353 27.04 -3.27 -17.88
N GLN C 354 26.54 -2.96 -19.07
CA GLN C 354 25.59 -3.83 -19.75
C GLN C 354 25.82 -3.77 -21.26
N GLY C 355 26.03 -4.94 -21.86
CA GLY C 355 26.26 -5.05 -23.30
C GLY C 355 24.98 -5.01 -24.10
N SER C 356 25.10 -5.05 -25.42
CA SER C 356 23.95 -4.96 -26.33
C SER C 356 22.98 -6.14 -26.23
N SER C 357 23.47 -7.27 -25.72
CA SER C 357 22.63 -8.44 -25.50
C SER C 357 21.63 -8.19 -24.37
N GLU C 358 22.01 -7.32 -23.44
CA GLU C 358 21.30 -7.06 -22.19
C GLU C 358 20.82 -8.30 -21.41
N THR C 359 21.39 -9.46 -21.74
CA THR C 359 21.11 -10.70 -21.02
C THR C 359 21.84 -10.72 -19.69
N ASN C 360 22.85 -9.88 -19.56
CA ASN C 360 23.61 -9.76 -18.31
C ASN C 360 23.96 -8.33 -17.96
N ILE C 361 24.09 -8.05 -16.67
CA ILE C 361 24.60 -6.77 -16.18
C ILE C 361 25.76 -7.02 -15.21
N SER C 362 26.73 -6.12 -15.22
CA SER C 362 27.96 -6.34 -14.46
C SER C 362 28.29 -5.17 -13.55
N LEU C 363 28.27 -5.42 -12.24
CA LEU C 363 28.56 -4.38 -11.25
C LEU C 363 29.80 -4.66 -10.41
N VAL C 364 30.39 -3.60 -9.85
CA VAL C 364 31.52 -3.73 -8.92
C VAL C 364 31.17 -3.09 -7.58
N VAL C 365 31.45 -3.84 -6.52
CA VAL C 365 31.23 -3.38 -5.16
C VAL C 365 32.45 -3.71 -4.30
N SER C 366 32.57 -3.03 -3.15
CA SER C 366 33.64 -3.31 -2.19
C SER C 366 33.61 -4.77 -1.75
N GLU C 367 34.78 -5.41 -1.71
CA GLU C 367 34.87 -6.85 -1.46
C GLU C 367 34.23 -7.28 -0.14
N GLU C 368 34.11 -6.34 0.79
CA GLU C 368 33.43 -6.58 2.06
C GLU C 368 31.93 -6.23 1.99
N ASP C 369 31.33 -6.55 0.86
CA ASP C 369 29.88 -6.37 0.62
C ASP C 369 29.29 -7.50 -0.23
N VAL C 370 30.15 -8.40 -0.71
CA VAL C 370 29.75 -9.50 -1.63
C VAL C 370 28.52 -10.28 -1.17
N ASP C 371 28.59 -10.81 0.06
CA ASP C 371 27.51 -11.56 0.66
C ASP C 371 26.36 -10.64 1.03
N LYS C 372 26.70 -9.44 1.46
CA LYS C 372 25.72 -8.40 1.79
C LYS C 372 24.97 -7.95 0.53
N ALA C 373 25.48 -8.33 -0.64
CA ALA C 373 24.80 -8.06 -1.91
C ALA C 373 24.14 -9.32 -2.48
N LEU C 374 24.76 -10.47 -2.22
CA LEU C 374 24.26 -11.75 -2.71
C LEU C 374 22.92 -12.13 -2.10
N LYS C 375 22.85 -12.14 -0.77
CA LYS C 375 21.66 -12.55 -0.04
C LYS C 375 20.46 -11.67 -0.37
N ALA C 376 20.67 -10.35 -0.37
CA ALA C 376 19.62 -9.36 -0.65
C ALA C 376 19.07 -9.47 -2.06
N LEU C 377 19.89 -9.96 -2.98
CA LEU C 377 19.49 -10.14 -4.37
C LEU C 377 18.54 -11.33 -4.50
N LYS C 378 18.92 -12.46 -3.88
CA LYS C 378 18.07 -13.66 -3.88
C LYS C 378 16.80 -13.42 -3.06
N ARG C 379 16.91 -12.56 -2.05
CA ARG C 379 15.77 -12.16 -1.23
C ARG C 379 14.80 -11.28 -2.03
N GLU C 380 15.27 -10.76 -3.16
CA GLU C 380 14.42 -10.03 -4.08
C GLU C 380 13.83 -10.98 -5.13
N PHE C 381 14.62 -11.97 -5.54
CA PHE C 381 14.20 -12.93 -6.56
C PHE C 381 14.06 -14.34 -5.98
N LEU C 390 15.25 -23.10 -18.13
CA LEU C 390 14.45 -23.40 -16.95
C LEU C 390 13.30 -22.41 -16.84
N ASN C 391 12.29 -22.77 -16.05
CA ASN C 391 11.09 -21.95 -15.87
C ASN C 391 10.60 -21.91 -14.42
N ASN C 392 11.12 -20.95 -13.65
CA ASN C 392 10.68 -20.72 -12.27
C ASN C 392 10.80 -19.24 -11.91
N ASN C 393 12.01 -18.68 -12.05
CA ASN C 393 12.28 -17.27 -11.77
C ASN C 393 12.50 -16.50 -13.08
N LEU C 394 13.54 -15.65 -13.12
CA LEU C 394 13.91 -14.87 -14.31
C LEU C 394 15.38 -14.46 -14.32
N ILE C 395 16.01 -14.52 -13.15
CA ILE C 395 17.44 -14.35 -13.00
C ILE C 395 18.02 -15.76 -12.83
N ARG C 396 18.93 -16.13 -13.74
CA ARG C 396 19.45 -17.49 -13.79
C ARG C 396 20.74 -17.70 -12.97
N ASP C 397 21.73 -16.82 -13.19
CA ASP C 397 23.05 -17.01 -12.57
C ASP C 397 23.54 -15.80 -11.78
N VAL C 398 24.54 -16.05 -10.93
CA VAL C 398 25.24 -15.01 -10.19
C VAL C 398 26.72 -15.35 -10.01
N SER C 399 27.51 -15.05 -11.03
CA SER C 399 28.96 -15.24 -10.99
C SER C 399 29.60 -14.19 -10.07
N VAL C 400 30.85 -14.40 -9.70
CA VAL C 400 31.53 -13.54 -8.73
C VAL C 400 33.06 -13.71 -8.69
N ASP C 401 33.77 -12.59 -8.70
CA ASP C 401 35.21 -12.53 -8.42
C ASP C 401 35.43 -11.75 -7.12
N LYS C 402 36.61 -11.89 -6.53
CA LYS C 402 36.97 -11.12 -5.32
C LYS C 402 38.47 -10.79 -5.25
N ASP C 403 39.12 -10.81 -6.41
CA ASP C 403 40.57 -10.65 -6.51
C ASP C 403 40.89 -9.57 -7.54
N VAL C 404 40.13 -8.47 -7.49
CA VAL C 404 40.21 -7.44 -8.53
C VAL C 404 40.28 -6.01 -8.00
N CYS C 405 40.64 -5.09 -8.90
CA CYS C 405 40.69 -3.66 -8.61
C CYS C 405 40.19 -2.85 -9.81
N VAL C 406 39.89 -1.58 -9.58
CA VAL C 406 39.45 -0.68 -10.65
C VAL C 406 40.56 0.31 -10.97
N ILE C 407 40.83 0.46 -12.27
CA ILE C 407 41.72 1.51 -12.75
C ILE C 407 40.92 2.44 -13.66
N SER C 408 41.02 3.74 -13.39
CA SER C 408 40.33 4.74 -14.18
C SER C 408 41.28 5.84 -14.63
N VAL C 409 41.37 6.00 -15.95
CA VAL C 409 42.28 6.96 -16.57
C VAL C 409 41.52 8.24 -16.87
N VAL C 410 41.96 9.33 -16.27
CA VAL C 410 41.24 10.61 -16.37
C VAL C 410 42.05 11.65 -17.14
N GLY C 411 41.34 12.39 -18.00
CA GLY C 411 41.89 13.53 -18.74
C GLY C 411 40.79 14.19 -19.55
N ALA C 412 40.70 15.52 -19.46
CA ALA C 412 39.72 16.30 -20.22
C ALA C 412 39.99 16.23 -21.71
N GLY C 413 41.28 16.26 -22.06
CA GLY C 413 41.71 16.21 -23.45
C GLY C 413 41.54 14.84 -24.10
N MET C 414 40.91 13.90 -23.39
CA MET C 414 40.60 12.59 -23.94
C MET C 414 39.41 12.64 -24.87
N ARG C 415 38.46 13.53 -24.59
CA ARG C 415 37.27 13.66 -25.42
C ARG C 415 37.66 13.96 -26.86
N GLY C 416 37.07 13.19 -27.78
CA GLY C 416 37.30 13.34 -29.20
C GLY C 416 38.71 13.02 -29.65
N ALA C 417 39.53 12.49 -28.73
CA ALA C 417 40.92 12.16 -29.03
C ALA C 417 41.01 10.73 -29.53
N LYS C 418 40.77 10.55 -30.83
CA LYS C 418 40.78 9.23 -31.48
C LYS C 418 42.05 8.45 -31.20
N GLY C 419 41.89 7.20 -30.78
CA GLY C 419 43.00 6.28 -30.66
C GLY C 419 43.54 6.08 -29.27
N ILE C 420 43.13 6.95 -28.34
CA ILE C 420 43.68 6.94 -26.98
C ILE C 420 43.27 5.69 -26.22
N ALA C 421 42.02 5.27 -26.38
CA ALA C 421 41.51 4.08 -25.70
C ALA C 421 42.27 2.85 -26.21
N GLY C 422 42.51 2.81 -27.52
CA GLY C 422 43.31 1.75 -28.12
C GLY C 422 44.72 1.71 -27.57
N LYS C 423 45.34 2.89 -27.47
CA LYS C 423 46.69 3.02 -26.93
C LYS C 423 46.74 2.58 -25.47
N ILE C 424 45.68 2.89 -24.73
CA ILE C 424 45.59 2.60 -23.31
C ILE C 424 45.47 1.10 -23.03
N PHE C 425 44.52 0.43 -23.70
CA PHE C 425 44.28 -0.99 -23.45
C PHE C 425 45.38 -1.89 -23.98
N THR C 426 46.15 -1.41 -24.96
CA THR C 426 47.35 -2.13 -25.41
C THR C 426 48.41 -2.06 -24.33
N ALA C 427 48.54 -0.89 -23.69
CA ALA C 427 49.50 -0.69 -22.60
C ALA C 427 49.21 -1.62 -21.42
N VAL C 428 47.94 -1.68 -21.01
CA VAL C 428 47.45 -2.64 -20.02
C VAL C 428 47.80 -4.06 -20.44
N SER C 429 47.45 -4.40 -21.67
CA SER C 429 47.73 -5.70 -22.25
C SER C 429 49.21 -6.06 -22.19
N GLU C 430 50.08 -5.09 -22.48
CA GLU C 430 51.52 -5.31 -22.50
C GLU C 430 52.13 -5.50 -21.11
N SER C 431 51.54 -4.85 -20.11
CA SER C 431 52.02 -4.92 -18.73
C SER C 431 51.85 -6.31 -18.13
N GLY C 432 50.92 -7.09 -18.71
CA GLY C 432 50.65 -8.45 -18.29
C GLY C 432 49.32 -8.58 -17.55
N ALA C 433 48.32 -7.83 -17.99
CA ALA C 433 47.01 -7.84 -17.35
C ALA C 433 45.87 -8.09 -18.34
N ASN C 434 44.96 -8.97 -17.95
CA ASN C 434 43.74 -9.25 -18.71
C ASN C 434 42.59 -8.38 -18.20
N ILE C 435 41.89 -7.72 -19.12
CA ILE C 435 40.79 -6.81 -18.79
C ILE C 435 39.49 -7.59 -18.59
N LYS C 436 38.90 -7.48 -17.40
CA LYS C 436 37.68 -8.20 -17.09
C LYS C 436 36.41 -7.39 -17.36
N MET C 437 36.52 -6.06 -17.35
CA MET C 437 35.38 -5.16 -17.63
C MET C 437 35.84 -3.73 -17.94
N ILE C 438 35.17 -3.11 -18.92
CA ILE C 438 35.39 -1.70 -19.26
C ILE C 438 34.10 -0.88 -19.13
N ALA C 439 34.26 0.37 -18.70
CA ALA C 439 33.16 1.32 -18.60
C ALA C 439 33.62 2.75 -18.87
N GLN C 440 33.11 3.33 -19.95
CA GLN C 440 33.39 4.71 -20.31
C GLN C 440 32.10 5.45 -20.55
N GLY C 441 31.99 6.66 -19.99
CA GLY C 441 30.78 7.46 -20.09
C GLY C 441 30.75 8.30 -21.34
N SER C 442 29.64 8.98 -21.57
CA SER C 442 29.48 9.89 -22.70
C SER C 442 30.55 10.97 -22.67
N SER C 443 30.66 11.67 -21.54
CA SER C 443 31.73 12.64 -21.34
C SER C 443 33.01 11.82 -21.26
N GLU C 444 33.79 11.83 -22.33
CA GLU C 444 34.91 10.92 -22.49
C GLU C 444 36.09 11.27 -21.58
N VAL C 445 35.80 11.84 -20.42
CA VAL C 445 36.82 12.31 -19.49
C VAL C 445 37.38 11.17 -18.65
N ASN C 446 36.66 10.06 -18.59
CA ASN C 446 37.06 8.91 -17.79
C ASN C 446 36.84 7.55 -18.46
N ILE C 447 37.88 6.74 -18.49
CA ILE C 447 37.74 5.33 -18.84
C ILE C 447 38.07 4.48 -17.61
N SER C 448 37.07 3.81 -17.07
CA SER C 448 37.26 2.93 -15.94
C SER C 448 37.32 1.49 -16.42
N PHE C 449 38.20 0.71 -15.81
CA PHE C 449 38.27 -0.72 -16.09
C PHE C 449 38.78 -1.51 -14.89
N VAL C 450 38.60 -2.83 -14.96
CA VAL C 450 38.99 -3.72 -13.87
C VAL C 450 39.90 -4.85 -14.36
N ILE C 451 40.92 -5.15 -13.54
CA ILE C 451 41.86 -6.23 -13.81
C ILE C 451 42.16 -6.96 -12.50
N ASP C 452 42.81 -8.12 -12.59
CA ASP C 452 43.27 -8.86 -11.41
C ASP C 452 44.14 -8.00 -10.51
N GLU C 453 43.91 -8.10 -9.20
CA GLU C 453 44.64 -7.31 -8.20
C GLU C 453 46.16 -7.41 -8.35
N LYS C 454 46.68 -8.64 -8.46
CA LYS C 454 48.12 -8.88 -8.60
C LYS C 454 48.77 -8.08 -9.72
N ASP C 455 47.96 -7.64 -10.69
CA ASP C 455 48.44 -6.94 -11.88
C ASP C 455 48.50 -5.42 -11.73
N LEU C 456 47.90 -4.91 -10.65
CA LEU C 456 47.81 -3.47 -10.40
C LEU C 456 49.16 -2.75 -10.50
N LEU C 457 50.16 -3.29 -9.80
CA LEU C 457 51.51 -2.73 -9.79
C LEU C 457 52.03 -2.48 -11.22
N ASN C 458 52.24 -3.58 -11.96
CA ASN C 458 52.82 -3.51 -13.30
C ASN C 458 51.96 -2.77 -14.31
N CYS C 459 50.67 -2.68 -14.04
CA CYS C 459 49.75 -1.99 -14.95
C CYS C 459 49.81 -0.47 -14.77
N VAL C 460 49.58 0.00 -13.56
CA VAL C 460 49.62 1.43 -13.24
C VAL C 460 50.97 2.05 -13.61
N ARG C 461 52.05 1.33 -13.30
CA ARG C 461 53.39 1.77 -13.66
C ARG C 461 53.53 1.94 -15.18
N LYS C 462 52.96 1.01 -15.93
CA LYS C 462 53.02 1.04 -17.39
C LYS C 462 52.24 2.21 -17.94
N LEU C 463 51.00 2.39 -17.45
CA LEU C 463 50.15 3.50 -17.87
C LEU C 463 50.76 4.85 -17.56
N HIS C 464 51.35 4.98 -16.38
CA HIS C 464 52.02 6.21 -15.94
C HIS C 464 53.23 6.52 -16.80
N GLU C 465 53.96 5.48 -17.20
CA GLU C 465 55.14 5.65 -18.05
C GLU C 465 54.81 6.31 -19.38
N LYS C 466 53.75 5.81 -20.02
CA LYS C 466 53.49 6.15 -21.42
C LYS C 466 52.63 7.41 -21.62
N PHE C 467 51.92 7.82 -20.58
CA PHE C 467 50.91 8.87 -20.75
C PHE C 467 51.05 10.12 -19.88
N ILE C 468 52.09 10.19 -19.06
CA ILE C 468 52.21 11.33 -18.14
C ILE C 468 53.23 12.39 -18.57
N GLU C 469 54.52 12.05 -18.58
CA GLU C 469 55.56 13.01 -19.01
C GLU C 469 56.48 12.46 -20.11
N THR D 3 13.77 -34.74 -34.35
CA THR D 3 13.93 -33.54 -35.23
C THR D 3 12.71 -32.63 -35.11
N VAL D 4 12.98 -31.36 -34.83
CA VAL D 4 11.93 -30.33 -34.73
C VAL D 4 12.23 -29.18 -35.68
N MET D 5 11.62 -29.23 -36.86
CA MET D 5 11.82 -28.24 -37.91
C MET D 5 10.82 -27.11 -37.76
N LYS D 6 11.32 -25.88 -37.73
CA LYS D 6 10.45 -24.71 -37.63
C LYS D 6 10.46 -23.92 -38.93
N PHE D 7 9.27 -23.57 -39.41
CA PHE D 7 9.12 -22.76 -40.61
C PHE D 7 8.43 -21.43 -40.28
N GLY D 8 8.81 -20.39 -41.01
CA GLY D 8 8.31 -19.04 -40.71
C GLY D 8 7.44 -18.42 -41.77
N GLY D 9 7.06 -17.17 -41.51
CA GLY D 9 6.20 -16.38 -42.39
C GLY D 9 6.53 -16.42 -43.86
N THR D 10 7.68 -15.86 -44.24
CA THR D 10 8.05 -15.78 -45.66
C THR D 10 8.38 -17.15 -46.27
N SER D 11 8.74 -18.12 -45.42
CA SER D 11 8.96 -19.50 -45.88
C SER D 11 7.66 -20.17 -46.35
N VAL D 12 6.52 -19.75 -45.82
CA VAL D 12 5.22 -20.24 -46.28
C VAL D 12 4.42 -19.17 -47.06
N GLY D 13 5.14 -18.21 -47.63
CA GLY D 13 4.56 -17.06 -48.35
C GLY D 13 3.46 -17.35 -49.37
N SER D 14 3.71 -18.27 -50.30
CA SER D 14 2.68 -18.69 -51.24
C SER D 14 2.40 -20.19 -51.08
N GLY D 15 1.49 -20.71 -51.91
CA GLY D 15 1.21 -22.15 -51.96
C GLY D 15 2.42 -22.95 -52.42
N GLU D 16 3.15 -22.41 -53.41
CA GLU D 16 4.40 -23.02 -53.86
C GLU D 16 5.36 -23.18 -52.69
N ARG D 17 5.59 -22.08 -51.97
CA ARG D 17 6.46 -22.06 -50.80
C ARG D 17 6.09 -23.14 -49.78
N ILE D 18 4.80 -23.28 -49.49
CA ILE D 18 4.28 -24.32 -48.59
C ILE D 18 4.57 -25.73 -49.10
N ARG D 19 4.43 -25.94 -50.41
CA ARG D 19 4.72 -27.23 -51.02
C ARG D 19 6.22 -27.50 -51.04
N HIS D 20 7.01 -26.46 -51.27
CA HIS D 20 8.47 -26.53 -51.20
C HIS D 20 8.86 -26.94 -49.77
N VAL D 21 8.22 -26.30 -48.80
CA VAL D 21 8.41 -26.63 -47.38
C VAL D 21 8.00 -28.08 -47.13
N ALA D 22 6.90 -28.49 -47.76
CA ALA D 22 6.36 -29.83 -47.61
C ALA D 22 7.31 -30.94 -48.08
N LYS D 23 8.01 -30.72 -49.19
CA LYS D 23 8.98 -31.71 -49.67
C LYS D 23 10.22 -31.79 -48.78
N ILE D 24 10.58 -30.66 -48.16
CA ILE D 24 11.75 -30.57 -47.29
C ILE D 24 11.61 -31.51 -46.09
N VAL D 25 10.47 -31.40 -45.40
CA VAL D 25 10.13 -32.25 -44.27
C VAL D 25 10.09 -33.71 -44.70
N THR D 26 9.53 -33.95 -45.89
CA THR D 26 9.44 -35.30 -46.44
C THR D 26 10.84 -35.88 -46.64
N LYS D 27 11.80 -35.03 -47.00
CA LYS D 27 13.19 -35.47 -47.19
C LYS D 27 13.84 -35.76 -45.84
N ARG D 28 13.51 -34.97 -44.82
CA ARG D 28 14.02 -35.16 -43.47
C ARG D 28 13.62 -36.54 -42.94
N LYS D 29 12.33 -36.85 -43.09
CA LYS D 29 11.71 -38.07 -42.58
C LYS D 29 12.44 -39.35 -43.01
N LYS D 30 13.20 -39.27 -44.10
CA LYS D 30 13.99 -40.40 -44.60
C LYS D 30 15.05 -40.84 -43.59
N GLU D 31 15.77 -39.87 -43.02
CA GLU D 31 16.75 -40.15 -41.96
C GLU D 31 16.04 -40.53 -40.67
N ASP D 32 15.21 -39.62 -40.17
CA ASP D 32 14.37 -39.87 -38.99
C ASP D 32 13.10 -39.03 -39.01
N VAL D 36 8.30 -33.87 -35.90
CA VAL D 36 7.55 -32.72 -35.39
C VAL D 36 7.94 -31.46 -36.15
N VAL D 37 6.95 -30.86 -36.82
CA VAL D 37 7.16 -29.60 -37.53
C VAL D 37 6.35 -28.47 -36.89
N VAL D 38 7.03 -27.36 -36.61
CA VAL D 38 6.40 -26.18 -36.03
C VAL D 38 6.25 -25.12 -37.10
N VAL D 39 5.05 -24.54 -37.21
CA VAL D 39 4.80 -23.57 -38.27
C VAL D 39 4.30 -22.22 -37.75
N SER D 40 4.68 -21.15 -38.44
CA SER D 40 4.14 -19.83 -38.17
C SER D 40 2.93 -19.57 -39.07
N ALA D 41 2.64 -18.31 -39.34
CA ALA D 41 1.57 -17.94 -40.28
C ALA D 41 2.17 -17.54 -41.62
N MET D 42 1.31 -17.26 -42.61
CA MET D 42 1.78 -16.75 -43.90
C MET D 42 2.27 -15.31 -43.78
N SER D 43 2.95 -14.82 -44.81
CA SER D 43 3.50 -13.45 -44.81
C SER D 43 2.40 -12.40 -44.71
N GLU D 44 2.67 -11.36 -43.91
CA GLU D 44 1.75 -10.22 -43.72
C GLU D 44 0.31 -10.63 -43.40
N VAL D 45 0.14 -11.74 -42.68
CA VAL D 45 -1.18 -12.20 -42.25
C VAL D 45 -1.43 -11.81 -40.80
N THR D 46 -0.47 -12.15 -39.93
CA THR D 46 -0.48 -11.70 -38.53
C THR D 46 -0.50 -10.17 -38.46
N ASN D 47 0.24 -9.51 -39.36
CA ASN D 47 0.24 -8.06 -39.44
C ASN D 47 -1.12 -7.53 -39.89
N ALA D 48 -1.90 -8.38 -40.57
CA ALA D 48 -3.22 -7.99 -41.06
C ALA D 48 -4.28 -8.18 -39.98
N LEU D 49 -4.20 -9.28 -39.24
CA LEU D 49 -5.12 -9.55 -38.15
C LEU D 49 -5.07 -8.43 -37.11
N VAL D 50 -3.87 -7.96 -36.81
CA VAL D 50 -3.67 -6.83 -35.92
C VAL D 50 -4.47 -5.62 -36.40
N GLU D 51 -4.34 -5.27 -37.69
CA GLU D 51 -5.00 -4.07 -38.23
C GLU D 51 -6.51 -4.22 -38.33
N ILE D 52 -6.99 -5.45 -38.55
CA ILE D 52 -8.43 -5.69 -38.62
C ILE D 52 -9.05 -5.75 -37.23
N SER D 53 -8.26 -6.19 -36.24
CA SER D 53 -8.68 -6.15 -34.84
C SER D 53 -8.97 -4.72 -34.43
N GLN D 54 -7.97 -3.85 -34.62
CA GLN D 54 -8.10 -2.44 -34.28
C GLN D 54 -9.17 -1.77 -35.13
N GLN D 55 -9.20 -2.11 -36.41
CA GLN D 55 -10.23 -1.64 -37.34
C GLN D 55 -11.61 -1.89 -36.74
N ALA D 56 -11.84 -3.13 -36.32
CA ALA D 56 -13.15 -3.56 -35.80
C ALA D 56 -13.44 -3.05 -34.40
N LEU D 57 -12.46 -2.38 -33.77
CA LEU D 57 -12.65 -1.78 -32.47
C LEU D 57 -12.93 -0.29 -32.59
N ASP D 58 -12.20 0.38 -33.49
CA ASP D 58 -12.34 1.82 -33.69
C ASP D 58 -13.52 2.18 -34.57
N VAL D 59 -13.45 1.79 -35.85
CA VAL D 59 -14.53 2.09 -36.79
C VAL D 59 -15.66 1.07 -36.72
N ARG D 60 -15.32 -0.18 -36.38
CA ARG D 60 -16.29 -1.30 -36.30
C ARG D 60 -17.29 -1.32 -37.47
N ASP D 61 -16.75 -1.23 -38.69
CA ASP D 61 -17.54 -1.10 -39.90
C ASP D 61 -17.99 -2.45 -40.46
N ILE D 62 -19.28 -2.53 -40.80
CA ILE D 62 -19.92 -3.76 -41.29
C ILE D 62 -19.36 -4.19 -42.66
N ALA D 63 -19.11 -3.22 -43.53
CA ALA D 63 -18.60 -3.50 -44.86
C ALA D 63 -17.08 -3.74 -44.87
N LYS D 64 -16.37 -3.02 -44.00
CA LYS D 64 -14.91 -3.08 -43.95
C LYS D 64 -14.39 -4.35 -43.30
N VAL D 65 -15.27 -5.12 -42.67
CA VAL D 65 -14.89 -6.43 -42.14
C VAL D 65 -15.04 -7.50 -43.21
N GLY D 66 -16.14 -7.42 -43.96
CA GLY D 66 -16.50 -8.42 -44.96
C GLY D 66 -15.42 -8.65 -45.99
N ASP D 67 -14.74 -7.56 -46.34
CA ASP D 67 -13.68 -7.60 -47.33
C ASP D 67 -12.41 -8.25 -46.78
N PHE D 68 -12.27 -8.28 -45.46
CA PHE D 68 -11.10 -8.89 -44.83
C PHE D 68 -11.13 -10.40 -44.89
N ILE D 69 -12.26 -11.01 -44.52
CA ILE D 69 -12.35 -12.47 -44.57
C ILE D 69 -12.28 -12.98 -46.01
N LYS D 70 -12.90 -12.24 -46.94
CA LYS D 70 -12.81 -12.54 -48.37
C LYS D 70 -11.38 -12.41 -48.90
N PHE D 71 -10.60 -11.55 -48.28
CA PHE D 71 -9.17 -11.42 -48.56
C PHE D 71 -8.46 -12.72 -48.15
N ILE D 72 -8.57 -13.08 -46.88
CA ILE D 72 -7.95 -14.31 -46.37
C ILE D 72 -8.68 -15.58 -46.81
N ARG D 73 -9.78 -15.41 -47.53
CA ARG D 73 -10.42 -16.53 -48.20
C ARG D 73 -9.60 -16.86 -49.44
N GLU D 74 -9.48 -15.89 -50.34
CA GLU D 74 -8.78 -16.08 -51.62
C GLU D 74 -7.26 -16.09 -51.48
N LYS D 75 -6.75 -15.58 -50.36
CA LYS D 75 -5.33 -15.70 -50.01
C LYS D 75 -5.01 -17.16 -49.72
N HIS D 76 -5.90 -17.82 -48.97
CA HIS D 76 -5.69 -19.21 -48.60
C HIS D 76 -6.30 -20.18 -49.60
N TYR D 77 -7.32 -19.75 -50.34
CA TYR D 77 -7.91 -20.56 -51.41
C TYR D 77 -6.91 -20.84 -52.53
N LYS D 78 -6.18 -19.81 -52.92
CA LYS D 78 -5.11 -19.94 -53.92
C LYS D 78 -3.87 -20.62 -53.34
N ALA D 79 -3.75 -20.59 -52.00
CA ALA D 79 -2.67 -21.27 -51.30
C ALA D 79 -2.90 -22.79 -51.30
N ILE D 80 -4.16 -23.19 -51.31
CA ILE D 80 -4.52 -24.61 -51.43
C ILE D 80 -4.31 -25.10 -52.87
N GLU D 81 -4.59 -24.22 -53.83
CA GLU D 81 -4.45 -24.50 -55.26
C GLU D 81 -3.03 -24.92 -55.68
N GLU D 82 -2.03 -24.15 -55.25
CA GLU D 82 -0.65 -24.38 -55.68
C GLU D 82 0.23 -25.03 -54.59
N ALA D 83 -0.41 -25.53 -53.52
CA ALA D 83 0.28 -26.35 -52.53
C ALA D 83 -0.17 -27.81 -52.60
N ILE D 84 -1.46 -28.00 -52.92
CA ILE D 84 -2.04 -29.32 -53.12
C ILE D 84 -2.74 -29.38 -54.47
N SER D 86 -3.82 -33.21 -55.14
CA SER D 86 -4.82 -34.24 -55.35
C SER D 86 -6.12 -33.89 -54.61
N GLU D 87 -7.25 -34.22 -55.24
CA GLU D 87 -8.58 -33.93 -54.67
C GLU D 87 -8.97 -34.81 -53.47
N GLU D 88 -8.10 -35.76 -53.15
CA GLU D 88 -8.12 -36.48 -51.88
C GLU D 88 -8.00 -35.49 -50.72
N ILE D 89 -7.02 -34.61 -50.80
CA ILE D 89 -6.62 -33.76 -49.66
C ILE D 89 -7.04 -32.28 -49.82
N LYS D 90 -7.32 -31.87 -51.05
CA LYS D 90 -7.78 -30.51 -51.37
C LYS D 90 -9.15 -30.24 -50.71
N GLU D 91 -9.96 -31.29 -50.62
CA GLU D 91 -11.28 -31.24 -49.99
C GLU D 91 -11.23 -30.91 -48.50
N GLU D 92 -10.42 -31.66 -47.74
CA GLU D 92 -10.34 -31.49 -46.28
C GLU D 92 -9.42 -30.35 -45.83
N VAL D 93 -9.41 -29.27 -46.61
CA VAL D 93 -8.79 -28.01 -46.21
C VAL D 93 -9.80 -26.88 -46.45
N LYS D 94 -10.35 -26.84 -47.67
CA LYS D 94 -11.40 -25.89 -48.04
C LYS D 94 -12.37 -25.60 -46.89
N LYS D 95 -13.07 -26.65 -46.43
CA LYS D 95 -14.01 -26.53 -45.31
C LYS D 95 -13.29 -26.37 -43.98
N ILE D 96 -12.15 -27.06 -43.86
CA ILE D 96 -11.33 -27.06 -42.65
C ILE D 96 -10.76 -25.68 -42.37
N ILE D 97 -10.97 -24.78 -43.33
CA ILE D 97 -10.49 -23.41 -43.22
C ILE D 97 -11.64 -22.41 -43.33
N ASP D 98 -12.69 -22.78 -44.06
CA ASP D 98 -13.92 -22.00 -44.12
C ASP D 98 -14.56 -21.91 -42.73
N SER D 99 -14.51 -23.01 -41.99
CA SER D 99 -15.00 -23.07 -40.62
C SER D 99 -14.23 -22.09 -39.73
N ARG D 100 -12.90 -22.18 -39.77
CA ARG D 100 -12.04 -21.34 -38.96
C ARG D 100 -12.21 -19.87 -39.33
N ILE D 101 -12.55 -19.61 -40.60
CA ILE D 101 -12.80 -18.24 -41.04
C ILE D 101 -14.11 -17.68 -40.47
N GLU D 102 -15.18 -18.47 -40.52
CA GLU D 102 -16.46 -18.04 -39.95
C GLU D 102 -16.45 -17.99 -38.42
N GLU D 103 -15.46 -18.64 -37.80
CA GLU D 103 -15.22 -18.46 -36.36
C GLU D 103 -14.59 -17.09 -36.14
N LEU D 104 -13.55 -16.80 -36.93
CA LEU D 104 -12.87 -15.51 -36.89
C LEU D 104 -13.85 -14.38 -37.22
N GLU D 105 -14.68 -14.59 -38.23
CA GLU D 105 -15.66 -13.58 -38.64
C GLU D 105 -16.63 -13.29 -37.50
N LYS D 106 -17.08 -14.35 -36.83
CA LYS D 106 -18.00 -14.19 -35.70
C LYS D 106 -17.30 -13.52 -34.52
N VAL D 107 -16.04 -13.85 -34.28
CA VAL D 107 -15.27 -13.22 -33.21
C VAL D 107 -15.01 -11.75 -33.55
N LEU D 108 -14.68 -11.50 -34.80
CA LEU D 108 -14.41 -10.16 -35.30
C LEU D 108 -15.67 -9.31 -35.25
N ILE D 109 -16.78 -9.84 -35.76
CA ILE D 109 -18.06 -9.16 -35.70
C ILE D 109 -18.50 -9.06 -34.25
N GLY D 110 -17.95 -9.96 -33.43
CA GLY D 110 -18.18 -9.94 -31.99
C GLY D 110 -17.66 -8.65 -31.38
N VAL D 111 -16.42 -8.31 -31.71
CA VAL D 111 -15.84 -7.06 -31.20
C VAL D 111 -16.45 -5.84 -31.86
N ALA D 112 -16.93 -6.01 -33.10
CA ALA D 112 -17.59 -4.95 -33.85
C ALA D 112 -18.92 -4.52 -33.24
N TYR D 113 -19.68 -5.49 -32.74
CA TYR D 113 -20.98 -5.22 -32.10
C TYR D 113 -20.84 -4.64 -30.70
N LEU D 114 -19.91 -5.19 -29.92
CA LEU D 114 -19.73 -4.80 -28.52
C LEU D 114 -18.79 -3.62 -28.32
N GLY D 115 -17.79 -3.51 -29.19
CA GLY D 115 -16.78 -2.45 -29.10
C GLY D 115 -15.87 -2.62 -27.91
N GLU D 116 -15.39 -3.85 -27.70
CA GLU D 116 -14.50 -4.19 -26.58
C GLU D 116 -13.52 -5.29 -27.00
N LEU D 117 -12.23 -4.97 -26.98
CA LEU D 117 -11.19 -5.94 -27.32
C LEU D 117 -10.27 -6.24 -26.13
N THR D 118 -10.63 -7.30 -25.41
CA THR D 118 -9.86 -7.78 -24.27
C THR D 118 -8.55 -8.34 -24.76
N PRO D 119 -7.51 -8.34 -23.90
CA PRO D 119 -6.29 -9.07 -24.23
C PRO D 119 -6.59 -10.52 -24.64
N LYS D 120 -7.59 -11.12 -24.03
CA LYS D 120 -8.03 -12.49 -24.36
C LYS D 120 -8.51 -12.61 -25.81
N SER D 121 -9.43 -11.73 -26.21
CA SER D 121 -9.98 -11.70 -27.57
C SER D 121 -8.88 -11.47 -28.60
N ARG D 122 -7.98 -10.52 -28.31
CA ARG D 122 -6.84 -10.25 -29.17
C ARG D 122 -6.08 -11.55 -29.45
N ASP D 123 -5.65 -12.23 -28.38
CA ASP D 123 -4.88 -13.47 -28.51
C ASP D 123 -5.61 -14.53 -29.31
N TYR D 124 -6.91 -14.63 -29.11
CA TYR D 124 -7.73 -15.60 -29.85
C TYR D 124 -7.73 -15.26 -31.33
N ILE D 125 -7.81 -13.96 -31.63
CA ILE D 125 -7.80 -13.49 -33.00
C ILE D 125 -6.44 -13.75 -33.65
N LEU D 126 -5.38 -13.42 -32.93
CA LEU D 126 -4.02 -13.58 -33.43
C LEU D 126 -3.66 -15.02 -33.80
N SER D 127 -4.21 -15.97 -33.04
CA SER D 127 -3.95 -17.39 -33.26
C SER D 127 -4.37 -17.85 -34.66
N PHE D 128 -5.49 -17.31 -35.15
CA PHE D 128 -6.03 -17.67 -36.46
C PHE D 128 -4.98 -17.71 -37.56
N GLY D 129 -4.10 -16.71 -37.60
CA GLY D 129 -3.00 -16.71 -38.55
C GLY D 129 -2.40 -18.09 -38.72
N GLU D 130 -2.00 -18.70 -37.61
CA GLU D 130 -1.33 -20.00 -37.61
C GLU D 130 -2.28 -21.15 -37.87
N ARG D 131 -3.53 -20.98 -37.45
CA ARG D 131 -4.58 -21.98 -37.65
C ARG D 131 -5.08 -21.99 -39.08
N LEU D 132 -4.71 -20.97 -39.85
CA LEU D 132 -5.06 -20.84 -41.27
C LEU D 132 -3.93 -21.33 -42.16
N SER D 133 -2.72 -21.35 -41.61
CA SER D 133 -1.52 -21.77 -42.32
C SER D 133 -1.25 -23.26 -42.13
N SER D 134 -1.29 -23.70 -40.88
CA SER D 134 -0.90 -25.05 -40.46
C SER D 134 -1.57 -26.18 -41.24
N PRO D 135 -2.92 -26.23 -41.26
CA PRO D 135 -3.61 -27.34 -41.91
C PRO D 135 -3.20 -27.52 -43.37
N ILE D 136 -2.89 -26.40 -44.04
CA ILE D 136 -2.53 -26.42 -45.45
C ILE D 136 -1.19 -27.13 -45.65
N LEU D 137 -0.27 -26.91 -44.72
CA LEU D 137 1.02 -27.60 -44.77
C LEU D 137 0.80 -29.07 -44.48
N SER D 138 0.10 -29.36 -43.39
CA SER D 138 -0.32 -30.71 -43.06
C SER D 138 -0.91 -31.42 -44.29
N GLY D 139 -1.60 -30.65 -45.13
CA GLY D 139 -2.27 -31.16 -46.32
C GLY D 139 -1.31 -31.67 -47.38
N ALA D 140 -0.31 -30.85 -47.71
CA ALA D 140 0.67 -31.19 -48.75
C ALA D 140 1.68 -32.24 -48.28
N ILE D 141 1.67 -32.56 -46.98
CA ILE D 141 2.50 -33.64 -46.45
C ILE D 141 1.79 -34.96 -46.77
N ARG D 142 0.47 -34.96 -46.60
CA ARG D 142 -0.38 -36.07 -46.98
C ARG D 142 -0.33 -36.28 -48.50
N ASP D 143 -0.43 -35.19 -49.24
CA ASP D 143 -0.42 -35.20 -50.70
C ASP D 143 0.86 -35.83 -51.28
N LEU D 144 1.99 -35.62 -50.62
CA LEU D 144 3.25 -36.23 -51.05
C LEU D 144 3.44 -37.66 -50.56
N GLY D 145 2.36 -38.24 -50.03
CA GLY D 145 2.32 -39.65 -49.68
C GLY D 145 2.79 -39.97 -48.27
N GLU D 146 2.85 -38.95 -47.41
CA GLU D 146 3.29 -39.14 -46.04
C GLU D 146 2.21 -38.71 -45.04
N LYS D 147 2.06 -39.47 -43.96
CA LYS D 147 1.01 -39.25 -42.98
C LYS D 147 1.31 -38.03 -42.10
N SER D 148 0.28 -37.20 -41.85
CA SER D 148 0.45 -35.94 -41.10
C SER D 148 -0.84 -35.39 -40.45
N ILE D 149 -0.70 -34.83 -39.25
CA ILE D 149 -1.81 -34.19 -38.52
C ILE D 149 -1.43 -32.77 -38.08
N ALA D 150 -2.38 -31.82 -38.18
CA ALA D 150 -2.16 -30.44 -37.74
C ALA D 150 -2.84 -30.16 -36.40
N LEU D 151 -2.03 -29.75 -35.43
CA LEU D 151 -2.53 -29.51 -34.07
C LEU D 151 -2.69 -28.02 -33.75
N GLU D 152 -2.08 -27.62 -32.63
CA GLU D 152 -2.34 -26.35 -31.96
C GLU D 152 -1.47 -26.33 -30.71
N GLY D 153 -0.73 -25.24 -30.50
CA GLY D 153 0.19 -25.12 -29.36
C GLY D 153 -0.26 -25.78 -28.08
N GLY D 154 -1.49 -25.49 -27.66
CA GLY D 154 -2.05 -26.02 -26.41
C GLY D 154 -2.24 -27.53 -26.42
N GLU D 155 -2.84 -28.04 -27.50
CA GLU D 155 -3.03 -29.49 -27.68
C GLU D 155 -1.71 -30.24 -27.63
N ALA D 156 -0.64 -29.55 -28.04
CA ALA D 156 0.73 -30.09 -28.01
C ALA D 156 1.36 -29.95 -26.61
N GLY D 157 0.70 -29.21 -25.74
CA GLY D 157 1.12 -29.10 -24.34
C GLY D 157 2.01 -27.93 -23.97
N ILE D 158 1.64 -26.72 -24.41
CA ILE D 158 2.29 -25.50 -23.92
C ILE D 158 1.33 -24.75 -23.01
N ILE D 159 1.47 -24.98 -21.71
CA ILE D 159 0.61 -24.33 -20.71
C ILE D 159 1.29 -23.05 -20.26
N THR D 160 0.52 -21.96 -20.26
CA THR D 160 1.07 -20.62 -20.02
C THR D 160 0.38 -19.86 -18.89
N ASP D 161 0.79 -18.60 -18.73
CA ASP D 161 0.28 -17.68 -17.74
C ASP D 161 -1.13 -17.23 -18.09
N ASN D 162 -1.68 -16.31 -17.29
CA ASN D 162 -2.94 -15.64 -17.62
C ASN D 162 -2.67 -14.35 -18.39
N ASN D 163 -1.42 -14.19 -18.79
CA ASN D 163 -0.90 -12.93 -19.31
C ASN D 163 -0.93 -12.87 -20.84
N PHE D 164 -2.04 -12.38 -21.37
CA PHE D 164 -2.28 -12.36 -22.83
C PHE D 164 -1.40 -11.34 -23.56
N GLY D 165 -0.70 -11.79 -24.60
CA GLY D 165 0.23 -10.95 -25.34
C GLY D 165 1.66 -11.34 -25.10
N SER D 166 2.00 -11.56 -23.82
CA SER D 166 3.33 -12.00 -23.40
C SER D 166 3.20 -13.03 -22.28
N ALA D 167 2.80 -14.24 -22.65
CA ALA D 167 2.47 -15.28 -21.67
C ALA D 167 3.70 -16.02 -21.17
N ARG D 168 3.87 -16.04 -19.85
CA ARG D 168 4.91 -16.82 -19.20
C ARG D 168 4.50 -18.28 -19.18
N VAL D 169 5.37 -19.15 -19.70
CA VAL D 169 5.09 -20.59 -19.75
C VAL D 169 5.17 -21.18 -18.35
N LYS D 170 4.16 -21.96 -17.98
CA LYS D 170 4.07 -22.54 -16.63
C LYS D 170 4.26 -24.05 -16.58
N ARG D 171 3.64 -24.76 -17.53
CA ARG D 171 3.77 -26.23 -17.61
C ARG D 171 3.97 -26.74 -19.02
N LEU D 172 4.62 -27.89 -19.12
CA LEU D 172 4.88 -28.54 -20.40
C LEU D 172 4.33 -29.97 -20.42
N GLU D 173 3.36 -30.20 -21.30
CA GLU D 173 2.85 -31.55 -21.55
C GLU D 173 3.43 -32.04 -22.87
N VAL D 174 4.75 -32.02 -22.94
CA VAL D 174 5.51 -32.34 -24.14
C VAL D 174 5.24 -33.76 -24.65
N LYS D 175 5.90 -34.74 -24.04
CA LYS D 175 5.83 -36.13 -24.49
C LYS D 175 4.41 -36.69 -24.32
N GLU D 176 3.73 -36.25 -23.27
CA GLU D 176 2.41 -36.79 -22.90
C GLU D 176 1.32 -36.59 -23.94
N ARG D 177 1.48 -35.61 -24.83
CA ARG D 177 0.50 -35.36 -25.88
C ARG D 177 1.02 -35.68 -27.28
N LEU D 178 2.34 -35.67 -27.44
CA LEU D 178 2.96 -35.83 -28.76
C LEU D 178 3.45 -37.24 -29.09
N LEU D 179 3.93 -37.97 -28.09
CA LEU D 179 4.54 -39.29 -28.29
C LEU D 179 3.68 -40.32 -29.03
N PRO D 180 2.38 -40.47 -28.64
CA PRO D 180 1.54 -41.47 -29.32
C PRO D 180 1.39 -41.24 -30.83
N LEU D 181 1.34 -39.97 -31.23
CA LEU D 181 1.26 -39.58 -32.64
C LEU D 181 2.54 -39.91 -33.41
N LEU D 182 3.67 -39.91 -32.71
CA LEU D 182 4.97 -40.24 -33.30
C LEU D 182 5.15 -41.76 -33.47
N LYS D 183 4.48 -42.53 -32.61
CA LYS D 183 4.49 -43.99 -32.71
C LYS D 183 3.64 -44.52 -33.86
N GLU D 184 2.95 -43.62 -34.56
CA GLU D 184 2.05 -43.98 -35.66
C GLU D 184 2.56 -43.61 -37.06
N GLY D 185 3.67 -42.87 -37.13
CA GLY D 185 4.23 -42.44 -38.41
C GLY D 185 3.72 -41.09 -38.86
N ILE D 186 2.92 -40.46 -37.99
CA ILE D 186 2.36 -39.13 -38.24
C ILE D 186 3.38 -38.06 -37.85
N ILE D 187 3.54 -37.07 -38.73
CA ILE D 187 4.31 -35.88 -38.40
C ILE D 187 3.34 -34.85 -37.82
N PRO D 188 3.51 -34.49 -36.54
CA PRO D 188 2.66 -33.47 -35.93
C PRO D 188 3.02 -32.07 -36.43
N VAL D 189 2.14 -31.50 -37.26
CA VAL D 189 2.34 -30.15 -37.78
C VAL D 189 1.72 -29.18 -36.76
N VAL D 190 2.57 -28.56 -35.97
CA VAL D 190 2.15 -27.79 -34.81
C VAL D 190 2.20 -26.29 -35.08
N THR D 191 1.06 -25.63 -34.92
CA THR D 191 0.99 -24.18 -35.04
C THR D 191 1.63 -23.50 -33.83
N GLY D 192 2.89 -23.10 -34.01
CA GLY D 192 3.66 -22.41 -32.98
C GLY D 192 3.24 -20.96 -32.80
N PHE D 193 3.79 -20.31 -31.77
CA PHE D 193 3.46 -18.93 -31.40
C PHE D 193 2.37 -18.85 -30.34
N ILE D 194 1.53 -19.89 -30.28
CA ILE D 194 0.38 -19.92 -29.39
C ILE D 194 0.44 -21.03 -28.33
N GLY D 195 -0.20 -20.76 -27.19
CA GLY D 195 -0.25 -21.70 -26.06
C GLY D 195 -1.65 -21.76 -25.48
N THR D 196 -1.77 -22.15 -24.20
CA THR D 196 -3.08 -22.28 -23.55
C THR D 196 -3.10 -22.11 -22.03
N THR D 197 -4.28 -21.81 -21.50
CA THR D 197 -4.58 -21.88 -20.06
C THR D 197 -5.06 -23.29 -19.75
N GLU D 198 -5.23 -23.60 -18.46
CA GLU D 198 -5.71 -24.91 -18.04
C GLU D 198 -7.21 -25.06 -18.33
N GLU D 199 -7.84 -23.94 -18.66
CA GLU D 199 -9.27 -23.92 -19.02
C GLU D 199 -9.50 -23.66 -20.50
N GLY D 200 -8.46 -23.93 -21.31
CA GLY D 200 -8.58 -23.96 -22.76
C GLY D 200 -8.45 -22.64 -23.49
N TYR D 201 -8.25 -21.55 -22.76
CA TYR D 201 -8.13 -20.24 -23.39
C TYR D 201 -6.78 -20.06 -24.06
N ILE D 202 -6.81 -19.77 -25.36
CA ILE D 202 -5.60 -19.59 -26.17
C ILE D 202 -4.84 -18.32 -25.76
N THR D 203 -3.52 -18.46 -25.60
CA THR D 203 -2.62 -17.35 -25.31
C THR D 203 -1.51 -17.29 -26.35
N THR D 204 -1.01 -16.08 -26.60
CA THR D 204 0.15 -15.89 -27.48
C THR D 204 1.40 -15.68 -26.62
N LEU D 205 2.57 -15.86 -27.24
CA LEU D 205 3.84 -15.81 -26.51
C LEU D 205 4.66 -14.54 -26.68
N GLY D 206 4.38 -13.77 -27.73
CA GLY D 206 5.11 -12.52 -28.03
C GLY D 206 6.00 -12.67 -29.26
N ARG D 207 6.77 -11.63 -29.58
CA ARG D 207 7.66 -11.68 -30.74
C ARG D 207 8.81 -12.66 -30.52
N GLY D 208 9.25 -13.31 -31.58
CA GLY D 208 10.22 -14.41 -31.51
C GLY D 208 9.61 -15.63 -30.84
N GLY D 209 8.28 -15.74 -30.94
CA GLY D 209 7.52 -16.77 -30.24
C GLY D 209 7.50 -18.11 -30.93
N SER D 210 7.30 -18.10 -32.25
CA SER D 210 7.28 -19.32 -33.05
C SER D 210 8.57 -20.11 -32.92
N ASP D 211 9.66 -19.39 -32.66
CA ASP D 211 10.94 -20.00 -32.36
C ASP D 211 10.91 -20.63 -30.97
N TYR D 212 10.38 -19.87 -30.00
CA TYR D 212 10.28 -20.33 -28.62
C TYR D 212 9.51 -21.64 -28.56
N SER D 213 8.34 -21.66 -29.23
CA SER D 213 7.48 -22.84 -29.28
C SER D 213 8.27 -24.05 -29.77
N ALA D 214 9.02 -23.85 -30.86
CA ALA D 214 9.87 -24.90 -31.41
C ALA D 214 10.85 -25.41 -30.35
N ALA D 215 11.49 -24.49 -29.62
CA ALA D 215 12.47 -24.85 -28.60
C ALA D 215 11.83 -25.61 -27.45
N LEU D 216 10.65 -25.16 -27.02
CA LEU D 216 9.96 -25.77 -25.89
C LEU D 216 9.59 -27.23 -26.14
N ILE D 217 9.26 -27.54 -27.39
CA ILE D 217 9.07 -28.92 -27.83
C ILE D 217 10.37 -29.68 -27.57
N GLY D 218 11.48 -29.12 -28.04
CA GLY D 218 12.80 -29.72 -27.86
C GLY D 218 13.20 -29.96 -26.42
N TYR D 219 12.90 -29.00 -25.55
CA TYR D 219 13.28 -29.08 -24.13
C TYR D 219 12.72 -30.32 -23.42
N GLY D 220 11.40 -30.47 -23.46
CA GLY D 220 10.72 -31.54 -22.72
C GLY D 220 10.91 -32.93 -23.30
N LEU D 221 11.06 -33.01 -24.62
CA LEU D 221 11.32 -34.29 -25.29
C LEU D 221 12.78 -34.74 -25.13
N ASP D 222 13.68 -33.78 -24.91
CA ASP D 222 15.14 -33.98 -24.96
C ASP D 222 15.57 -34.36 -26.38
N ALA D 223 14.99 -33.67 -27.35
CA ALA D 223 15.14 -34.00 -28.78
C ALA D 223 16.57 -33.99 -29.27
N ASP D 224 16.79 -34.68 -30.40
CA ASP D 224 18.09 -34.79 -31.03
C ASP D 224 18.58 -33.43 -31.55
N ILE D 225 17.70 -32.71 -32.23
CA ILE D 225 18.06 -31.46 -32.91
C ILE D 225 16.87 -30.47 -32.96
N ILE D 226 17.19 -29.19 -33.02
CA ILE D 226 16.20 -28.15 -33.32
C ILE D 226 16.61 -27.38 -34.58
N GLU D 227 15.75 -27.41 -35.59
CA GLU D 227 16.01 -26.72 -36.85
C GLU D 227 15.14 -25.48 -36.99
N ILE D 228 15.78 -24.35 -37.24
CA ILE D 228 15.11 -23.09 -37.50
C ILE D 228 15.26 -22.75 -38.99
N TRP D 229 14.17 -22.87 -39.73
CA TRP D 229 14.20 -22.64 -41.18
C TRP D 229 13.71 -21.26 -41.56
N THR D 230 14.61 -20.48 -42.15
CA THR D 230 14.34 -19.08 -42.47
C THR D 230 14.71 -18.75 -43.93
N ASP D 231 14.81 -17.45 -44.26
CA ASP D 231 15.17 -17.03 -45.62
C ASP D 231 16.62 -16.56 -45.76
N VAL D 232 17.41 -16.74 -44.71
CA VAL D 232 18.85 -16.46 -44.73
C VAL D 232 19.60 -17.75 -44.37
N SER D 233 20.81 -17.92 -44.90
CA SER D 233 21.56 -19.17 -44.72
C SER D 233 22.29 -19.31 -43.37
N GLY D 234 21.64 -18.85 -42.30
CA GLY D 234 22.22 -18.93 -40.96
C GLY D 234 22.75 -17.60 -40.45
N VAL D 235 23.42 -17.65 -39.30
CA VAL D 235 23.95 -16.44 -38.68
C VAL D 235 25.26 -16.01 -39.37
N TYR D 236 25.27 -14.78 -39.89
CA TYR D 236 26.43 -14.25 -40.57
C TYR D 236 27.41 -13.58 -39.61
N THR D 237 28.67 -13.47 -40.05
CA THR D 237 29.72 -12.84 -39.26
C THR D 237 29.38 -11.39 -38.94
N THR D 238 28.64 -10.75 -39.84
CA THR D 238 28.10 -9.40 -39.63
C THR D 238 26.93 -9.17 -40.61
N ASP D 239 26.26 -8.02 -40.49
CA ASP D 239 25.19 -7.63 -41.43
C ASP D 239 25.72 -7.52 -42.87
N PRO D 240 25.28 -8.44 -43.76
CA PRO D 240 25.80 -8.50 -45.14
C PRO D 240 25.33 -7.33 -46.00
N ARG D 241 24.35 -6.58 -45.49
CA ARG D 241 23.83 -5.41 -46.16
C ARG D 241 24.81 -4.23 -46.04
N LEU D 242 25.81 -4.39 -45.16
CA LEU D 242 26.82 -3.35 -44.91
C LEU D 242 28.19 -3.82 -45.36
N VAL D 243 28.50 -5.08 -45.09
CA VAL D 243 29.76 -5.69 -45.54
C VAL D 243 29.46 -6.87 -46.47
N PRO D 244 29.79 -6.71 -47.76
CA PRO D 244 29.46 -7.73 -48.76
C PRO D 244 30.37 -8.96 -48.68
N THR D 245 31.44 -8.85 -47.89
CA THR D 245 32.40 -9.93 -47.69
C THR D 245 32.02 -10.80 -46.49
N ALA D 246 30.86 -10.53 -45.92
CA ALA D 246 30.40 -11.25 -44.73
C ALA D 246 30.16 -12.72 -45.06
N ARG D 247 30.97 -13.59 -44.45
CA ARG D 247 30.80 -15.03 -44.56
C ARG D 247 29.90 -15.55 -43.44
N ARG D 248 29.37 -16.77 -43.60
CA ARG D 248 28.49 -17.39 -42.59
C ARG D 248 29.31 -17.99 -41.45
N ILE D 249 28.70 -18.07 -40.27
CA ILE D 249 29.32 -18.74 -39.13
C ILE D 249 28.86 -20.19 -39.10
N PRO D 250 29.81 -21.14 -39.16
CA PRO D 250 29.43 -22.56 -39.12
C PRO D 250 29.03 -23.04 -37.71
N LYS D 251 29.94 -22.91 -36.74
CA LYS D 251 29.70 -23.36 -35.37
C LYS D 251 29.69 -22.20 -34.36
N LEU D 252 28.57 -22.07 -33.65
CA LEU D 252 28.37 -20.97 -32.71
C LEU D 252 28.08 -21.50 -31.31
N SER D 253 28.83 -21.00 -30.33
CA SER D 253 28.66 -21.41 -28.94
C SER D 253 27.32 -20.93 -28.40
N TYR D 254 26.77 -21.69 -27.45
CA TYR D 254 25.50 -21.33 -26.82
C TYR D 254 25.54 -19.90 -26.31
N ILE D 255 26.49 -19.64 -25.41
CA ILE D 255 26.69 -18.32 -24.81
C ILE D 255 27.02 -17.22 -25.82
N GLU D 256 27.67 -17.59 -26.93
CA GLU D 256 28.01 -16.64 -27.99
C GLU D 256 26.77 -16.11 -28.72
N ALA D 257 25.84 -17.02 -29.03
CA ALA D 257 24.60 -16.69 -29.75
C ALA D 257 23.70 -15.78 -28.92
N MET D 258 23.74 -15.97 -27.61
CA MET D 258 23.01 -15.13 -26.66
C MET D 258 23.56 -13.71 -26.74
N GLU D 259 24.88 -13.59 -26.70
CA GLU D 259 25.59 -12.30 -26.72
C GLU D 259 25.57 -11.60 -28.08
N LEU D 260 25.02 -12.28 -29.08
CA LEU D 260 24.90 -11.74 -30.43
C LEU D 260 23.45 -11.35 -30.71
N ALA D 261 22.61 -11.42 -29.68
CA ALA D 261 21.19 -11.16 -29.81
C ALA D 261 20.80 -9.90 -29.05
N TYR D 262 20.65 -8.81 -29.78
CA TYR D 262 20.16 -7.56 -29.21
C TYR D 262 18.64 -7.48 -29.33
N PHE D 263 18.04 -6.59 -28.55
CA PHE D 263 16.60 -6.35 -28.62
C PHE D 263 16.20 -5.90 -30.02
N GLY D 264 15.39 -6.72 -30.68
CA GLY D 264 14.91 -6.43 -32.03
C GLY D 264 15.74 -7.07 -33.14
N ALA D 265 16.62 -8.00 -32.77
CA ALA D 265 17.45 -8.74 -33.75
C ALA D 265 16.61 -9.72 -34.55
N LYS D 266 17.17 -10.23 -35.64
CA LYS D 266 16.41 -11.03 -36.59
C LYS D 266 16.41 -12.54 -36.30
N VAL D 267 17.59 -13.16 -36.38
CA VAL D 267 17.69 -14.64 -36.30
C VAL D 267 17.63 -15.17 -34.86
N LEU D 268 18.54 -14.68 -34.02
CA LEU D 268 18.75 -15.24 -32.68
C LEU D 268 17.80 -14.59 -31.69
N HIS D 269 17.45 -15.33 -30.63
CA HIS D 269 16.58 -14.81 -29.56
C HIS D 269 16.93 -15.47 -28.22
N PRO D 270 17.34 -14.67 -27.21
CA PRO D 270 17.83 -15.17 -25.92
C PRO D 270 16.83 -16.06 -25.19
N ARG D 271 15.56 -15.71 -25.28
CA ARG D 271 14.51 -16.53 -24.71
C ARG D 271 14.50 -17.92 -25.36
N THR D 272 14.53 -17.95 -26.70
CA THR D 272 14.54 -19.20 -27.47
C THR D 272 15.82 -20.01 -27.28
N ILE D 273 16.96 -19.33 -27.12
CA ILE D 273 18.24 -19.98 -26.87
C ILE D 273 18.24 -20.68 -25.50
N GLU D 274 17.60 -20.05 -24.52
CA GLU D 274 17.63 -20.51 -23.12
C GLU D 274 17.30 -22.00 -22.87
N PRO D 275 16.12 -22.48 -23.32
CA PRO D 275 15.76 -23.88 -23.03
C PRO D 275 16.75 -24.87 -23.63
N ALA D 276 17.26 -24.56 -24.83
CA ALA D 276 18.20 -25.42 -25.52
C ALA D 276 19.54 -25.48 -24.80
N MET D 277 19.91 -24.38 -24.15
CA MET D 277 21.17 -24.27 -23.42
C MET D 277 21.14 -25.09 -22.15
N GLU D 278 19.94 -25.24 -21.59
CA GLU D 278 19.74 -25.98 -20.35
C GLU D 278 20.04 -27.47 -20.58
N LYS D 279 19.18 -28.13 -21.36
CA LYS D 279 19.30 -29.57 -21.62
C LYS D 279 20.43 -29.93 -22.58
N GLY D 280 20.96 -28.95 -23.30
CA GLY D 280 22.07 -29.16 -24.23
C GLY D 280 21.60 -29.77 -25.53
N ILE D 281 20.74 -29.06 -26.24
CA ILE D 281 20.20 -29.51 -27.52
C ILE D 281 20.70 -28.60 -28.64
N PRO D 282 21.31 -29.19 -29.69
CA PRO D 282 21.80 -28.36 -30.79
C PRO D 282 20.70 -27.63 -31.56
N ILE D 283 21.03 -26.43 -32.05
CA ILE D 283 20.15 -25.64 -32.89
C ILE D 283 20.80 -25.39 -34.25
N LEU D 284 20.13 -25.83 -35.30
CA LEU D 284 20.62 -25.60 -36.66
C LEU D 284 19.73 -24.59 -37.35
N VAL D 285 20.35 -23.68 -38.10
CA VAL D 285 19.62 -22.72 -38.91
C VAL D 285 19.95 -22.97 -40.38
N LYS D 286 18.93 -23.18 -41.20
CA LYS D 286 19.13 -23.41 -42.63
C LYS D 286 18.18 -22.59 -43.50
N ASN D 287 18.64 -22.29 -44.73
CA ASN D 287 17.87 -21.54 -45.71
C ASN D 287 16.86 -22.44 -46.41
N THR D 288 15.64 -21.94 -46.58
CA THR D 288 14.60 -22.67 -47.30
C THR D 288 14.69 -22.47 -48.81
N PHE D 289 15.36 -21.40 -49.21
CA PHE D 289 15.62 -21.12 -50.63
C PHE D 289 16.94 -21.75 -51.09
N GLU D 290 17.76 -22.16 -50.13
CA GLU D 290 18.96 -22.95 -50.38
C GLU D 290 19.17 -23.96 -49.23
N PRO D 291 18.49 -25.13 -49.32
CA PRO D 291 18.55 -26.17 -48.28
C PRO D 291 19.86 -26.96 -48.28
N GLU D 292 20.65 -26.81 -49.35
CA GLU D 292 21.90 -27.55 -49.49
C GLU D 292 23.02 -26.91 -48.67
N SER D 293 22.90 -25.62 -48.41
CA SER D 293 23.89 -24.85 -47.65
C SER D 293 24.13 -25.40 -46.24
N GLU D 294 25.37 -25.25 -45.77
CA GLU D 294 25.80 -25.75 -44.46
C GLU D 294 24.93 -25.25 -43.30
N GLY D 295 24.81 -23.94 -43.16
CA GLY D 295 24.00 -23.33 -42.09
C GLY D 295 24.72 -23.21 -40.76
N THR D 296 24.20 -22.36 -39.88
CA THR D 296 24.79 -22.14 -38.56
C THR D 296 24.29 -23.17 -37.54
N LEU D 297 25.24 -23.77 -36.82
CA LEU D 297 24.95 -24.77 -35.79
C LEU D 297 25.30 -24.23 -34.41
N ILE D 298 24.28 -23.90 -33.63
CA ILE D 298 24.46 -23.43 -32.25
C ILE D 298 24.69 -24.62 -31.32
N THR D 299 25.86 -24.68 -30.71
CA THR D 299 26.25 -25.80 -29.87
C THR D 299 26.98 -25.37 -28.60
N ASN D 300 27.54 -26.34 -27.87
CA ASN D 300 28.24 -26.10 -26.61
C ASN D 300 29.57 -25.39 -26.79
N ASP D 306 41.17 -22.54 -31.48
CA ASP D 306 40.00 -22.19 -32.29
C ASP D 306 40.17 -20.81 -32.94
N SER D 307 39.55 -19.78 -32.37
CA SER D 307 39.70 -18.39 -32.85
C SER D 307 39.14 -17.34 -31.88
N ILE D 308 39.58 -16.10 -32.08
CA ILE D 308 39.32 -15.00 -31.14
C ILE D 308 37.94 -14.36 -31.39
N VAL D 309 37.86 -13.49 -32.39
CA VAL D 309 36.60 -12.80 -32.74
C VAL D 309 35.73 -13.69 -33.64
N LYS D 310 34.45 -13.81 -33.29
CA LYS D 310 33.54 -14.65 -34.06
C LYS D 310 32.59 -13.85 -34.95
N ALA D 311 32.08 -12.73 -34.41
CA ALA D 311 31.06 -11.94 -35.10
C ALA D 311 30.98 -10.48 -34.63
N ILE D 312 30.40 -9.65 -35.47
CA ILE D 312 30.21 -8.23 -35.20
C ILE D 312 28.76 -7.84 -35.49
N SER D 313 28.00 -7.61 -34.43
CA SER D 313 26.61 -7.13 -34.53
C SER D 313 26.57 -5.59 -34.52
N THR D 314 25.46 -5.03 -35.00
CA THR D 314 25.29 -3.58 -35.10
C THR D 314 23.85 -3.15 -34.86
N ILE D 315 23.69 -2.07 -34.10
CA ILE D 315 22.40 -1.45 -33.86
C ILE D 315 22.43 -0.02 -34.39
N LYS D 316 21.61 0.24 -35.41
CA LYS D 316 21.53 1.56 -36.03
C LYS D 316 20.53 2.46 -35.30
N ASN D 317 20.58 3.76 -35.61
CA ASN D 317 19.58 4.75 -35.18
C ASN D 317 19.20 4.73 -33.69
N VAL D 318 20.20 4.77 -32.82
CA VAL D 318 19.96 4.86 -31.38
C VAL D 318 20.43 6.19 -30.81
N ALA D 319 20.06 6.44 -29.55
CA ALA D 319 20.40 7.69 -28.87
C ALA D 319 21.07 7.42 -27.54
N LEU D 320 21.93 8.35 -27.14
CA LEU D 320 22.76 8.21 -25.96
C LEU D 320 22.38 9.26 -24.93
N ILE D 321 21.61 8.87 -23.93
CA ILE D 321 21.28 9.76 -22.82
C ILE D 321 22.40 9.71 -21.83
N ASN D 322 22.65 10.85 -21.18
CA ASN D 322 23.64 10.92 -20.12
C ASN D 322 23.12 11.69 -18.91
N ILE D 323 22.98 10.99 -17.79
CA ILE D 323 22.39 11.56 -16.59
C ILE D 323 23.48 11.95 -15.61
N PHE D 324 23.60 13.25 -15.37
CA PHE D 324 24.69 13.80 -14.57
C PHE D 324 24.17 14.44 -13.30
N GLY D 325 24.61 13.93 -12.16
CA GLY D 325 24.18 14.47 -10.88
C GLY D 325 25.19 14.28 -9.77
N ALA D 326 25.52 15.39 -9.09
CA ALA D 326 26.42 15.34 -7.95
C ALA D 326 25.72 14.65 -6.78
N GLY D 327 26.24 13.48 -6.42
CA GLY D 327 25.60 12.60 -5.44
C GLY D 327 25.56 11.22 -6.05
N MET D 328 24.34 10.72 -6.26
CA MET D 328 24.12 9.43 -6.93
C MET D 328 25.01 8.32 -6.35
N VAL D 329 24.98 8.20 -5.02
CA VAL D 329 25.86 7.30 -4.27
C VAL D 329 25.16 6.53 -3.13
N GLY D 330 25.16 5.21 -3.25
CA GLY D 330 24.73 4.31 -2.17
C GLY D 330 23.38 4.57 -1.53
N VAL D 331 23.36 5.49 -0.57
CA VAL D 331 22.14 5.87 0.17
C VAL D 331 21.13 6.61 -0.72
N SER D 332 21.63 7.28 -1.76
CA SER D 332 20.78 7.99 -2.71
C SER D 332 20.56 7.15 -3.98
N GLY D 333 19.63 6.21 -3.87
CA GLY D 333 19.36 5.23 -4.92
C GLY D 333 18.58 5.79 -6.10
N THR D 334 19.25 6.62 -6.89
CA THR D 334 18.67 7.17 -8.10
C THR D 334 18.91 6.26 -9.31
N ALA D 335 19.90 5.39 -9.21
CA ALA D 335 20.07 4.35 -10.22
C ALA D 335 18.78 3.55 -10.25
N ALA D 336 18.31 3.18 -9.06
CA ALA D 336 17.04 2.47 -8.90
C ALA D 336 15.88 3.25 -9.53
N ARG D 337 15.93 4.57 -9.43
CA ARG D 337 14.84 5.42 -9.90
C ARG D 337 14.91 5.76 -11.39
N ILE D 338 16.11 5.77 -11.96
CA ILE D 338 16.27 5.95 -13.39
C ILE D 338 15.53 4.84 -14.11
N PHE D 339 15.82 3.60 -13.71
CA PHE D 339 15.21 2.42 -14.32
C PHE D 339 13.74 2.28 -13.93
N LYS D 340 13.40 2.68 -12.70
CA LYS D 340 12.01 2.65 -12.24
C LYS D 340 11.14 3.47 -13.20
N ALA D 341 11.63 4.65 -13.54
CA ALA D 341 10.93 5.55 -14.45
C ALA D 341 10.94 4.99 -15.87
N LEU D 342 12.01 4.28 -16.22
CA LEU D 342 12.15 3.70 -17.55
C LEU D 342 11.43 2.35 -17.70
N GLY D 343 11.18 1.68 -16.57
CA GLY D 343 10.40 0.43 -16.53
C GLY D 343 8.94 0.68 -16.87
N GLU D 344 8.28 1.56 -16.09
CA GLU D 344 7.06 2.23 -16.51
C GLU D 344 7.41 3.00 -17.78
N GLU D 345 6.41 3.33 -18.59
CA GLU D 345 6.65 4.01 -19.89
C GLU D 345 7.37 3.07 -20.89
N GLU D 346 7.56 1.81 -20.48
CA GLU D 346 8.03 0.73 -21.35
C GLU D 346 9.23 1.12 -22.23
N VAL D 347 10.28 1.64 -21.58
CA VAL D 347 11.50 2.05 -22.28
C VAL D 347 12.55 0.94 -22.14
N ASN D 348 13.10 0.53 -23.27
CA ASN D 348 14.12 -0.51 -23.30
C ASN D 348 15.51 0.11 -23.34
N VAL D 349 16.36 -0.26 -22.38
CA VAL D 349 17.74 0.21 -22.37
C VAL D 349 18.68 -0.79 -23.02
N ILE D 350 19.43 -0.32 -23.99
CA ILE D 350 20.34 -1.17 -24.74
C ILE D 350 21.66 -1.29 -23.98
N LEU D 351 22.26 -0.16 -23.62
CA LEU D 351 23.56 -0.14 -22.91
C LEU D 351 23.53 0.65 -21.61
N ILE D 352 24.42 0.31 -20.69
CA ILE D 352 24.63 1.07 -19.45
C ILE D 352 26.12 1.18 -19.18
N SER D 353 26.56 2.37 -18.73
CA SER D 353 27.92 2.53 -18.24
C SER D 353 27.95 3.52 -17.09
N GLN D 354 28.82 3.25 -16.13
CA GLN D 354 29.08 4.18 -15.03
C GLN D 354 30.53 4.05 -14.59
N GLY D 355 31.23 5.18 -14.55
CA GLY D 355 32.63 5.19 -14.16
C GLY D 355 32.82 5.13 -12.65
N SER D 356 34.08 5.18 -12.23
CA SER D 356 34.44 5.08 -10.83
C SER D 356 33.97 6.26 -9.94
N SER D 357 33.56 7.36 -10.56
CA SER D 357 33.13 8.52 -9.80
C SER D 357 31.67 8.41 -9.36
N GLU D 358 30.86 7.68 -10.13
CA GLU D 358 29.42 7.49 -9.86
C GLU D 358 28.58 8.76 -10.03
N THR D 359 29.14 9.76 -10.70
CA THR D 359 28.51 11.07 -10.80
C THR D 359 27.56 11.17 -12.00
N ASN D 360 27.90 10.46 -13.06
CA ASN D 360 27.01 10.38 -14.21
C ASN D 360 26.73 8.93 -14.59
N ILE D 361 25.61 8.72 -15.26
CA ILE D 361 25.29 7.42 -15.84
C ILE D 361 24.96 7.61 -17.32
N SER D 362 25.58 6.81 -18.17
CA SER D 362 25.27 6.86 -19.59
C SER D 362 24.37 5.69 -19.98
N LEU D 363 23.31 5.97 -20.74
CA LEU D 363 22.43 4.93 -21.25
C LEU D 363 22.29 5.04 -22.76
N VAL D 364 21.86 3.97 -23.40
CA VAL D 364 21.42 4.07 -24.79
C VAL D 364 20.08 3.41 -25.04
N VAL D 365 19.26 4.10 -25.83
CA VAL D 365 17.90 3.68 -26.17
C VAL D 365 17.66 3.95 -27.65
N SER D 366 16.57 3.43 -28.21
CA SER D 366 16.21 3.75 -29.59
C SER D 366 15.88 5.24 -29.66
N GLU D 367 16.28 5.88 -30.77
CA GLU D 367 16.17 7.35 -30.85
C GLU D 367 14.73 7.85 -31.07
N GLU D 368 13.79 6.96 -30.79
CA GLU D 368 12.36 7.28 -30.84
C GLU D 368 11.78 7.12 -29.44
N ASP D 369 12.67 6.89 -28.47
CA ASP D 369 12.30 6.73 -27.07
C ASP D 369 12.77 7.90 -26.19
N VAL D 370 13.62 8.76 -26.75
CA VAL D 370 14.18 9.88 -26.00
C VAL D 370 13.14 10.72 -25.26
N ASP D 371 12.21 11.31 -26.01
CA ASP D 371 11.17 12.17 -25.44
C ASP D 371 10.33 11.42 -24.41
N LYS D 372 10.10 10.13 -24.69
CA LYS D 372 9.40 9.23 -23.79
C LYS D 372 10.20 9.08 -22.49
N ALA D 373 11.49 8.83 -22.63
CA ALA D 373 12.40 8.60 -21.50
C ALA D 373 12.69 9.87 -20.72
N LEU D 374 12.79 11.00 -21.44
CA LEU D 374 13.02 12.29 -20.79
C LEU D 374 11.84 12.63 -19.89
N LYS D 375 10.64 12.70 -20.46
CA LYS D 375 9.43 12.99 -19.70
C LYS D 375 9.33 12.07 -18.49
N ALA D 376 9.71 10.81 -18.68
CA ALA D 376 9.72 9.85 -17.58
C ALA D 376 10.67 10.29 -16.47
N LEU D 377 11.87 10.71 -16.86
CA LEU D 377 12.88 11.17 -15.91
C LEU D 377 12.48 12.45 -15.18
N LYS D 378 11.80 13.34 -15.89
CA LYS D 378 11.34 14.62 -15.32
C LYS D 378 10.22 14.41 -14.30
N ARG D 379 9.44 13.35 -14.48
CA ARG D 379 8.37 13.00 -13.55
C ARG D 379 8.89 12.09 -12.43
N GLU D 380 10.11 12.36 -11.98
CA GLU D 380 10.78 11.58 -10.93
C GLU D 380 11.77 12.45 -10.16
N PHE D 381 12.21 13.53 -10.80
CA PHE D 381 13.10 14.51 -10.18
C PHE D 381 12.74 15.92 -10.65
N GLY D 382 12.70 16.87 -9.72
CA GLY D 382 12.34 18.25 -10.03
C GLY D 382 13.42 19.02 -10.77
N ASP D 383 13.46 18.85 -12.09
CA ASP D 383 14.50 19.44 -12.92
C ASP D 383 13.91 20.13 -14.15
N LEU D 390 22.00 23.75 -6.63
CA LEU D 390 22.03 22.43 -5.99
C LEU D 390 20.97 22.33 -4.90
N ASN D 391 20.12 23.35 -4.82
CA ASN D 391 19.06 23.40 -3.82
C ASN D 391 17.72 23.16 -4.49
N ASN D 392 17.51 21.91 -4.92
CA ASN D 392 16.26 21.48 -5.58
C ASN D 392 16.23 19.95 -5.70
N ASN D 393 16.72 19.42 -6.83
CA ASN D 393 16.75 17.97 -7.06
C ASN D 393 18.16 17.43 -6.88
N LEU D 394 18.30 16.10 -6.97
CA LEU D 394 19.60 15.44 -6.81
C LEU D 394 20.24 15.01 -8.14
N ILE D 395 19.61 15.42 -9.24
CA ILE D 395 20.18 15.27 -10.59
C ILE D 395 20.42 16.67 -11.18
N ARG D 396 21.64 16.91 -11.63
CA ARG D 396 22.01 18.22 -12.15
C ARG D 396 21.56 18.44 -13.61
N ASP D 397 21.77 17.45 -14.47
CA ASP D 397 21.45 17.61 -15.89
C ASP D 397 21.45 16.31 -16.69
N VAL D 398 20.61 16.28 -17.73
CA VAL D 398 20.61 15.17 -18.68
C VAL D 398 20.94 15.69 -20.09
N SER D 399 21.76 14.92 -20.81
CA SER D 399 22.15 15.29 -22.17
C SER D 399 21.98 14.12 -23.12
N VAL D 400 21.63 14.43 -24.37
CA VAL D 400 21.30 13.43 -25.37
C VAL D 400 22.12 13.59 -26.66
N ASP D 401 22.52 12.47 -27.23
CA ASP D 401 23.15 12.45 -28.54
C ASP D 401 22.31 11.60 -29.47
N LYS D 402 21.58 12.25 -30.37
CA LYS D 402 20.81 11.56 -31.41
C LYS D 402 21.75 11.06 -32.52
N ASP D 403 21.19 10.33 -33.49
CA ASP D 403 21.95 9.78 -34.63
C ASP D 403 23.31 9.16 -34.22
N VAL D 404 23.24 8.10 -33.43
CA VAL D 404 24.41 7.38 -32.96
C VAL D 404 24.16 5.87 -33.09
N CYS D 405 25.22 5.05 -33.05
CA CYS D 405 25.06 3.61 -33.25
C CYS D 405 25.91 2.71 -32.34
N VAL D 406 25.45 1.47 -32.16
CA VAL D 406 26.16 0.49 -31.32
C VAL D 406 26.81 -0.59 -32.16
N ILE D 407 28.08 -0.85 -31.86
CA ILE D 407 28.82 -1.92 -32.50
C ILE D 407 29.24 -2.85 -31.38
N SER D 408 29.06 -4.14 -31.61
CA SER D 408 29.45 -5.15 -30.64
C SER D 408 30.27 -6.24 -31.29
N VAL D 409 31.45 -6.48 -30.72
CA VAL D 409 32.33 -7.55 -31.16
C VAL D 409 32.02 -8.75 -30.28
N VAL D 410 31.95 -9.94 -30.88
CA VAL D 410 31.52 -11.11 -30.12
C VAL D 410 32.39 -12.32 -30.40
N GLY D 411 32.94 -12.90 -29.33
CA GLY D 411 33.73 -14.11 -29.45
C GLY D 411 34.10 -14.66 -28.09
N ALA D 412 33.92 -15.96 -27.91
CA ALA D 412 34.27 -16.63 -26.66
C ALA D 412 35.77 -16.80 -26.55
N GLY D 413 36.46 -16.64 -27.67
CA GLY D 413 37.92 -16.72 -27.72
C GLY D 413 38.56 -15.49 -27.11
N MET D 414 37.78 -14.42 -27.01
CA MET D 414 38.22 -13.16 -26.39
C MET D 414 38.41 -13.30 -24.88
N ARG D 415 37.60 -14.16 -24.26
CA ARG D 415 37.66 -14.43 -22.82
C ARG D 415 39.08 -14.83 -22.41
N GLY D 416 39.73 -13.96 -21.65
CA GLY D 416 41.08 -14.21 -21.16
C GLY D 416 42.16 -14.02 -22.20
N ALA D 417 41.83 -13.34 -23.30
CA ALA D 417 42.78 -13.10 -24.38
C ALA D 417 43.25 -11.65 -24.37
N LYS D 418 44.39 -11.44 -23.71
CA LYS D 418 45.03 -10.13 -23.67
C LYS D 418 45.27 -9.56 -25.07
N GLY D 419 44.98 -8.27 -25.23
CA GLY D 419 45.30 -7.54 -26.44
C GLY D 419 44.14 -7.22 -27.34
N ILE D 420 43.19 -8.15 -27.42
CA ILE D 420 42.09 -8.00 -28.36
C ILE D 420 41.38 -6.64 -28.23
N ALA D 421 41.10 -6.20 -27.00
CA ALA D 421 40.45 -4.90 -26.75
C ALA D 421 41.31 -3.73 -27.24
N GLY D 422 42.59 -3.76 -26.89
CA GLY D 422 43.53 -2.76 -27.39
C GLY D 422 43.47 -2.69 -28.90
N LYS D 423 43.70 -3.83 -29.54
CA LYS D 423 43.71 -3.94 -31.00
C LYS D 423 42.37 -3.52 -31.61
N ILE D 424 41.27 -4.01 -31.04
CA ILE D 424 39.94 -3.65 -31.53
C ILE D 424 39.78 -2.14 -31.63
N PHE D 425 40.02 -1.43 -30.52
CA PHE D 425 39.78 0.00 -30.46
C PHE D 425 40.76 0.82 -31.29
N THR D 426 41.98 0.29 -31.47
CA THR D 426 42.94 0.88 -32.41
C THR D 426 42.45 0.73 -33.86
N ALA D 427 41.79 -0.39 -34.16
CA ALA D 427 41.22 -0.61 -35.50
C ALA D 427 40.10 0.39 -35.76
N VAL D 428 39.24 0.58 -34.76
CA VAL D 428 38.18 1.58 -34.78
C VAL D 428 38.79 2.96 -35.03
N SER D 429 39.82 3.26 -34.23
CA SER D 429 40.53 4.54 -34.31
C SER D 429 40.95 4.82 -35.73
N GLU D 430 41.61 3.85 -36.34
CA GLU D 430 42.18 3.99 -37.68
C GLU D 430 41.13 4.14 -38.79
N SER D 431 39.88 3.75 -38.49
CA SER D 431 38.79 3.90 -39.46
C SER D 431 38.28 5.35 -39.50
N GLY D 432 38.77 6.18 -38.58
CA GLY D 432 38.39 7.58 -38.51
C GLY D 432 37.20 7.80 -37.62
N ALA D 433 37.04 6.90 -36.64
CA ALA D 433 35.90 6.93 -35.73
C ALA D 433 36.31 7.30 -34.31
N ASN D 434 35.56 8.21 -33.71
CA ASN D 434 35.74 8.55 -32.31
C ASN D 434 34.77 7.76 -31.42
N ILE D 435 35.27 7.05 -30.41
CA ILE D 435 34.39 6.24 -29.54
C ILE D 435 33.74 7.07 -28.44
N LYS D 436 32.41 7.03 -28.36
CA LYS D 436 31.70 7.83 -27.36
C LYS D 436 31.43 7.12 -26.04
N MET D 437 31.26 5.80 -26.07
CA MET D 437 30.89 5.06 -24.87
C MET D 437 31.36 3.63 -25.01
N ILE D 438 31.92 3.07 -23.93
CA ILE D 438 32.30 1.67 -23.92
C ILE D 438 31.67 0.90 -22.76
N ALA D 439 31.21 -0.31 -23.05
CA ALA D 439 30.70 -1.24 -22.04
C ALA D 439 31.12 -2.67 -22.35
N GLN D 440 31.83 -3.29 -21.42
CA GLN D 440 32.20 -4.69 -21.54
C GLN D 440 31.84 -5.46 -20.28
N GLY D 441 31.02 -6.49 -20.42
CA GLY D 441 30.58 -7.30 -19.29
C GLY D 441 31.69 -8.19 -18.76
N SER D 442 31.43 -8.79 -17.61
CA SER D 442 32.39 -9.65 -16.91
C SER D 442 32.76 -10.94 -17.65
N SER D 443 31.88 -11.39 -18.53
CA SER D 443 32.09 -12.65 -19.28
C SER D 443 33.12 -12.49 -20.39
N GLU D 444 33.41 -11.24 -20.76
CA GLU D 444 34.39 -10.89 -21.80
C GLU D 444 34.10 -11.52 -23.17
N VAL D 445 32.86 -11.94 -23.39
CA VAL D 445 32.48 -12.55 -24.66
C VAL D 445 32.04 -11.48 -25.66
N ASN D 446 31.53 -10.36 -25.14
CA ASN D 446 31.00 -9.27 -25.94
C ASN D 446 31.58 -7.90 -25.58
N ILE D 447 32.08 -7.18 -26.57
CA ILE D 447 32.55 -5.81 -26.40
C ILE D 447 31.65 -4.85 -27.18
N SER D 448 31.05 -3.92 -26.45
CA SER D 448 30.06 -3.01 -27.02
C SER D 448 30.47 -1.57 -26.78
N PHE D 449 30.53 -0.82 -27.86
CA PHE D 449 30.92 0.58 -27.81
C PHE D 449 30.06 1.36 -28.78
N VAL D 450 30.06 2.69 -28.61
CA VAL D 450 29.15 3.56 -29.32
C VAL D 450 29.94 4.55 -30.16
N ILE D 451 29.53 4.74 -31.41
CA ILE D 451 30.13 5.74 -32.29
C ILE D 451 29.08 6.52 -33.09
N ASP D 452 29.47 7.69 -33.61
CA ASP D 452 28.64 8.46 -34.54
C ASP D 452 28.16 7.58 -35.68
N GLU D 453 27.00 7.91 -36.26
CA GLU D 453 26.43 7.12 -37.34
C GLU D 453 27.24 7.26 -38.65
N LYS D 454 27.72 8.47 -38.94
CA LYS D 454 28.55 8.71 -40.12
C LYS D 454 29.65 7.65 -40.25
N ASP D 455 30.15 7.19 -39.10
CA ASP D 455 31.37 6.37 -39.05
C ASP D 455 31.12 4.87 -39.09
N LEU D 456 29.87 4.49 -38.83
CA LEU D 456 29.46 3.09 -38.74
C LEU D 456 29.90 2.23 -39.94
N LEU D 457 29.70 2.75 -41.15
CA LEU D 457 30.00 2.01 -42.37
C LEU D 457 31.49 1.71 -42.52
N ASN D 458 32.32 2.74 -42.48
CA ASN D 458 33.77 2.57 -42.54
C ASN D 458 34.32 1.72 -41.40
N CYS D 459 33.69 1.85 -40.23
CA CYS D 459 34.18 1.22 -39.02
C CYS D 459 34.00 -0.31 -39.03
N VAL D 460 32.78 -0.75 -39.29
CA VAL D 460 32.48 -2.18 -39.36
C VAL D 460 33.32 -2.90 -40.43
N ARG D 461 33.47 -2.26 -41.60
CA ARG D 461 34.24 -2.85 -42.69
C ARG D 461 35.68 -3.10 -42.28
N LYS D 462 36.30 -2.08 -41.69
CA LYS D 462 37.67 -2.19 -41.17
C LYS D 462 37.74 -3.31 -40.13
N LEU D 463 36.81 -3.29 -39.18
CA LEU D 463 36.80 -4.24 -38.08
C LEU D 463 36.71 -5.67 -38.59
N HIS D 464 35.79 -5.90 -39.54
CA HIS D 464 35.59 -7.21 -40.15
C HIS D 464 36.79 -7.61 -40.98
N GLU D 465 37.38 -6.62 -41.67
CA GLU D 465 38.57 -6.84 -42.49
C GLU D 465 39.75 -7.34 -41.66
N LYS D 466 39.79 -6.94 -40.39
CA LYS D 466 40.97 -7.20 -39.55
C LYS D 466 40.87 -8.39 -38.59
N PHE D 467 39.66 -8.69 -38.12
CA PHE D 467 39.49 -9.70 -37.05
C PHE D 467 38.72 -10.97 -37.44
N ILE D 468 38.03 -10.93 -38.58
CA ILE D 468 37.31 -12.10 -39.09
C ILE D 468 38.02 -12.72 -40.29
N GLU D 469 38.24 -11.91 -41.33
CA GLU D 469 38.82 -12.40 -42.59
C GLU D 469 40.34 -12.22 -42.62
#